data_9IGQ
#
_entry.id   9IGQ
#
_cell.length_a   77.888
_cell.length_b   110.734
_cell.length_c   152.585
_cell.angle_alpha   90
_cell.angle_beta   90
_cell.angle_gamma   90
#
_symmetry.space_group_name_H-M   'P 21 21 21'
#
loop_
_entity.id
_entity.type
_entity.pdbx_description
1 polymer 'Polyphosphate--nucleotide phosphotransferase'
2 non-polymer 'PHOSPHOMETHYLPHOSPHONIC ACID ADENYLATE ESTER'
3 non-polymer 'bis[oxidanyl-[oxidanyl-[oxidanyl-[oxidanyl(phosphonooxy)phosphoryl]oxy-phosphoryl]oxy-phosphoryl]oxy-phosphoryl] hydrogen phosphate'
4 non-polymer GLYCEROL
5 non-polymer 'BENZOIC ACID'
6 non-polymer 'MAGNESIUM ION'
7 non-polymer (4S)-2-METHYL-2,4-PENTANEDIOL
8 non-polymer 'bis[oxidanyl-[oxidanyl(phosphonooxy)phosphoryl]oxy-phosphoryl] hydrogen phosphate'
9 water water
#
_entity_poly.entity_id   1
_entity_poly.type   'polypeptide(L)'
_entity_poly.pdbx_seq_one_letter_code
;MANIYKIDKLNNFNLNNHKTDDYSLCKDKDTALELTQKNIQKIYDYQQKLYAEKKEGLIIAFQAMDAAGKDGTIREVLKA
LAPQGVHEKPFKSPSSTELAHDYLWRVHNAVPEKGEITIFNRSHYEDVLIGKVKELYKFQNKADRIDENTVVDNRYEDIR
NFEKYLYNNSVRIIKIFLNVSKKEQAERFLSRIEEPEKNWKFSDSDFEERVYWDKYQQAFEDAINATSTKDCPWYVVPAD
RKWYMRYVVSEIVVKTLEEMNPKYPTVTKETLERFEGYRTKLLEEYNYDLDTIRPIEKLEHHHHHH
;
_entity_poly.pdbx_strand_id   A,B,C,D
#
loop_
_chem_comp.id
_chem_comp.type
_chem_comp.name
_chem_comp.formula
6YY non-polymer 'bis[oxidanyl-[oxidanyl-[oxidanyl-[oxidanyl(phosphonooxy)phosphoryl]oxy-phosphoryl]oxy-phosphoryl]oxy-phosphoryl] hydrogen phosphate' 'H13 O34 P11'
A1I4D non-polymer 'bis[oxidanyl-[oxidanyl(phosphonooxy)phosphoryl]oxy-phosphoryl] hydrogen phosphate' 'H9 O22 P7'
ACP non-polymer 'PHOSPHOMETHYLPHOSPHONIC ACID ADENYLATE ESTER' 'C11 H18 N5 O12 P3'
BEZ non-polymer 'BENZOIC ACID' 'C7 H6 O2'
GOL non-polymer GLYCEROL 'C3 H8 O3'
MG non-polymer 'MAGNESIUM ION' 'Mg 2'
MPD non-polymer (4S)-2-METHYL-2,4-PENTANEDIOL 'C6 H14 O2'
#
# COMPACT_ATOMS: atom_id res chain seq x y z
N ASN A 3 -3.13 11.70 -39.56
CA ASN A 3 -2.82 10.71 -38.50
C ASN A 3 -3.90 9.62 -38.50
N ILE A 4 -3.62 8.56 -39.27
CA ILE A 4 -4.57 7.49 -39.54
C ILE A 4 -4.95 6.73 -38.25
N TYR A 5 -4.00 6.54 -37.32
CA TYR A 5 -4.27 5.75 -36.12
C TYR A 5 -4.40 6.58 -34.85
N LYS A 6 -3.94 7.85 -34.87
CA LYS A 6 -3.98 8.67 -33.66
C LYS A 6 -5.25 9.52 -33.66
N ILE A 7 -5.99 9.47 -32.54
CA ILE A 7 -7.20 10.25 -32.35
C ILE A 7 -6.89 11.26 -31.25
N ASP A 8 -7.00 12.55 -31.53
CA ASP A 8 -6.51 13.55 -30.60
C ASP A 8 -7.51 14.69 -30.39
N LYS A 9 -8.77 14.46 -30.66
CA LYS A 9 -9.84 15.44 -30.45
C LYS A 9 -11.10 14.67 -30.07
N LEU A 10 -12.00 15.35 -29.35
CA LEU A 10 -13.23 14.76 -28.91
C LEU A 10 -14.17 14.58 -30.06
N ASN A 11 -15.02 13.56 -29.97
CA ASN A 11 -16.12 13.38 -30.91
C ASN A 11 -15.63 13.36 -32.37
N ASN A 12 -14.52 12.67 -32.60
CA ASN A 12 -13.89 12.64 -33.92
C ASN A 12 -13.51 11.20 -34.28
N PHE A 13 -14.33 10.22 -33.91
CA PHE A 13 -13.89 8.85 -34.11
C PHE A 13 -15.02 8.02 -34.64
N ASN A 14 -14.76 7.31 -35.73
CA ASN A 14 -15.71 6.39 -36.31
C ASN A 14 -15.00 5.04 -36.42
N LEU A 15 -15.40 4.09 -35.58
CA LEU A 15 -14.68 2.82 -35.50
C LEU A 15 -14.75 2.05 -36.83
N ASN A 16 -15.85 2.20 -37.56
CA ASN A 16 -16.00 1.50 -38.83
C ASN A 16 -15.01 2.00 -39.92
N ASN A 17 -14.45 3.20 -39.78
CA ASN A 17 -13.36 3.66 -40.65
C ASN A 17 -11.98 3.12 -40.27
N HIS A 18 -11.81 2.33 -39.18
CA HIS A 18 -10.51 1.84 -38.71
C HIS A 18 -10.49 0.32 -38.87
N LYS A 19 -9.89 -0.15 -39.95
CA LYS A 19 -9.96 -1.57 -40.26
C LYS A 19 -9.00 -2.35 -39.35
N THR A 20 -9.39 -3.58 -38.99
CA THR A 20 -8.59 -4.38 -38.06
C THR A 20 -7.35 -4.96 -38.73
N ASP A 21 -7.30 -4.95 -40.07
CA ASP A 21 -6.24 -5.54 -40.87
C ASP A 21 -5.56 -4.51 -41.81
N ASP A 22 -5.67 -3.20 -41.53
CA ASP A 22 -4.81 -2.21 -42.15
C ASP A 22 -3.33 -2.55 -41.86
N TYR A 23 -2.47 -2.38 -42.85
CA TYR A 23 -1.03 -2.55 -42.69
C TYR A 23 -0.26 -1.51 -43.51
N SER A 24 -0.82 -0.30 -43.64
CA SER A 24 -0.36 0.65 -44.63
C SER A 24 0.95 1.34 -44.23
N LEU A 25 1.38 1.35 -42.97
CA LEU A 25 2.62 2.00 -42.59
C LEU A 25 3.85 1.14 -42.96
N CYS A 26 3.69 -0.16 -43.21
CA CYS A 26 4.84 -1.01 -43.50
C CYS A 26 4.31 -2.33 -44.02
N LYS A 27 4.31 -2.50 -45.34
CA LYS A 27 3.60 -3.60 -45.98
C LYS A 27 4.43 -4.89 -45.95
N ASP A 28 5.74 -4.79 -45.73
CA ASP A 28 6.62 -5.93 -45.85
C ASP A 28 6.92 -6.43 -44.44
N LYS A 29 6.54 -7.70 -44.18
CA LYS A 29 6.69 -8.25 -42.85
C LYS A 29 8.13 -8.19 -42.37
N ASP A 30 9.08 -8.70 -43.19
CA ASP A 30 10.45 -8.79 -42.72
C ASP A 30 11.08 -7.41 -42.48
N THR A 31 10.67 -6.40 -43.25
CA THR A 31 11.13 -5.03 -43.00
C THR A 31 10.61 -4.59 -41.65
N ALA A 32 9.31 -4.82 -41.39
CA ALA A 32 8.70 -4.42 -40.14
C ALA A 32 9.36 -5.10 -38.94
N LEU A 33 9.64 -6.41 -39.04
CA LEU A 33 10.34 -7.13 -37.96
C LEU A 33 11.69 -6.51 -37.64
N GLU A 34 12.45 -6.15 -38.69
CA GLU A 34 13.75 -5.52 -38.49
C GLU A 34 13.66 -4.13 -37.85
N LEU A 35 12.74 -3.31 -38.37
CA LEU A 35 12.54 -1.97 -37.82
C LEU A 35 12.04 -2.03 -36.39
N THR A 36 11.25 -3.07 -36.02
CA THR A 36 10.77 -3.18 -34.64
C THR A 36 11.96 -3.42 -33.71
N GLN A 37 12.91 -4.27 -34.14
CA GLN A 37 14.13 -4.51 -33.35
C GLN A 37 14.93 -3.22 -33.13
N LYS A 38 15.04 -2.41 -34.17
CA LYS A 38 15.73 -1.14 -34.07
C LYS A 38 14.98 -0.20 -33.10
N ASN A 39 13.65 -0.13 -33.21
CA ASN A 39 12.86 0.67 -32.29
C ASN A 39 13.03 0.27 -30.83
N ILE A 40 13.04 -1.03 -30.58
CA ILE A 40 13.18 -1.57 -29.23
C ILE A 40 14.50 -1.10 -28.59
N GLN A 41 15.59 -1.09 -29.37
CA GLN A 41 16.86 -0.57 -28.88
C GLN A 41 16.76 0.93 -28.52
N LYS A 42 16.05 1.68 -29.32
CA LYS A 42 15.87 3.12 -29.09
C LYS A 42 15.03 3.39 -27.83
N ILE A 43 14.02 2.51 -27.59
CA ILE A 43 13.18 2.61 -26.40
C ILE A 43 14.05 2.39 -25.17
N TYR A 44 14.90 1.36 -25.21
CA TYR A 44 15.82 1.12 -24.10
C TYR A 44 16.68 2.37 -23.86
N ASP A 45 17.32 2.92 -24.89
CA ASP A 45 18.18 4.09 -24.73
C ASP A 45 17.41 5.26 -24.06
N TYR A 46 16.18 5.53 -24.53
CA TYR A 46 15.37 6.60 -23.97
C TYR A 46 15.04 6.32 -22.51
N GLN A 47 14.71 5.04 -22.20
CA GLN A 47 14.39 4.68 -20.85
C GLN A 47 15.53 4.97 -19.90
N GLN A 48 16.77 4.73 -20.32
CA GLN A 48 17.92 4.98 -19.45
C GLN A 48 18.01 6.48 -19.09
N LYS A 49 17.82 7.35 -20.06
CA LYS A 49 17.82 8.79 -19.84
C LYS A 49 16.65 9.22 -18.97
N LEU A 50 15.44 8.68 -19.24
CA LEU A 50 14.24 9.00 -18.46
C LEU A 50 14.48 8.70 -16.99
N TYR A 51 15.01 7.49 -16.70
CA TYR A 51 15.30 7.07 -15.36
C TYR A 51 16.34 7.92 -14.67
N ALA A 52 17.37 8.34 -15.40
CA ALA A 52 18.40 9.15 -14.80
C ALA A 52 17.83 10.53 -14.42
N GLU A 53 16.93 11.08 -15.26
CA GLU A 53 16.52 12.44 -15.13
C GLU A 53 15.45 12.63 -14.01
N LYS A 54 14.59 11.64 -13.79
CA LYS A 54 13.59 11.69 -12.74
C LYS A 54 12.72 12.96 -12.84
N LYS A 55 12.28 13.27 -14.06
CA LYS A 55 11.43 14.41 -14.32
C LYS A 55 10.01 14.05 -14.73
N GLU A 56 9.82 12.93 -15.42
CA GLU A 56 8.57 12.63 -16.09
C GLU A 56 8.32 11.15 -16.10
N GLY A 57 7.07 10.76 -15.79
CA GLY A 57 6.68 9.38 -15.77
C GLY A 57 5.83 9.09 -16.99
N LEU A 58 5.76 7.79 -17.32
CA LEU A 58 5.04 7.36 -18.51
C LEU A 58 4.19 6.13 -18.21
N ILE A 59 2.88 6.22 -18.51
CA ILE A 59 1.97 5.10 -18.49
C ILE A 59 1.78 4.64 -19.93
N ILE A 60 1.95 3.35 -20.15
CA ILE A 60 1.70 2.74 -21.45
C ILE A 60 0.52 1.79 -21.21
N ALA A 61 -0.67 2.19 -21.70
CA ALA A 61 -1.90 1.48 -21.37
C ALA A 61 -2.49 0.77 -22.59
N PHE A 62 -2.78 -0.52 -22.46
CA PHE A 62 -3.37 -1.31 -23.54
C PHE A 62 -4.78 -1.67 -23.13
N GLN A 63 -5.73 -1.40 -24.03
CA GLN A 63 -7.12 -1.74 -23.79
C GLN A 63 -7.64 -2.41 -25.03
N ALA A 64 -8.17 -3.64 -24.90
CA ALA A 64 -8.56 -4.43 -26.04
C ALA A 64 -9.35 -5.64 -25.54
N MET A 65 -10.03 -6.26 -26.49
CA MET A 65 -10.71 -7.52 -26.24
C MET A 65 -9.67 -8.62 -25.94
N ASP A 66 -10.13 -9.76 -25.43
CA ASP A 66 -9.28 -10.93 -25.21
C ASP A 66 -8.70 -11.43 -26.54
N ALA A 67 -7.42 -11.81 -26.48
CA ALA A 67 -6.64 -12.31 -27.60
C ALA A 67 -6.46 -11.29 -28.72
N ALA A 68 -6.61 -10.00 -28.41
CA ALA A 68 -6.28 -8.92 -29.36
C ALA A 68 -4.78 -8.76 -29.51
N GLY A 69 -4.04 -9.11 -28.43
CA GLY A 69 -2.58 -9.15 -28.45
C GLY A 69 -1.91 -8.28 -27.40
N LYS A 70 -2.58 -7.93 -26.29
CA LYS A 70 -2.02 -7.09 -25.24
C LYS A 70 -0.78 -7.76 -24.64
N ASP A 71 -0.93 -8.97 -24.09
CA ASP A 71 0.23 -9.57 -23.39
C ASP A 71 1.38 -9.86 -24.36
N GLY A 72 1.07 -10.40 -25.54
CA GLY A 72 2.13 -10.74 -26.50
C GLY A 72 2.86 -9.49 -27.00
N THR A 73 2.15 -8.36 -27.15
CA THR A 73 2.76 -7.11 -27.61
C THR A 73 3.59 -6.51 -26.48
N ILE A 74 3.05 -6.47 -25.27
CA ILE A 74 3.82 -6.07 -24.11
C ILE A 74 5.11 -6.87 -24.00
N ARG A 75 5.02 -8.18 -24.09
CA ARG A 75 6.18 -9.04 -23.99
C ARG A 75 7.21 -8.74 -25.11
N GLU A 76 6.77 -8.77 -26.36
CA GLU A 76 7.75 -8.77 -27.42
C GLU A 76 8.37 -7.39 -27.59
N VAL A 77 7.58 -6.32 -27.42
CA VAL A 77 8.06 -4.96 -27.62
C VAL A 77 8.76 -4.45 -26.34
N LEU A 78 8.09 -4.58 -25.21
CA LEU A 78 8.53 -3.88 -24.02
C LEU A 78 9.46 -4.73 -23.18
N LYS A 79 9.80 -5.96 -23.58
CA LYS A 79 10.90 -6.62 -22.94
C LYS A 79 12.25 -5.90 -23.18
N ALA A 80 12.28 -4.96 -24.14
CA ALA A 80 13.37 -4.01 -24.35
C ALA A 80 13.83 -3.29 -23.08
N LEU A 81 12.89 -3.04 -22.15
CA LEU A 81 13.14 -2.21 -21.00
C LEU A 81 14.05 -2.95 -20.05
N ALA A 82 14.97 -2.19 -19.43
CA ALA A 82 15.66 -2.66 -18.24
C ALA A 82 14.67 -2.80 -17.07
N PRO A 83 14.94 -3.62 -16.03
CA PRO A 83 13.98 -3.76 -14.94
C PRO A 83 13.79 -2.50 -14.11
N GLN A 84 14.84 -1.69 -13.97
CA GLN A 84 14.78 -0.52 -13.11
C GLN A 84 13.68 0.45 -13.58
N GLY A 85 12.80 0.77 -12.65
CA GLY A 85 11.80 1.79 -12.85
C GLY A 85 10.57 1.27 -13.61
N VAL A 86 10.38 -0.03 -13.77
CA VAL A 86 9.29 -0.54 -14.57
C VAL A 86 8.35 -1.36 -13.69
N HIS A 87 7.03 -1.16 -13.87
CA HIS A 87 6.05 -2.00 -13.24
C HIS A 87 5.05 -2.39 -14.35
N GLU A 88 4.50 -3.58 -14.27
CA GLU A 88 3.40 -3.94 -15.15
C GLU A 88 2.20 -4.25 -14.25
N LYS A 89 1.06 -3.63 -14.55
CA LYS A 89 -0.11 -3.70 -13.69
C LYS A 89 -1.27 -4.20 -14.54
N PRO A 90 -1.65 -5.48 -14.38
CA PRO A 90 -2.89 -5.96 -14.99
C PRO A 90 -4.11 -5.54 -14.15
N PHE A 91 -5.14 -4.98 -14.77
CA PHE A 91 -6.36 -4.64 -14.03
C PHE A 91 -7.32 -5.79 -14.24
N LYS A 92 -7.56 -6.55 -13.19
CA LYS A 92 -8.48 -7.69 -13.21
C LYS A 92 -9.82 -7.27 -12.60
N SER A 93 -10.74 -8.23 -12.54
N SER A 93 -10.74 -8.25 -12.52
CA SER A 93 -12.02 -8.04 -11.86
CA SER A 93 -12.02 -8.04 -11.86
C SER A 93 -11.76 -7.43 -10.48
C SER A 93 -11.76 -7.43 -10.48
N PRO A 94 -12.34 -6.27 -10.12
CA PRO A 94 -12.02 -5.65 -8.83
C PRO A 94 -12.32 -6.53 -7.63
N SER A 95 -11.43 -6.50 -6.62
CA SER A 95 -11.64 -7.14 -5.34
C SER A 95 -12.72 -6.41 -4.52
N SER A 96 -13.18 -7.01 -3.46
CA SER A 96 -14.09 -6.37 -2.49
C SER A 96 -13.54 -5.01 -2.04
N THR A 97 -12.27 -4.96 -1.65
CA THR A 97 -11.62 -3.71 -1.23
C THR A 97 -11.63 -2.70 -2.35
N GLU A 98 -11.28 -3.09 -3.58
CA GLU A 98 -11.27 -2.14 -4.66
C GLU A 98 -12.67 -1.60 -4.94
N LEU A 99 -13.71 -2.41 -4.86
CA LEU A 99 -15.06 -1.97 -5.14
C LEU A 99 -15.58 -1.07 -4.00
N ALA A 100 -15.08 -1.29 -2.77
CA ALA A 100 -15.45 -0.50 -1.61
C ALA A 100 -14.87 0.93 -1.74
N HIS A 101 -13.75 1.07 -2.39
CA HIS A 101 -13.17 2.34 -2.79
C HIS A 101 -13.81 2.83 -4.07
N ASP A 102 -13.44 4.07 -4.47
CA ASP A 102 -13.84 4.67 -5.71
C ASP A 102 -13.03 4.06 -6.87
N TYR A 103 -13.58 4.01 -8.08
CA TYR A 103 -12.97 3.19 -9.16
C TYR A 103 -11.57 3.65 -9.55
N LEU A 104 -11.24 4.96 -9.48
CA LEU A 104 -9.88 5.43 -9.78
C LEU A 104 -8.88 5.19 -8.65
N TRP A 105 -9.30 4.82 -7.45
CA TRP A 105 -8.37 4.55 -6.35
C TRP A 105 -7.27 3.55 -6.76
N ARG A 106 -7.67 2.39 -7.29
CA ARG A 106 -6.70 1.35 -7.62
C ARG A 106 -5.84 1.77 -8.80
N VAL A 107 -6.38 2.61 -9.70
CA VAL A 107 -5.64 3.06 -10.87
C VAL A 107 -4.61 4.13 -10.49
N HIS A 108 -5.04 5.12 -9.69
CA HIS A 108 -4.15 6.18 -9.30
C HIS A 108 -2.99 5.60 -8.46
N ASN A 109 -3.24 4.57 -7.65
CA ASN A 109 -2.23 3.96 -6.78
CA ASN A 109 -2.21 4.00 -6.79
C ASN A 109 -1.05 3.48 -7.66
N ALA A 110 -1.35 3.01 -8.87
CA ALA A 110 -0.35 2.40 -9.77
C ALA A 110 0.31 3.38 -10.70
N VAL A 111 0.02 4.68 -10.63
CA VAL A 111 0.69 5.63 -11.54
C VAL A 111 2.21 5.65 -11.25
N PRO A 112 3.06 5.76 -12.29
CA PRO A 112 4.49 5.77 -12.08
C PRO A 112 5.02 7.02 -11.43
N GLU A 113 6.16 6.86 -10.75
CA GLU A 113 6.97 7.97 -10.33
C GLU A 113 7.61 8.65 -11.54
N LYS A 114 8.01 9.91 -11.36
CA LYS A 114 8.86 10.57 -12.35
C LYS A 114 10.12 9.75 -12.58
N GLY A 115 10.46 9.54 -13.87
CA GLY A 115 11.60 8.70 -14.21
C GLY A 115 11.23 7.29 -14.52
N GLU A 116 9.95 6.89 -14.32
CA GLU A 116 9.56 5.48 -14.31
C GLU A 116 8.42 5.28 -15.30
N ILE A 117 8.24 4.01 -15.66
CA ILE A 117 7.30 3.56 -16.68
C ILE A 117 6.41 2.49 -16.07
N THR A 118 5.07 2.67 -16.20
CA THR A 118 4.12 1.67 -15.74
C THR A 118 3.32 1.24 -16.96
N ILE A 119 3.29 -0.08 -17.17
CA ILE A 119 2.47 -0.64 -18.22
C ILE A 119 1.14 -1.04 -17.62
N PHE A 120 0.02 -0.56 -18.18
CA PHE A 120 -1.29 -1.01 -17.73
C PHE A 120 -1.85 -2.00 -18.75
N ASN A 121 -2.13 -3.21 -18.31
CA ASN A 121 -2.78 -4.20 -19.13
C ASN A 121 -4.23 -4.17 -18.69
N ARG A 122 -5.06 -3.50 -19.49
CA ARG A 122 -6.35 -2.97 -19.10
C ARG A 122 -6.08 -1.76 -18.21
N SER A 123 -7.13 -1.04 -17.81
CA SER A 123 -6.96 0.29 -17.23
C SER A 123 -8.27 0.72 -16.57
N HIS A 124 -8.28 1.99 -16.15
CA HIS A 124 -9.49 2.68 -15.70
C HIS A 124 -10.59 2.62 -16.77
N TYR A 125 -10.25 2.44 -18.06
CA TYR A 125 -11.28 2.37 -19.09
C TYR A 125 -12.19 1.15 -18.94
N GLU A 126 -11.81 0.12 -18.20
CA GLU A 126 -12.71 -1.01 -17.93
C GLU A 126 -14.03 -0.50 -17.34
N ASP A 127 -13.93 0.58 -16.52
CA ASP A 127 -15.12 1.17 -15.88
C ASP A 127 -16.07 1.83 -16.87
N VAL A 128 -15.66 2.07 -18.15
CA VAL A 128 -16.58 2.55 -19.16
C VAL A 128 -16.66 1.58 -20.36
N LEU A 129 -16.15 0.35 -20.17
CA LEU A 129 -16.23 -0.71 -21.18
C LEU A 129 -17.13 -1.80 -20.61
N ILE A 130 -16.57 -2.84 -19.94
CA ILE A 130 -17.41 -3.81 -19.26
C ILE A 130 -18.36 -3.11 -18.28
N GLY A 131 -17.87 -2.05 -17.61
CA GLY A 131 -18.73 -1.28 -16.70
C GLY A 131 -19.99 -0.71 -17.36
N LYS A 132 -19.85 -0.22 -18.61
CA LYS A 132 -20.97 0.32 -19.38
C LYS A 132 -21.80 -0.81 -19.99
N VAL A 133 -21.12 -1.79 -20.62
CA VAL A 133 -21.80 -2.88 -21.33
C VAL A 133 -22.73 -3.64 -20.40
N LYS A 134 -22.24 -4.00 -19.21
CA LYS A 134 -22.97 -4.80 -18.25
C LYS A 134 -23.61 -3.94 -17.14
N GLU A 135 -23.52 -2.60 -17.25
CA GLU A 135 -24.18 -1.71 -16.31
C GLU A 135 -23.85 -2.08 -14.85
N LEU A 136 -22.56 -2.33 -14.61
CA LEU A 136 -22.14 -2.92 -13.33
C LEU A 136 -22.48 -2.00 -12.15
N TYR A 137 -22.54 -0.68 -12.41
CA TYR A 137 -22.91 0.34 -11.41
C TYR A 137 -24.29 0.10 -10.79
N LYS A 138 -25.21 -0.54 -11.53
CA LYS A 138 -26.54 -0.87 -11.00
C LYS A 138 -26.50 -1.94 -9.92
N PHE A 139 -25.41 -2.72 -9.78
CA PHE A 139 -25.33 -3.81 -8.81
C PHE A 139 -24.33 -3.47 -7.71
N GLN A 140 -23.76 -2.26 -7.71
CA GLN A 140 -22.66 -1.92 -6.82
C GLN A 140 -23.20 -1.00 -5.74
N ASN A 141 -22.59 -1.02 -4.55
CA ASN A 141 -22.99 -0.12 -3.47
C ASN A 141 -22.63 1.33 -3.85
N LYS A 142 -23.59 2.22 -3.66
CA LYS A 142 -23.34 3.64 -3.87
C LYS A 142 -24.40 4.45 -3.14
N ALA A 143 -24.15 5.76 -3.03
CA ALA A 143 -25.06 6.61 -2.28
C ALA A 143 -26.39 6.72 -3.05
N ASP A 144 -27.48 6.84 -2.32
CA ASP A 144 -28.82 7.01 -2.93
C ASP A 144 -28.88 8.25 -3.85
N ARG A 145 -28.10 9.30 -3.56
CA ARG A 145 -28.10 10.55 -4.34
C ARG A 145 -27.41 10.38 -5.70
N ILE A 146 -26.70 9.26 -5.95
CA ILE A 146 -26.02 9.06 -7.22
C ILE A 146 -27.09 8.75 -8.28
N ASP A 147 -27.14 9.56 -9.35
CA ASP A 147 -28.07 9.29 -10.44
C ASP A 147 -27.49 8.18 -11.32
N GLU A 148 -28.16 7.00 -11.39
CA GLU A 148 -27.64 5.92 -12.24
C GLU A 148 -27.51 6.33 -13.72
N ASN A 149 -28.40 7.21 -14.18
CA ASN A 149 -28.47 7.62 -15.55
C ASN A 149 -27.34 8.54 -15.96
N THR A 150 -26.53 9.10 -15.03
CA THR A 150 -25.42 9.96 -15.40
C THR A 150 -24.08 9.37 -14.97
N VAL A 151 -24.06 8.11 -14.49
CA VAL A 151 -22.85 7.52 -13.96
C VAL A 151 -21.79 7.48 -15.07
N VAL A 152 -22.17 7.02 -16.26
CA VAL A 152 -21.16 6.81 -17.33
C VAL A 152 -20.66 8.15 -17.86
N ASP A 153 -21.57 9.09 -18.11
CA ASP A 153 -21.13 10.41 -18.55
C ASP A 153 -20.20 11.10 -17.55
N ASN A 154 -20.53 10.98 -16.26
CA ASN A 154 -19.62 11.51 -15.24
C ASN A 154 -18.28 10.80 -15.28
N ARG A 155 -18.23 9.49 -15.59
CA ARG A 155 -16.97 8.79 -15.69
C ARG A 155 -16.13 9.35 -16.86
N TYR A 156 -16.73 9.65 -18.01
CA TYR A 156 -15.92 10.23 -19.08
C TYR A 156 -15.35 11.58 -18.64
N GLU A 157 -16.15 12.44 -17.97
CA GLU A 157 -15.64 13.73 -17.54
C GLU A 157 -14.52 13.56 -16.51
N ASP A 158 -14.74 12.68 -15.54
CA ASP A 158 -13.76 12.44 -14.49
C ASP A 158 -12.47 11.82 -15.05
N ILE A 159 -12.59 10.92 -16.01
CA ILE A 159 -11.43 10.34 -16.66
C ILE A 159 -10.64 11.42 -17.41
N ARG A 160 -11.32 12.26 -18.19
CA ARG A 160 -10.65 13.38 -18.86
C ARG A 160 -9.88 14.20 -17.81
N ASN A 161 -10.56 14.51 -16.69
CA ASN A 161 -9.96 15.38 -15.70
C ASN A 161 -8.75 14.70 -15.04
N PHE A 162 -8.84 13.39 -14.76
CA PHE A 162 -7.76 12.68 -14.12
C PHE A 162 -6.51 12.63 -15.05
N GLU A 163 -6.75 12.37 -16.34
CA GLU A 163 -5.64 12.27 -17.29
C GLU A 163 -5.01 13.67 -17.52
N LYS A 164 -5.79 14.73 -17.45
CA LYS A 164 -5.24 16.06 -17.61
C LYS A 164 -4.40 16.41 -16.37
N TYR A 165 -4.95 16.09 -15.19
CA TYR A 165 -4.25 16.26 -13.93
C TYR A 165 -2.90 15.55 -13.99
N LEU A 166 -2.85 14.31 -14.47
CA LEU A 166 -1.59 13.58 -14.58
C LEU A 166 -0.60 14.32 -15.49
N TYR A 167 -1.09 14.78 -16.66
CA TYR A 167 -0.27 15.50 -17.63
C TYR A 167 0.32 16.77 -16.98
N ASN A 168 -0.47 17.50 -16.19
CA ASN A 168 -0.06 18.70 -15.50
C ASN A 168 0.96 18.42 -14.38
N ASN A 169 1.11 17.14 -13.99
CA ASN A 169 2.00 16.71 -12.94
C ASN A 169 3.03 15.71 -13.45
N SER A 170 3.44 15.87 -14.72
CA SER A 170 4.61 15.21 -15.26
C SER A 170 4.40 13.73 -15.45
N VAL A 171 3.15 13.29 -15.74
CA VAL A 171 2.91 11.90 -16.09
C VAL A 171 2.13 11.87 -17.40
N ARG A 172 2.73 11.29 -18.45
CA ARG A 172 2.05 11.11 -19.74
C ARG A 172 1.40 9.73 -19.77
N ILE A 173 0.35 9.61 -20.57
CA ILE A 173 -0.31 8.36 -20.81
C ILE A 173 -0.38 8.12 -22.32
N ILE A 174 0.10 6.94 -22.73
CA ILE A 174 -0.13 6.42 -24.07
C ILE A 174 -1.32 5.47 -23.95
N LYS A 175 -2.39 5.73 -24.71
CA LYS A 175 -3.56 4.88 -24.68
C LYS A 175 -3.66 4.13 -26.01
N ILE A 176 -3.51 2.82 -25.97
CA ILE A 176 -3.51 1.99 -27.16
C ILE A 176 -4.72 1.06 -27.17
N PHE A 177 -5.56 1.18 -28.22
CA PHE A 177 -6.61 0.23 -28.46
C PHE A 177 -6.10 -0.73 -29.55
N LEU A 178 -5.96 -2.01 -29.19
CA LEU A 178 -5.60 -3.02 -30.17
C LEU A 178 -6.90 -3.54 -30.76
N ASN A 179 -7.15 -3.14 -32.01
CA ASN A 179 -8.43 -3.36 -32.67
C ASN A 179 -8.36 -4.66 -33.46
N VAL A 180 -8.85 -5.76 -32.86
CA VAL A 180 -8.88 -7.05 -33.48
C VAL A 180 -10.30 -7.34 -34.01
N SER A 181 -10.36 -8.15 -35.03
CA SER A 181 -11.61 -8.62 -35.57
C SER A 181 -12.12 -9.81 -34.74
N LYS A 182 -13.44 -10.03 -34.85
CA LYS A 182 -14.08 -11.13 -34.15
C LYS A 182 -13.52 -12.47 -34.64
N LYS A 183 -13.32 -12.59 -35.93
CA LYS A 183 -12.80 -13.82 -36.52
C LYS A 183 -11.36 -14.10 -36.09
N GLU A 184 -10.50 -13.07 -36.07
CA GLU A 184 -9.11 -13.31 -35.68
C GLU A 184 -9.06 -13.69 -34.19
N GLN A 185 -9.93 -13.08 -33.37
CA GLN A 185 -10.07 -13.52 -31.99
C GLN A 185 -10.37 -15.02 -31.94
N ALA A 186 -11.27 -15.50 -32.80
CA ALA A 186 -11.64 -16.90 -32.85
C ALA A 186 -10.43 -17.79 -33.22
N GLU A 187 -9.64 -17.33 -34.19
CA GLU A 187 -8.42 -18.05 -34.57
C GLU A 187 -7.46 -18.18 -33.36
N ARG A 188 -7.34 -17.11 -32.59
CA ARG A 188 -6.37 -17.05 -31.47
C ARG A 188 -6.88 -17.90 -30.30
N PHE A 189 -8.22 -17.90 -30.11
CA PHE A 189 -8.84 -18.77 -29.13
C PHE A 189 -8.63 -20.24 -29.48
N LEU A 190 -8.80 -20.61 -30.76
CA LEU A 190 -8.53 -21.97 -31.20
C LEU A 190 -7.08 -22.37 -30.88
N SER A 191 -6.14 -21.47 -31.11
CA SER A 191 -4.73 -21.74 -30.80
C SER A 191 -4.55 -21.96 -29.28
N ARG A 192 -5.23 -21.19 -28.44
CA ARG A 192 -5.11 -21.34 -26.99
C ARG A 192 -5.62 -22.73 -26.57
N ILE A 193 -6.66 -23.24 -27.26
CA ILE A 193 -7.23 -24.54 -26.96
C ILE A 193 -6.30 -25.64 -27.47
N GLU A 194 -5.79 -25.49 -28.69
CA GLU A 194 -5.09 -26.58 -29.37
C GLU A 194 -3.63 -26.73 -28.95
N GLU A 195 -2.96 -25.66 -28.48
CA GLU A 195 -1.56 -25.69 -28.09
C GLU A 195 -1.46 -25.91 -26.58
N PRO A 196 -1.00 -27.10 -26.07
CA PRO A 196 -0.94 -27.37 -24.62
C PRO A 196 -0.33 -26.27 -23.75
N GLU A 197 0.73 -25.60 -24.25
CA GLU A 197 1.41 -24.54 -23.51
C GLU A 197 0.60 -23.25 -23.37
N LYS A 198 -0.52 -23.16 -24.09
CA LYS A 198 -1.38 -21.99 -24.10
C LYS A 198 -2.70 -22.26 -23.38
N ASN A 199 -2.97 -23.51 -22.98
CA ASN A 199 -4.26 -23.89 -22.42
C ASN A 199 -4.60 -23.07 -21.18
N TRP A 200 -3.57 -22.76 -20.36
CA TRP A 200 -3.75 -21.98 -19.15
C TRP A 200 -4.31 -20.59 -19.43
N LYS A 201 -4.21 -20.09 -20.66
CA LYS A 201 -4.62 -18.74 -20.97
C LYS A 201 -6.08 -18.64 -21.44
N PHE A 202 -6.75 -19.76 -21.61
CA PHE A 202 -8.11 -19.74 -22.09
C PHE A 202 -9.05 -19.85 -20.90
N SER A 203 -10.17 -19.13 -20.92
CA SER A 203 -11.18 -19.23 -19.85
C SER A 203 -12.59 -19.19 -20.45
N ASP A 204 -13.55 -19.68 -19.64
CA ASP A 204 -14.96 -19.60 -19.98
C ASP A 204 -15.37 -18.15 -20.26
N SER A 205 -14.88 -17.18 -19.46
CA SER A 205 -15.26 -15.79 -19.63
C SER A 205 -14.75 -15.22 -20.96
N ASP A 206 -13.62 -15.75 -21.48
CA ASP A 206 -13.12 -15.37 -22.78
C ASP A 206 -14.15 -15.68 -23.85
N PHE A 207 -14.71 -16.89 -23.83
CA PHE A 207 -15.71 -17.31 -24.80
C PHE A 207 -16.99 -16.49 -24.63
N GLU A 208 -17.39 -16.22 -23.37
CA GLU A 208 -18.68 -15.67 -23.04
C GLU A 208 -18.78 -14.19 -23.44
N GLU A 209 -17.67 -13.45 -23.41
CA GLU A 209 -17.66 -12.07 -23.87
C GLU A 209 -18.05 -11.94 -25.35
N ARG A 210 -17.90 -12.98 -26.17
CA ARG A 210 -18.19 -12.87 -27.59
C ARG A 210 -19.65 -12.58 -27.86
N VAL A 211 -20.56 -13.01 -26.97
CA VAL A 211 -21.98 -12.69 -27.09
C VAL A 211 -22.17 -11.17 -27.03
N TYR A 212 -21.31 -10.40 -26.33
CA TYR A 212 -21.45 -8.96 -26.22
C TYR A 212 -20.54 -8.21 -27.18
N TRP A 213 -20.02 -8.88 -28.23
CA TRP A 213 -19.04 -8.29 -29.13
C TRP A 213 -19.47 -6.90 -29.57
N ASP A 214 -20.68 -6.78 -30.14
CA ASP A 214 -21.09 -5.50 -30.72
C ASP A 214 -21.20 -4.38 -29.67
N LYS A 215 -21.68 -4.74 -28.47
CA LYS A 215 -21.83 -3.76 -27.41
C LYS A 215 -20.47 -3.24 -26.96
N TYR A 216 -19.48 -4.17 -26.86
CA TYR A 216 -18.13 -3.75 -26.57
C TYR A 216 -17.55 -2.82 -27.63
N GLN A 217 -17.75 -3.12 -28.91
CA GLN A 217 -17.29 -2.25 -29.97
C GLN A 217 -17.85 -0.84 -29.79
N GLN A 218 -19.19 -0.74 -29.57
CA GLN A 218 -19.82 0.54 -29.33
C GLN A 218 -19.21 1.24 -28.09
N ALA A 219 -18.94 0.52 -27.00
CA ALA A 219 -18.36 1.12 -25.82
C ALA A 219 -16.95 1.66 -26.07
N PHE A 220 -16.17 0.94 -26.89
CA PHE A 220 -14.86 1.43 -27.28
C PHE A 220 -15.00 2.73 -28.07
N GLU A 221 -15.89 2.72 -29.07
CA GLU A 221 -16.13 3.92 -29.85
C GLU A 221 -16.51 5.11 -28.96
N ASP A 222 -17.45 4.88 -28.03
CA ASP A 222 -17.90 5.92 -27.12
C ASP A 222 -16.74 6.43 -26.28
N ALA A 223 -15.94 5.53 -25.72
CA ALA A 223 -14.83 5.96 -24.85
C ALA A 223 -13.81 6.79 -25.64
N ILE A 224 -13.47 6.39 -26.87
CA ILE A 224 -12.47 7.10 -27.66
C ILE A 224 -13.00 8.45 -28.10
N ASN A 225 -14.31 8.54 -28.45
CA ASN A 225 -14.93 9.82 -28.67
C ASN A 225 -14.88 10.75 -27.47
N ALA A 226 -15.00 10.18 -26.27
CA ALA A 226 -15.20 11.00 -25.08
C ALA A 226 -13.86 11.39 -24.44
N THR A 227 -12.73 10.74 -24.77
CA THR A 227 -11.52 10.93 -23.98
C THR A 227 -10.23 11.20 -24.78
N SER A 228 -10.33 11.37 -26.10
CA SER A 228 -9.16 11.64 -26.93
C SER A 228 -8.86 13.14 -26.88
N THR A 229 -7.65 13.51 -26.45
CA THR A 229 -7.22 14.91 -26.48
C THR A 229 -5.80 14.97 -27.07
N LYS A 230 -5.33 16.17 -27.32
CA LYS A 230 -3.98 16.41 -27.81
C LYS A 230 -2.95 15.87 -26.80
N ASP A 231 -3.16 16.13 -25.51
CA ASP A 231 -2.25 15.69 -24.46
C ASP A 231 -2.36 14.19 -24.16
N CYS A 232 -3.56 13.63 -24.35
CA CYS A 232 -3.89 12.28 -23.99
C CYS A 232 -4.64 11.66 -25.15
N PRO A 233 -3.96 11.42 -26.28
CA PRO A 233 -4.61 10.83 -27.43
C PRO A 233 -4.88 9.34 -27.26
N TRP A 234 -5.75 8.83 -28.11
CA TRP A 234 -5.89 7.39 -28.30
C TRP A 234 -5.19 6.97 -29.58
N TYR A 235 -4.61 5.75 -29.55
CA TYR A 235 -4.03 5.14 -30.76
C TYR A 235 -4.86 3.92 -31.09
N VAL A 236 -5.44 3.86 -32.28
CA VAL A 236 -6.20 2.73 -32.73
C VAL A 236 -5.37 1.87 -33.66
N VAL A 237 -4.87 0.74 -33.12
CA VAL A 237 -3.84 -0.04 -33.80
C VAL A 237 -4.50 -1.26 -34.39
N PRO A 238 -4.41 -1.50 -35.72
CA PRO A 238 -4.91 -2.74 -36.28
C PRO A 238 -4.22 -3.95 -35.65
N ALA A 239 -5.02 -4.92 -35.18
CA ALA A 239 -4.48 -6.01 -34.37
C ALA A 239 -4.59 -7.37 -35.04
N ASP A 240 -5.02 -7.48 -36.29
CA ASP A 240 -5.16 -8.80 -36.91
C ASP A 240 -3.83 -9.47 -37.29
N ARG A 241 -2.73 -8.72 -37.42
CA ARG A 241 -1.40 -9.25 -37.68
C ARG A 241 -0.48 -8.87 -36.53
N LYS A 242 0.06 -9.87 -35.84
CA LYS A 242 0.91 -9.58 -34.70
C LYS A 242 2.15 -8.78 -35.12
N TRP A 243 2.83 -9.22 -36.19
CA TRP A 243 4.06 -8.54 -36.61
C TRP A 243 3.81 -7.02 -36.82
N TYR A 244 2.67 -6.67 -37.42
CA TYR A 244 2.39 -5.26 -37.73
C TYR A 244 2.00 -4.50 -36.49
N MET A 245 1.18 -5.12 -35.65
CA MET A 245 0.77 -4.51 -34.39
C MET A 245 2.01 -4.18 -33.51
N ARG A 246 2.96 -5.11 -33.49
CA ARG A 246 4.15 -4.91 -32.66
C ARG A 246 5.01 -3.77 -33.25
N TYR A 247 5.10 -3.71 -34.58
CA TYR A 247 5.76 -2.59 -35.25
C TYR A 247 5.11 -1.26 -34.84
N VAL A 248 3.79 -1.17 -34.99
CA VAL A 248 3.13 0.09 -34.74
C VAL A 248 3.27 0.53 -33.28
N VAL A 249 3.10 -0.40 -32.33
CA VAL A 249 3.25 -0.09 -30.93
C VAL A 249 4.69 0.39 -30.65
N SER A 250 5.68 -0.27 -31.23
CA SER A 250 7.06 0.15 -31.01
C SER A 250 7.26 1.59 -31.52
N GLU A 251 6.62 1.92 -32.62
CA GLU A 251 6.68 3.28 -33.21
C GLU A 251 6.04 4.35 -32.31
N ILE A 252 4.86 4.05 -31.75
CA ILE A 252 4.17 4.95 -30.84
C ILE A 252 5.02 5.21 -29.60
N VAL A 253 5.62 4.17 -29.04
CA VAL A 253 6.41 4.30 -27.81
C VAL A 253 7.70 5.06 -28.07
N VAL A 254 8.39 4.75 -29.20
CA VAL A 254 9.58 5.52 -29.53
C VAL A 254 9.25 7.00 -29.69
N LYS A 255 8.20 7.31 -30.45
CA LYS A 255 7.90 8.69 -30.80
C LYS A 255 7.39 9.47 -29.59
N THR A 256 6.71 8.81 -28.62
CA THR A 256 6.30 9.46 -27.38
C THR A 256 7.53 9.77 -26.52
N LEU A 257 8.47 8.82 -26.42
CA LEU A 257 9.71 9.06 -25.66
C LEU A 257 10.52 10.18 -26.32
N GLU A 258 10.57 10.22 -27.63
CA GLU A 258 11.26 11.28 -28.36
C GLU A 258 10.68 12.64 -28.00
N GLU A 259 9.32 12.75 -27.94
CA GLU A 259 8.66 14.00 -27.53
C GLU A 259 9.03 14.37 -26.10
N MET A 260 9.15 13.39 -25.20
CA MET A 260 9.52 13.64 -23.79
C MET A 260 10.94 14.16 -23.72
N ASN A 261 11.79 13.73 -24.69
CA ASN A 261 13.14 14.25 -24.83
C ASN A 261 13.95 14.13 -23.53
N PRO A 262 14.02 12.95 -22.91
CA PRO A 262 14.83 12.79 -21.71
C PRO A 262 16.31 12.97 -21.97
N LYS A 263 17.02 13.42 -20.92
CA LYS A 263 18.45 13.69 -20.99
C LYS A 263 19.07 13.28 -19.66
N TYR A 264 20.31 12.80 -19.69
CA TYR A 264 21.05 12.63 -18.46
C TYR A 264 21.19 14.00 -17.79
N PRO A 265 20.97 14.10 -16.46
CA PRO A 265 21.02 15.41 -15.80
C PRO A 265 22.42 16.00 -15.75
N THR A 266 22.50 17.33 -15.76
CA THR A 266 23.76 18.03 -15.56
C THR A 266 23.78 18.44 -14.10
N VAL A 267 24.89 18.19 -13.44
CA VAL A 267 25.05 18.58 -12.05
C VAL A 267 25.25 20.10 -11.94
N THR A 268 24.96 20.64 -10.76
CA THR A 268 25.17 22.07 -10.50
C THR A 268 26.67 22.34 -10.40
N LYS A 269 27.06 23.61 -10.58
CA LYS A 269 28.44 24.06 -10.40
C LYS A 269 29.02 23.69 -9.02
N GLU A 270 28.21 23.81 -7.95
CA GLU A 270 28.63 23.49 -6.58
C GLU A 270 28.99 21.99 -6.48
N THR A 271 28.08 21.14 -6.97
CA THR A 271 28.25 19.70 -6.93
C THR A 271 29.49 19.32 -7.76
N LEU A 272 29.69 19.97 -8.92
CA LEU A 272 30.81 19.67 -9.77
C LEU A 272 32.11 19.98 -9.06
N GLU A 273 32.17 21.11 -8.33
CA GLU A 273 33.37 21.45 -7.60
C GLU A 273 33.68 20.42 -6.51
N ARG A 274 32.68 20.00 -5.76
CA ARG A 274 32.86 18.94 -4.75
C ARG A 274 33.37 17.64 -5.38
N PHE A 275 32.75 17.23 -6.50
CA PHE A 275 33.14 16.01 -7.22
C PHE A 275 34.56 16.09 -7.75
N GLU A 276 35.01 17.25 -8.24
CA GLU A 276 36.38 17.44 -8.61
C GLU A 276 37.33 17.28 -7.41
N GLY A 277 36.89 17.71 -6.21
CA GLY A 277 37.69 17.52 -5.01
C GLY A 277 37.84 16.03 -4.65
N TYR A 278 36.73 15.28 -4.77
CA TYR A 278 36.73 13.84 -4.51
C TYR A 278 37.63 13.11 -5.50
N ARG A 279 37.61 13.52 -6.77
CA ARG A 279 38.51 12.95 -7.77
C ARG A 279 39.98 13.04 -7.39
N THR A 280 40.40 14.25 -6.97
CA THR A 280 41.74 14.48 -6.53
C THR A 280 42.12 13.56 -5.34
N LYS A 281 41.23 13.49 -4.35
CA LYS A 281 41.46 12.67 -3.16
C LYS A 281 41.64 11.20 -3.55
N LEU A 282 40.80 10.71 -4.47
CA LEU A 282 40.88 9.34 -4.96
C LEU A 282 42.21 9.12 -5.66
N LEU A 283 42.58 10.03 -6.55
CA LEU A 283 43.86 9.90 -7.25
C LEU A 283 45.02 9.92 -6.26
N GLU A 284 45.01 10.81 -5.27
CA GLU A 284 46.12 10.89 -4.30
C GLU A 284 46.23 9.61 -3.45
N GLU A 285 45.09 9.02 -3.11
CA GLU A 285 45.03 7.80 -2.32
C GLU A 285 45.71 6.65 -3.04
N TYR A 286 45.60 6.57 -4.38
CA TYR A 286 46.22 5.50 -5.16
C TYR A 286 47.49 5.96 -5.89
N ASN A 287 48.12 7.06 -5.48
CA ASN A 287 49.37 7.56 -6.09
C ASN A 287 49.22 7.72 -7.62
N TYR A 288 48.03 8.20 -8.06
CA TYR A 288 47.67 8.42 -9.45
C TYR A 288 47.60 7.14 -10.26
N ASP A 289 47.53 5.94 -9.65
CA ASP A 289 47.45 4.70 -10.40
C ASP A 289 45.98 4.28 -10.54
N LEU A 290 45.11 5.20 -11.03
CA LEU A 290 43.74 4.92 -11.43
C LEU A 290 43.61 5.31 -12.90
N ASP A 291 42.71 4.61 -13.59
CA ASP A 291 42.43 4.91 -15.00
C ASP A 291 41.65 6.23 -15.05
N THR A 292 42.27 7.33 -15.44
CA THR A 292 41.58 8.62 -15.59
C THR A 292 41.53 8.90 -17.11
N ILE A 293 40.46 9.55 -17.56
CA ILE A 293 40.39 10.09 -18.91
C ILE A 293 41.04 11.47 -19.03
N ARG A 294 41.70 11.98 -17.98
CA ARG A 294 42.65 13.09 -18.13
C ARG A 294 44.05 12.67 -17.74
N PRO A 295 44.76 11.77 -18.47
CA PRO A 295 46.09 11.28 -18.03
C PRO A 295 47.19 12.37 -18.00
N ILE A 296 47.94 12.42 -16.89
CA ILE A 296 48.41 13.67 -16.33
C ILE A 296 49.92 13.77 -16.63
N ALA B 2 -24.12 29.12 2.53
CA ALA B 2 -25.42 29.27 3.23
C ALA B 2 -25.28 30.07 4.54
N ASN B 3 -24.24 29.77 5.33
CA ASN B 3 -24.04 30.28 6.68
C ASN B 3 -23.06 31.47 6.70
N ILE B 4 -22.94 32.05 7.90
CA ILE B 4 -21.84 32.90 8.34
C ILE B 4 -20.47 32.18 8.19
N TYR B 5 -20.38 30.87 8.41
CA TYR B 5 -19.10 30.16 8.38
C TYR B 5 -18.93 29.27 7.16
N LYS B 6 -20.00 28.96 6.42
CA LYS B 6 -19.97 28.05 5.30
C LYS B 6 -19.81 28.86 4.01
N ILE B 7 -18.78 28.51 3.23
CA ILE B 7 -18.48 29.14 1.96
C ILE B 7 -18.74 28.09 0.89
N ASP B 8 -19.69 28.35 -0.02
CA ASP B 8 -20.14 27.30 -0.93
C ASP B 8 -20.22 27.78 -2.39
N LYS B 9 -19.49 28.84 -2.74
CA LYS B 9 -19.38 29.32 -4.11
C LYS B 9 -17.98 29.86 -4.30
N LEU B 10 -17.54 29.92 -5.56
CA LEU B 10 -16.23 30.39 -5.90
C LEU B 10 -16.16 31.88 -5.69
N ASN B 11 -14.95 32.36 -5.39
CA ASN B 11 -14.66 33.80 -5.43
C ASN B 11 -15.64 34.57 -4.52
N ASN B 12 -15.94 34.03 -3.35
CA ASN B 12 -16.92 34.60 -2.44
C ASN B 12 -16.37 34.74 -1.02
N PHE B 13 -15.05 34.86 -0.85
CA PHE B 13 -14.53 34.75 0.48
C PHE B 13 -13.59 35.90 0.79
N ASN B 14 -13.82 36.53 1.93
CA ASN B 14 -12.98 37.64 2.38
C ASN B 14 -12.54 37.30 3.80
N LEU B 15 -11.28 36.93 3.98
CA LEU B 15 -10.81 36.36 5.22
C LEU B 15 -10.90 37.38 6.35
N ASN B 16 -10.71 38.66 6.03
CA ASN B 16 -10.79 39.72 7.03
C ASN B 16 -12.20 39.87 7.59
N ASN B 17 -13.25 39.43 6.89
CA ASN B 17 -14.61 39.43 7.42
C ASN B 17 -14.90 38.25 8.36
N HIS B 18 -13.97 37.30 8.54
CA HIS B 18 -14.18 36.13 9.38
C HIS B 18 -13.28 36.27 10.61
N LYS B 19 -13.81 36.79 11.70
CA LYS B 19 -13.00 37.04 12.88
C LYS B 19 -12.62 35.73 13.57
N THR B 20 -11.41 35.70 14.16
CA THR B 20 -10.90 34.49 14.82
C THR B 20 -11.61 34.20 16.14
N ASP B 21 -12.31 35.20 16.69
CA ASP B 21 -12.96 35.13 18.00
C ASP B 21 -14.47 35.40 17.92
N ASP B 22 -15.08 35.18 16.72
CA ASP B 22 -16.54 35.17 16.65
C ASP B 22 -17.06 34.01 17.52
N TYR B 23 -18.17 34.24 18.21
CA TYR B 23 -18.82 33.19 18.95
C TYR B 23 -20.34 33.32 18.88
N SER B 24 -20.84 33.73 17.71
CA SER B 24 -22.22 34.21 17.59
C SER B 24 -23.23 33.06 17.62
N LEU B 25 -22.87 31.79 17.34
CA LEU B 25 -23.87 30.73 17.36
C LEU B 25 -24.21 30.31 18.79
N CYS B 26 -23.35 30.58 19.79
CA CYS B 26 -23.61 30.10 21.13
C CYS B 26 -22.66 30.83 22.07
N LYS B 27 -23.15 31.89 22.71
CA LYS B 27 -22.31 32.74 23.53
C LYS B 27 -22.01 32.16 24.91
N ASP B 28 -22.75 31.15 25.36
CA ASP B 28 -22.62 30.64 26.70
C ASP B 28 -21.77 29.36 26.67
N LYS B 29 -20.61 29.40 27.32
CA LYS B 29 -19.69 28.28 27.30
C LYS B 29 -20.34 26.99 27.81
N ASP B 30 -21.02 27.03 28.96
CA ASP B 30 -21.54 25.78 29.52
C ASP B 30 -22.67 25.21 28.65
N THR B 31 -23.49 26.06 28.03
CA THR B 31 -24.49 25.59 27.06
C THR B 31 -23.78 24.87 25.91
N ALA B 32 -22.75 25.52 25.36
CA ALA B 32 -22.04 24.93 24.22
C ALA B 32 -21.39 23.59 24.59
N LEU B 33 -20.73 23.51 25.76
CA LEU B 33 -20.13 22.24 26.19
C LEU B 33 -21.16 21.11 26.23
N GLU B 34 -22.35 21.41 26.78
CA GLU B 34 -23.38 20.39 26.89
C GLU B 34 -23.94 19.98 25.52
N LEU B 35 -24.24 20.96 24.68
CA LEU B 35 -24.68 20.67 23.31
C LEU B 35 -23.65 19.87 22.52
N THR B 36 -22.32 20.10 22.75
CA THR B 36 -21.29 19.37 22.05
C THR B 36 -21.37 17.90 22.43
N GLN B 37 -21.58 17.62 23.71
CA GLN B 37 -21.70 16.23 24.15
C GLN B 37 -22.91 15.55 23.51
N LYS B 38 -24.02 16.28 23.39
CA LYS B 38 -25.18 15.70 22.71
C LYS B 38 -24.88 15.47 21.23
N ASN B 39 -24.18 16.40 20.58
CA ASN B 39 -23.77 16.22 19.21
C ASN B 39 -22.93 14.98 18.99
N ILE B 40 -21.91 14.80 19.85
CA ILE B 40 -21.01 13.68 19.80
C ILE B 40 -21.76 12.34 19.84
N GLN B 41 -22.81 12.23 20.66
CA GLN B 41 -23.61 11.01 20.72
C GLN B 41 -24.33 10.80 19.39
N LYS B 42 -24.82 11.86 18.80
CA LYS B 42 -25.51 11.76 17.50
C LYS B 42 -24.57 11.37 16.36
N ILE B 43 -23.31 11.87 16.42
CA ILE B 43 -22.28 11.52 15.45
C ILE B 43 -22.03 9.99 15.53
N TYR B 44 -21.88 9.48 16.74
CA TYR B 44 -21.69 8.03 16.95
C TYR B 44 -22.86 7.26 16.34
N ASP B 45 -24.11 7.64 16.64
CA ASP B 45 -25.28 6.93 16.11
C ASP B 45 -25.30 6.94 14.58
N TYR B 46 -24.97 8.10 13.97
CA TYR B 46 -24.94 8.19 12.52
C TYR B 46 -23.84 7.28 11.98
N GLN B 47 -22.68 7.26 12.62
CA GLN B 47 -21.58 6.46 12.20
C GLN B 47 -21.95 4.98 12.16
N GLN B 48 -22.70 4.49 13.12
CA GLN B 48 -23.09 3.09 13.13
C GLN B 48 -23.94 2.72 11.91
N LYS B 49 -24.86 3.59 11.50
CA LYS B 49 -25.70 3.37 10.34
C LYS B 49 -24.83 3.44 9.09
N LEU B 50 -23.94 4.48 9.03
CA LEU B 50 -23.09 4.64 7.84
C LEU B 50 -22.28 3.35 7.57
N TYR B 51 -21.65 2.82 8.61
CA TYR B 51 -20.85 1.62 8.58
C TYR B 51 -21.67 0.39 8.19
N ALA B 52 -22.90 0.29 8.66
CA ALA B 52 -23.72 -0.83 8.28
C ALA B 52 -24.09 -0.79 6.80
N GLU B 53 -24.33 0.42 6.27
CA GLU B 53 -24.93 0.56 4.96
C GLU B 53 -23.90 0.38 3.84
N LYS B 54 -22.65 0.81 4.06
CA LYS B 54 -21.55 0.67 3.09
C LYS B 54 -21.92 1.30 1.75
N LYS B 55 -22.48 2.52 1.79
CA LYS B 55 -22.86 3.26 0.58
C LYS B 55 -22.03 4.50 0.33
N GLU B 56 -21.51 5.14 1.37
CA GLU B 56 -20.93 6.50 1.21
C GLU B 56 -19.82 6.65 2.25
N GLY B 57 -18.70 7.22 1.81
CA GLY B 57 -17.56 7.51 2.64
C GLY B 57 -17.50 8.99 2.95
N LEU B 58 -16.75 9.31 4.02
CA LEU B 58 -16.69 10.68 4.49
C LEU B 58 -15.25 11.02 4.90
N ILE B 59 -14.73 12.11 4.28
CA ILE B 59 -13.47 12.69 4.70
C ILE B 59 -13.79 13.89 5.58
N ILE B 60 -13.13 13.95 6.74
CA ILE B 60 -13.25 15.10 7.63
C ILE B 60 -11.85 15.70 7.66
N ALA B 61 -11.67 16.85 6.96
CA ALA B 61 -10.34 17.40 6.74
C ALA B 61 -10.19 18.71 7.52
N PHE B 62 -9.11 18.83 8.31
CA PHE B 62 -8.77 20.04 9.04
C PHE B 62 -7.51 20.63 8.43
N GLN B 63 -7.58 21.93 8.10
CA GLN B 63 -6.45 22.66 7.58
C GLN B 63 -6.32 23.92 8.39
N ALA B 64 -5.14 24.17 8.99
CA ALA B 64 -4.97 25.31 9.85
C ALA B 64 -3.50 25.46 10.17
N MET B 65 -3.15 26.61 10.70
CA MET B 65 -1.82 26.86 11.26
C MET B 65 -1.55 25.95 12.46
N ASP B 66 -0.28 25.86 12.87
CA ASP B 66 0.11 25.19 14.11
C ASP B 66 -0.60 25.80 15.32
N ALA B 67 -1.02 24.93 16.23
CA ALA B 67 -1.70 25.26 17.48
C ALA B 67 -3.04 25.96 17.27
N ALA B 68 -3.65 25.83 16.07
CA ALA B 68 -4.99 26.36 15.83
C ALA B 68 -6.05 25.51 16.50
N GLY B 69 -5.75 24.22 16.73
CA GLY B 69 -6.65 23.32 17.42
C GLY B 69 -7.04 22.06 16.65
N LYS B 70 -6.27 21.63 15.65
CA LYS B 70 -6.62 20.49 14.85
C LYS B 70 -6.64 19.20 15.65
N ASP B 71 -5.52 18.90 16.30
CA ASP B 71 -5.46 17.65 17.05
C ASP B 71 -6.40 17.62 18.25
N GLY B 72 -6.47 18.75 18.98
CA GLY B 72 -7.36 18.88 20.12
C GLY B 72 -8.83 18.71 19.76
N THR B 73 -9.22 19.25 18.62
CA THR B 73 -10.61 19.18 18.14
C THR B 73 -10.92 17.78 17.64
N ILE B 74 -10.00 17.20 16.89
CA ILE B 74 -10.12 15.82 16.46
C ILE B 74 -10.31 14.91 17.68
N ARG B 75 -9.48 15.07 18.69
CA ARG B 75 -9.53 14.24 19.87
C ARG B 75 -10.85 14.44 20.62
N GLU B 76 -11.22 15.69 20.89
CA GLU B 76 -12.31 15.87 21.84
C GLU B 76 -13.63 15.61 21.16
N VAL B 77 -13.77 15.95 19.88
CA VAL B 77 -15.05 15.81 19.19
C VAL B 77 -15.13 14.38 18.60
N LEU B 78 -14.09 13.97 17.89
CA LEU B 78 -14.20 12.71 17.10
C LEU B 78 -13.76 11.47 17.87
N LYS B 79 -13.35 11.60 19.15
CA LYS B 79 -13.26 10.41 19.95
C LYS B 79 -14.63 9.72 20.15
N ALA B 80 -15.74 10.41 19.79
CA ALA B 80 -17.09 9.85 19.77
C ALA B 80 -17.22 8.61 18.91
N LEU B 81 -16.38 8.51 17.87
CA LEU B 81 -16.52 7.46 16.89
C LEU B 81 -16.06 6.16 17.53
N ALA B 82 -16.70 5.07 17.12
CA ALA B 82 -16.19 3.74 17.37
C ALA B 82 -14.97 3.50 16.51
N PRO B 83 -14.09 2.54 16.83
CA PRO B 83 -12.92 2.29 16.00
C PRO B 83 -13.22 1.74 14.60
N GLN B 84 -14.30 1.00 14.46
CA GLN B 84 -14.58 0.34 13.19
C GLN B 84 -14.78 1.37 12.08
N GLY B 85 -14.02 1.21 10.99
CA GLY B 85 -14.18 2.02 9.83
C GLY B 85 -13.57 3.42 9.92
N VAL B 86 -12.66 3.66 10.84
CA VAL B 86 -12.09 4.99 11.03
C VAL B 86 -10.59 4.93 10.80
N HIS B 87 -10.06 5.92 10.07
CA HIS B 87 -8.61 6.11 9.94
C HIS B 87 -8.36 7.58 10.20
N GLU B 88 -7.25 7.91 10.83
CA GLU B 88 -6.83 9.30 10.92
C GLU B 88 -5.44 9.40 10.24
N LYS B 89 -5.32 10.33 9.30
CA LYS B 89 -4.18 10.47 8.42
C LYS B 89 -3.64 11.87 8.56
N PRO B 90 -2.54 12.03 9.28
CA PRO B 90 -1.79 13.30 9.25
C PRO B 90 -0.93 13.39 7.98
N PHE B 91 -1.00 14.49 7.27
CA PHE B 91 -0.16 14.73 6.12
C PHE B 91 1.02 15.53 6.63
N LYS B 92 2.19 14.92 6.59
CA LYS B 92 3.44 15.56 7.00
C LYS B 92 4.25 15.95 5.77
N SER B 93 5.44 16.50 6.00
CA SER B 93 6.35 16.85 4.93
CA SER B 93 6.35 16.85 4.93
C SER B 93 6.49 15.63 4.01
N PRO B 94 6.27 15.74 2.68
CA PRO B 94 6.31 14.56 1.84
C PRO B 94 7.64 13.83 1.86
N SER B 95 7.60 12.49 1.86
CA SER B 95 8.76 11.65 1.75
C SER B 95 9.33 11.75 0.31
N SER B 96 10.52 11.21 0.13
CA SER B 96 11.12 11.04 -1.20
C SER B 96 10.12 10.38 -2.18
N THR B 97 9.59 9.21 -1.80
CA THR B 97 8.65 8.47 -2.62
C THR B 97 7.43 9.33 -2.94
N GLU B 98 6.88 10.02 -1.93
CA GLU B 98 5.71 10.84 -2.18
C GLU B 98 6.00 11.96 -3.19
N LEU B 99 7.17 12.59 -3.12
CA LEU B 99 7.57 13.67 -4.01
C LEU B 99 7.82 13.15 -5.43
N ALA B 100 8.27 11.91 -5.54
CA ALA B 100 8.54 11.30 -6.82
C ALA B 100 7.23 10.99 -7.56
N HIS B 101 6.18 10.75 -6.82
CA HIS B 101 4.82 10.65 -7.34
C HIS B 101 4.19 12.05 -7.51
N ASP B 102 3.00 12.10 -8.12
CA ASP B 102 2.18 13.29 -8.20
C ASP B 102 1.56 13.64 -6.84
N TYR B 103 1.25 14.92 -6.57
CA TYR B 103 0.93 15.36 -5.20
C TYR B 103 -0.38 14.76 -4.68
N LEU B 104 -1.39 14.46 -5.54
CA LEU B 104 -2.61 13.82 -5.07
C LEU B 104 -2.46 12.32 -4.85
N TRP B 105 -1.38 11.66 -5.32
CA TRP B 105 -1.21 10.24 -5.14
C TRP B 105 -1.38 9.83 -3.65
N ARG B 106 -0.63 10.51 -2.74
CA ARG B 106 -0.69 10.13 -1.32
C ARG B 106 -2.04 10.42 -0.70
N VAL B 107 -2.77 11.40 -1.24
CA VAL B 107 -4.01 11.85 -0.71
C VAL B 107 -5.12 10.90 -1.16
N HIS B 108 -5.15 10.60 -2.45
CA HIS B 108 -6.14 9.68 -2.99
C HIS B 108 -6.00 8.28 -2.35
N ASN B 109 -4.79 7.85 -2.05
CA ASN B 109 -4.56 6.54 -1.44
CA ASN B 109 -4.52 6.55 -1.42
C ASN B 109 -5.26 6.46 -0.06
N ALA B 110 -5.39 7.59 0.63
CA ALA B 110 -5.99 7.63 1.97
C ALA B 110 -7.50 7.83 1.96
N VAL B 111 -8.16 7.95 0.80
CA VAL B 111 -9.60 8.19 0.76
C VAL B 111 -10.37 6.98 1.37
N PRO B 112 -11.42 7.23 2.17
CA PRO B 112 -12.15 6.13 2.79
C PRO B 112 -12.93 5.28 1.81
N GLU B 113 -13.14 4.02 2.21
CA GLU B 113 -14.15 3.17 1.61
C GLU B 113 -15.55 3.67 1.92
N LYS B 114 -16.50 3.23 1.09
CA LYS B 114 -17.90 3.44 1.41
C LYS B 114 -18.21 2.83 2.78
N GLY B 115 -18.92 3.58 3.64
CA GLY B 115 -19.22 3.16 4.98
C GLY B 115 -18.21 3.62 6.02
N GLU B 116 -17.12 4.29 5.56
CA GLU B 116 -15.98 4.56 6.41
C GLU B 116 -15.72 6.06 6.44
N ILE B 117 -14.95 6.45 7.48
CA ILE B 117 -14.62 7.83 7.81
C ILE B 117 -13.11 7.96 7.90
N THR B 118 -12.53 8.91 7.15
CA THR B 118 -11.13 9.20 7.25
C THR B 118 -10.97 10.65 7.68
N ILE B 119 -10.22 10.87 8.76
CA ILE B 119 -9.94 12.21 9.21
C ILE B 119 -8.59 12.61 8.62
N PHE B 120 -8.52 13.77 7.93
CA PHE B 120 -7.25 14.28 7.44
C PHE B 120 -6.81 15.43 8.35
N ASN B 121 -5.65 15.28 8.95
CA ASN B 121 -5.02 16.35 9.70
C ASN B 121 -3.99 16.94 8.75
N ARG B 122 -4.33 18.10 8.17
CA ARG B 122 -3.79 18.63 6.93
C ARG B 122 -4.29 17.75 5.78
N SER B 123 -3.96 18.12 4.54
CA SER B 123 -4.61 17.57 3.36
C SER B 123 -3.79 17.92 2.12
N HIS B 124 -4.41 17.59 0.96
CA HIS B 124 -3.91 18.02 -0.35
C HIS B 124 -3.81 19.54 -0.43
N TYR B 125 -4.54 20.31 0.42
CA TYR B 125 -4.41 21.76 0.35
C TYR B 125 -3.01 22.28 0.72
N GLU B 126 -2.17 21.48 1.40
CA GLU B 126 -0.82 21.90 1.74
C GLU B 126 -0.06 22.27 0.45
N ASP B 127 -0.41 21.59 -0.67
CA ASP B 127 0.20 21.83 -1.98
C ASP B 127 -0.20 23.20 -2.57
N VAL B 128 -1.22 23.93 -1.99
CA VAL B 128 -1.48 25.30 -2.39
C VAL B 128 -1.42 26.26 -1.20
N LEU B 129 -0.82 25.78 -0.09
CA LEU B 129 -0.56 26.62 1.10
C LEU B 129 0.96 26.78 1.21
N ILE B 130 1.66 25.91 1.97
CA ILE B 130 3.12 25.94 2.01
C ILE B 130 3.69 25.81 0.60
N GLY B 131 3.05 24.99 -0.25
CA GLY B 131 3.46 24.84 -1.65
C GLY B 131 3.47 26.18 -2.42
N LYS B 132 2.46 27.01 -2.18
CA LYS B 132 2.38 28.33 -2.80
C LYS B 132 3.27 29.34 -2.10
N VAL B 133 3.23 29.40 -0.77
CA VAL B 133 3.95 30.40 0.02
C VAL B 133 5.45 30.29 -0.24
N LYS B 134 5.98 29.06 -0.26
CA LYS B 134 7.40 28.81 -0.45
C LYS B 134 7.75 28.44 -1.89
N GLU B 135 6.77 28.46 -2.81
CA GLU B 135 7.00 28.19 -4.22
C GLU B 135 7.79 26.87 -4.40
N LEU B 136 7.34 25.83 -3.66
CA LEU B 136 8.13 24.61 -3.56
C LEU B 136 8.29 23.92 -4.93
N TYR B 137 7.30 24.12 -5.82
CA TYR B 137 7.34 23.59 -7.20
C TYR B 137 8.57 24.07 -8.01
N LYS B 138 9.12 25.24 -7.68
CA LYS B 138 10.32 25.74 -8.33
C LYS B 138 11.57 24.94 -7.96
N PHE B 139 11.57 24.15 -6.88
CA PHE B 139 12.74 23.40 -6.43
C PHE B 139 12.51 21.90 -6.54
N GLN B 140 11.40 21.48 -7.16
CA GLN B 140 11.01 20.08 -7.21
C GLN B 140 11.25 19.55 -8.62
N ASN B 141 11.51 18.25 -8.75
CA ASN B 141 11.71 17.66 -10.07
C ASN B 141 10.35 17.66 -10.80
N LYS B 142 10.37 18.05 -12.08
CA LYS B 142 9.18 18.03 -12.91
C LYS B 142 9.62 18.20 -14.36
N ALA B 143 8.70 17.90 -15.28
CA ALA B 143 9.07 17.93 -16.70
C ALA B 143 9.36 19.38 -17.15
N ASP B 144 10.30 19.52 -18.08
CA ASP B 144 10.67 20.81 -18.65
C ASP B 144 9.46 21.57 -19.23
N ARG B 145 8.45 20.84 -19.75
CA ARG B 145 7.27 21.46 -20.36
C ARG B 145 6.32 22.03 -19.31
N ILE B 146 6.49 21.78 -17.99
CA ILE B 146 5.56 22.29 -16.99
C ILE B 146 5.80 23.80 -16.85
N ASP B 147 4.73 24.58 -17.08
CA ASP B 147 4.80 26.03 -16.97
C ASP B 147 4.75 26.42 -15.50
N GLU B 148 5.84 26.97 -14.95
CA GLU B 148 5.86 27.35 -13.53
C GLU B 148 4.78 28.40 -13.20
N ASN B 149 4.44 29.27 -14.16
CA ASN B 149 3.50 30.36 -13.92
C ASN B 149 2.05 29.86 -13.79
N THR B 150 1.72 28.62 -14.18
CA THR B 150 0.36 28.11 -14.06
C THR B 150 0.28 26.93 -13.12
N VAL B 151 1.36 26.60 -12.37
CA VAL B 151 1.33 25.43 -11.50
C VAL B 151 0.21 25.60 -10.48
N VAL B 152 0.13 26.78 -9.84
CA VAL B 152 -0.83 26.93 -8.75
C VAL B 152 -2.26 26.96 -9.29
N ASP B 153 -2.52 27.71 -10.34
CA ASP B 153 -3.86 27.72 -10.93
C ASP B 153 -4.31 26.34 -11.41
N ASN B 154 -3.40 25.57 -12.01
CA ASN B 154 -3.76 24.20 -12.38
C ASN B 154 -4.02 23.36 -11.13
N ARG B 155 -3.32 23.61 -9.98
CA ARG B 155 -3.65 22.87 -8.78
C ARG B 155 -5.07 23.19 -8.30
N TYR B 156 -5.50 24.47 -8.33
CA TYR B 156 -6.87 24.74 -7.89
C TYR B 156 -7.87 24.03 -8.78
N GLU B 157 -7.64 24.03 -10.11
CA GLU B 157 -8.54 23.33 -11.03
C GLU B 157 -8.55 21.83 -10.78
N ASP B 158 -7.37 21.25 -10.61
CA ASP B 158 -7.27 19.81 -10.41
C ASP B 158 -7.86 19.39 -9.06
N ILE B 159 -7.72 20.22 -8.01
CA ILE B 159 -8.32 19.96 -6.74
C ILE B 159 -9.85 20.03 -6.85
N ARG B 160 -10.39 21.03 -7.49
CA ARG B 160 -11.84 21.10 -7.73
C ARG B 160 -12.30 19.81 -8.42
N ASN B 161 -11.54 19.38 -9.45
CA ASN B 161 -11.99 18.23 -10.23
C ASN B 161 -11.89 16.96 -9.42
N PHE B 162 -10.83 16.83 -8.58
CA PHE B 162 -10.67 15.65 -7.76
C PHE B 162 -11.80 15.53 -6.74
N GLU B 163 -12.14 16.66 -6.10
CA GLU B 163 -13.16 16.66 -5.07
C GLU B 163 -14.55 16.36 -5.68
N LYS B 164 -14.81 16.88 -6.85
CA LYS B 164 -16.06 16.60 -7.54
C LYS B 164 -16.13 15.13 -7.96
N TYR B 165 -15.03 14.59 -8.50
CA TYR B 165 -14.90 13.16 -8.79
C TYR B 165 -15.28 12.34 -7.56
N LEU B 166 -14.71 12.68 -6.41
CA LEU B 166 -15.00 11.96 -5.16
C LEU B 166 -16.49 12.00 -4.84
N TYR B 167 -17.10 13.20 -4.94
CA TYR B 167 -18.53 13.40 -4.67
C TYR B 167 -19.36 12.51 -5.59
N ASN B 168 -18.97 12.42 -6.89
CA ASN B 168 -19.68 11.66 -7.88
C ASN B 168 -19.54 10.15 -7.62
N ASN B 169 -18.60 9.74 -6.76
CA ASN B 169 -18.31 8.36 -6.46
C ASN B 169 -18.48 8.09 -4.95
N SER B 170 -19.46 8.77 -4.34
CA SER B 170 -19.96 8.41 -3.02
C SER B 170 -18.94 8.70 -1.93
N VAL B 171 -18.12 9.74 -2.08
CA VAL B 171 -17.22 10.20 -1.02
C VAL B 171 -17.41 11.69 -0.84
N ARG B 172 -17.92 12.11 0.34
CA ARG B 172 -18.06 13.50 0.71
C ARG B 172 -16.84 13.99 1.44
N ILE B 173 -16.56 15.31 1.30
CA ILE B 173 -15.47 15.89 2.04
C ILE B 173 -16.00 17.10 2.81
N ILE B 174 -15.67 17.11 4.11
CA ILE B 174 -15.88 18.26 4.98
C ILE B 174 -14.56 18.96 5.07
N LYS B 175 -14.51 20.23 4.63
CA LYS B 175 -13.26 20.97 4.68
C LYS B 175 -13.38 22.04 5.75
N ILE B 176 -12.57 21.93 6.80
CA ILE B 176 -12.62 22.85 7.93
C ILE B 176 -11.32 23.64 8.05
N PHE B 177 -11.43 24.96 7.98
CA PHE B 177 -10.33 25.87 8.28
C PHE B 177 -10.52 26.39 9.69
N LEU B 178 -9.59 26.05 10.60
CA LEU B 178 -9.61 26.54 11.98
C LEU B 178 -8.81 27.83 11.97
N ASN B 179 -9.55 28.95 12.05
CA ASN B 179 -9.03 30.27 11.87
C ASN B 179 -8.60 30.86 13.22
N VAL B 180 -7.30 30.71 13.55
CA VAL B 180 -6.74 31.19 14.79
C VAL B 180 -5.99 32.50 14.56
N SER B 181 -5.97 33.33 15.59
CA SER B 181 -5.20 34.57 15.56
C SER B 181 -3.72 34.25 15.85
N LYS B 182 -2.87 35.17 15.40
CA LYS B 182 -1.46 35.07 15.64
C LYS B 182 -1.15 35.13 17.15
N LYS B 183 -1.87 35.96 17.89
CA LYS B 183 -1.64 36.07 19.32
C LYS B 183 -2.07 34.81 20.08
N GLU B 184 -3.22 34.22 19.71
CA GLU B 184 -3.68 33.03 20.39
C GLU B 184 -2.72 31.87 20.07
N GLN B 185 -2.23 31.81 18.83
CA GLN B 185 -1.21 30.85 18.51
C GLN B 185 -0.03 31.00 19.49
N ALA B 186 0.40 32.23 19.75
CA ALA B 186 1.51 32.49 20.65
C ALA B 186 1.21 31.99 22.07
N GLU B 187 -0.02 32.25 22.55
CA GLU B 187 -0.45 31.77 23.87
C GLU B 187 -0.35 30.23 23.93
N ARG B 188 -0.74 29.56 22.87
CA ARG B 188 -0.78 28.09 22.85
C ARG B 188 0.64 27.52 22.74
N PHE B 189 1.49 28.21 22.00
CA PHE B 189 2.91 27.88 21.95
C PHE B 189 3.56 28.03 23.32
N LEU B 190 3.29 29.12 24.03
CA LEU B 190 3.81 29.29 25.38
C LEU B 190 3.41 28.14 26.29
N SER B 191 2.16 27.68 26.16
CA SER B 191 1.71 26.54 26.95
C SER B 191 2.50 25.26 26.57
N ARG B 192 2.78 25.05 25.28
CA ARG B 192 3.55 23.89 24.84
C ARG B 192 4.96 23.92 25.47
N ILE B 193 5.54 25.12 25.64
CA ILE B 193 6.85 25.28 26.21
C ILE B 193 6.81 25.08 27.73
N GLU B 194 5.82 25.67 28.38
CA GLU B 194 5.77 25.74 29.84
C GLU B 194 5.26 24.44 30.50
N GLU B 195 4.39 23.69 29.83
CA GLU B 195 3.73 22.50 30.39
C GLU B 195 4.54 21.27 29.96
N PRO B 196 5.28 20.57 30.86
CA PRO B 196 6.13 19.42 30.47
C PRO B 196 5.45 18.37 29.61
N GLU B 197 4.16 18.09 29.84
CA GLU B 197 3.37 17.13 29.09
C GLU B 197 3.10 17.54 27.64
N LYS B 198 3.36 18.84 27.31
CA LYS B 198 3.13 19.35 25.97
C LYS B 198 4.46 19.62 25.26
N ASN B 199 5.62 19.53 25.92
CA ASN B 199 6.89 19.90 25.31
C ASN B 199 7.17 19.12 24.02
N TRP B 200 6.72 17.84 23.95
CA TRP B 200 6.92 17.01 22.77
C TRP B 200 6.22 17.60 21.54
N LYS B 201 5.23 18.47 21.71
CA LYS B 201 4.43 18.99 20.63
C LYS B 201 5.01 20.28 20.03
N PHE B 202 6.05 20.83 20.62
CA PHE B 202 6.63 22.07 20.12
C PHE B 202 7.81 21.73 19.22
N SER B 203 8.02 22.52 18.16
CA SER B 203 9.17 22.37 17.27
C SER B 203 9.67 23.73 16.82
N ASP B 204 10.96 23.79 16.43
CA ASP B 204 11.54 24.96 15.77
C ASP B 204 10.69 25.42 14.59
N SER B 205 10.18 24.50 13.76
CA SER B 205 9.38 24.86 12.59
C SER B 205 8.07 25.54 12.98
N ASP B 206 7.51 25.18 14.15
CA ASP B 206 6.32 25.85 14.66
C ASP B 206 6.59 27.35 14.82
N PHE B 207 7.70 27.71 15.46
CA PHE B 207 8.03 29.11 15.67
C PHE B 207 8.36 29.79 14.34
N GLU B 208 9.07 29.09 13.44
CA GLU B 208 9.64 29.67 12.21
C GLU B 208 8.55 30.01 11.20
N GLU B 209 7.43 29.27 11.15
CA GLU B 209 6.31 29.61 10.28
C GLU B 209 5.72 30.99 10.57
N ARG B 210 5.88 31.53 11.78
CA ARG B 210 5.28 32.80 12.13
C ARG B 210 5.79 33.93 11.25
N VAL B 211 7.05 33.84 10.77
CA VAL B 211 7.61 34.84 9.87
C VAL B 211 6.75 34.96 8.60
N TYR B 212 6.10 33.88 8.14
CA TYR B 212 5.30 33.88 6.93
C TYR B 212 3.81 34.01 7.23
N TRP B 213 3.43 34.48 8.44
CA TRP B 213 2.03 34.48 8.85
C TRP B 213 1.12 35.08 7.77
N ASP B 214 1.45 36.31 7.31
CA ASP B 214 0.58 37.02 6.37
C ASP B 214 0.47 36.30 5.02
N LYS B 215 1.57 35.71 4.57
CA LYS B 215 1.55 34.98 3.31
C LYS B 215 0.68 33.74 3.40
N TYR B 216 0.73 33.06 4.54
CA TYR B 216 -0.15 31.91 4.76
C TYR B 216 -1.62 32.33 4.79
N GLN B 217 -1.94 33.42 5.47
CA GLN B 217 -3.30 33.93 5.49
C GLN B 217 -3.79 34.15 4.05
N GLN B 218 -2.99 34.83 3.21
CA GLN B 218 -3.37 35.08 1.83
C GLN B 218 -3.55 33.75 1.07
N ALA B 219 -2.67 32.77 1.29
CA ALA B 219 -2.82 31.48 0.63
C ALA B 219 -4.13 30.77 1.04
N PHE B 220 -4.49 30.86 2.31
CA PHE B 220 -5.77 30.30 2.75
C PHE B 220 -6.93 30.98 2.02
N GLU B 221 -6.92 32.33 2.02
CA GLU B 221 -7.97 33.04 1.34
C GLU B 221 -8.07 32.63 -0.14
N ASP B 222 -6.92 32.54 -0.81
CA ASP B 222 -6.88 32.16 -2.22
C ASP B 222 -7.47 30.75 -2.41
N ALA B 223 -7.08 29.82 -1.56
CA ALA B 223 -7.55 28.45 -1.71
C ALA B 223 -9.07 28.34 -1.52
N ILE B 224 -9.61 29.05 -0.53
CA ILE B 224 -11.02 28.98 -0.24
C ILE B 224 -11.83 29.66 -1.35
N ASN B 225 -11.33 30.76 -1.91
CA ASN B 225 -11.91 31.36 -3.09
C ASN B 225 -11.94 30.40 -4.30
N ALA B 226 -10.92 29.55 -4.40
CA ALA B 226 -10.77 28.78 -5.61
C ALA B 226 -11.48 27.43 -5.53
N THR B 227 -11.84 26.93 -4.33
CA THR B 227 -12.28 25.54 -4.20
C THR B 227 -13.59 25.35 -3.44
N SER B 228 -14.27 26.39 -3.02
CA SER B 228 -15.55 26.26 -2.31
C SER B 228 -16.69 26.04 -3.30
N THR B 229 -17.39 24.92 -3.20
CA THR B 229 -18.58 24.66 -4.03
C THR B 229 -19.71 24.15 -3.13
N LYS B 230 -20.89 24.01 -3.73
CA LYS B 230 -22.06 23.51 -3.03
C LYS B 230 -21.84 22.10 -2.50
N ASP B 231 -21.20 21.24 -3.31
CA ASP B 231 -20.94 19.85 -2.96
C ASP B 231 -19.74 19.73 -2.04
N CYS B 232 -18.78 20.67 -2.15
CA CYS B 232 -17.52 20.60 -1.43
C CYS B 232 -17.25 21.98 -0.84
N PRO B 233 -18.04 22.40 0.17
CA PRO B 233 -17.86 23.70 0.75
C PRO B 233 -16.67 23.76 1.70
N TRP B 234 -16.25 24.97 2.01
CA TRP B 234 -15.36 25.22 3.13
C TRP B 234 -16.16 25.71 4.32
N TYR B 235 -15.67 25.35 5.52
CA TYR B 235 -16.16 25.91 6.75
C TYR B 235 -15.05 26.68 7.42
N VAL B 236 -15.30 27.94 7.72
CA VAL B 236 -14.30 28.81 8.35
C VAL B 236 -14.69 28.98 9.81
N VAL B 237 -13.96 28.31 10.68
CA VAL B 237 -14.36 28.14 12.07
C VAL B 237 -13.49 29.02 12.93
N PRO B 238 -14.06 29.98 13.68
CA PRO B 238 -13.24 30.75 14.62
C PRO B 238 -12.55 29.85 15.62
N ALA B 239 -11.25 30.04 15.81
CA ALA B 239 -10.45 29.03 16.54
C ALA B 239 -9.88 29.57 17.86
N ASP B 240 -10.16 30.79 18.26
CA ASP B 240 -9.51 31.38 19.44
C ASP B 240 -10.04 30.85 20.76
N ARG B 241 -11.24 30.25 20.77
CA ARG B 241 -11.81 29.61 21.93
C ARG B 241 -12.01 28.13 21.63
N LYS B 242 -11.32 27.27 22.39
CA LYS B 242 -11.42 25.85 22.12
C LYS B 242 -12.87 25.35 22.27
N TRP B 243 -13.53 25.77 23.34
CA TRP B 243 -14.87 25.25 23.62
C TRP B 243 -15.82 25.55 22.43
N TYR B 244 -15.70 26.76 21.86
CA TYR B 244 -16.60 27.17 20.78
C TYR B 244 -16.25 26.47 19.47
N MET B 245 -14.96 26.35 19.18
CA MET B 245 -14.51 25.64 17.98
C MET B 245 -14.98 24.18 18.01
N ARG B 246 -14.93 23.55 19.18
CA ARG B 246 -15.34 22.17 19.32
C ARG B 246 -16.85 22.04 19.09
N TYR B 247 -17.61 23.00 19.62
CA TYR B 247 -19.04 23.07 19.38
C TYR B 247 -19.34 23.16 17.88
N VAL B 248 -18.72 24.11 17.20
CA VAL B 248 -19.01 24.36 15.79
C VAL B 248 -18.63 23.16 14.93
N VAL B 249 -17.49 22.53 15.19
CA VAL B 249 -17.04 21.39 14.44
C VAL B 249 -18.04 20.24 14.67
N SER B 250 -18.48 20.04 15.91
CA SER B 250 -19.43 18.98 16.20
C SER B 250 -20.72 19.20 15.39
N GLU B 251 -21.13 20.46 15.24
CA GLU B 251 -22.34 20.82 14.51
C GLU B 251 -22.22 20.56 13.02
N ILE B 252 -21.08 20.94 12.43
CA ILE B 252 -20.80 20.65 11.03
C ILE B 252 -20.86 19.16 10.73
N VAL B 253 -20.24 18.34 11.57
CA VAL B 253 -20.15 16.89 11.38
C VAL B 253 -21.55 16.28 11.52
N VAL B 254 -22.30 16.67 12.56
CA VAL B 254 -23.66 16.15 12.69
C VAL B 254 -24.48 16.48 11.44
N LYS B 255 -24.47 17.75 11.01
CA LYS B 255 -25.31 18.20 9.92
C LYS B 255 -24.93 17.58 8.59
N THR B 256 -23.65 17.27 8.39
CA THR B 256 -23.22 16.57 7.17
C THR B 256 -23.70 15.13 7.18
N LEU B 257 -23.59 14.45 8.32
CA LEU B 257 -24.06 13.06 8.44
C LEU B 257 -25.57 13.03 8.27
N GLU B 258 -26.29 14.03 8.83
CA GLU B 258 -27.73 14.15 8.63
C GLU B 258 -28.06 14.19 7.13
N GLU B 259 -27.34 15.01 6.36
CA GLU B 259 -27.55 15.09 4.91
C GLU B 259 -27.29 13.74 4.21
N MET B 260 -26.28 13.00 4.63
CA MET B 260 -25.96 11.69 4.09
C MET B 260 -27.07 10.70 4.37
N ASN B 261 -27.78 10.92 5.49
CA ASN B 261 -28.97 10.17 5.87
C ASN B 261 -28.71 8.65 5.82
N PRO B 262 -27.66 8.12 6.50
CA PRO B 262 -27.45 6.69 6.52
C PRO B 262 -28.59 5.96 7.22
N LYS B 263 -28.81 4.71 6.79
CA LYS B 263 -29.79 3.81 7.39
C LYS B 263 -29.22 2.41 7.45
N TYR B 264 -29.65 1.65 8.46
CA TYR B 264 -29.38 0.23 8.48
C TYR B 264 -29.97 -0.41 7.23
N PRO B 265 -29.22 -1.25 6.49
CA PRO B 265 -29.74 -1.76 5.22
C PRO B 265 -30.96 -2.64 5.38
N THR B 266 -31.87 -2.58 4.41
CA THR B 266 -33.02 -3.49 4.38
C THR B 266 -32.64 -4.60 3.41
N VAL B 267 -32.68 -5.82 3.86
CA VAL B 267 -32.23 -6.97 3.11
C VAL B 267 -33.25 -7.31 2.01
N THR B 268 -32.79 -7.94 0.93
CA THR B 268 -33.67 -8.37 -0.17
C THR B 268 -34.63 -9.48 0.29
N LYS B 269 -35.71 -9.65 -0.47
CA LYS B 269 -36.64 -10.77 -0.36
C LYS B 269 -35.93 -12.13 -0.33
N GLU B 270 -34.90 -12.36 -1.16
CA GLU B 270 -34.14 -13.60 -1.20
CA GLU B 270 -34.16 -13.62 -1.19
C GLU B 270 -33.47 -13.88 0.16
N THR B 271 -32.79 -12.86 0.70
CA THR B 271 -32.13 -12.96 2.00
C THR B 271 -33.17 -13.25 3.09
N LEU B 272 -34.32 -12.58 3.04
CA LEU B 272 -35.35 -12.77 4.04
C LEU B 272 -35.83 -14.23 4.02
N GLU B 273 -36.00 -14.81 2.81
CA GLU B 273 -36.46 -16.19 2.72
C GLU B 273 -35.45 -17.16 3.36
N ARG B 274 -34.17 -16.95 3.04
CA ARG B 274 -33.13 -17.78 3.60
C ARG B 274 -33.03 -17.63 5.13
N PHE B 275 -33.15 -16.40 5.65
CA PHE B 275 -33.19 -16.14 7.09
C PHE B 275 -34.28 -16.84 7.82
N GLU B 276 -35.49 -16.89 7.23
CA GLU B 276 -36.55 -17.67 7.81
C GLU B 276 -36.13 -19.13 7.94
N GLY B 277 -35.42 -19.65 6.92
CA GLY B 277 -35.00 -21.05 7.00
C GLY B 277 -33.94 -21.26 8.09
N TYR B 278 -32.97 -20.35 8.20
CA TYR B 278 -31.97 -20.40 9.29
C TYR B 278 -32.60 -20.35 10.67
N ARG B 279 -33.55 -19.44 10.87
CA ARG B 279 -34.26 -19.32 12.14
C ARG B 279 -34.90 -20.62 12.57
N THR B 280 -35.64 -21.26 11.64
CA THR B 280 -36.33 -22.49 11.94
C THR B 280 -35.31 -23.57 12.31
N LYS B 281 -34.21 -23.71 11.55
CA LYS B 281 -33.18 -24.73 11.84
C LYS B 281 -32.59 -24.52 13.22
N LEU B 282 -32.31 -23.26 13.56
CA LEU B 282 -31.77 -22.94 14.90
C LEU B 282 -32.76 -23.31 15.97
N LEU B 283 -34.03 -22.89 15.80
CA LEU B 283 -35.05 -23.22 16.77
C LEU B 283 -35.19 -24.74 16.91
N GLU B 284 -35.24 -25.48 15.80
CA GLU B 284 -35.44 -26.94 15.84
C GLU B 284 -34.27 -27.62 16.55
N GLU B 285 -33.02 -27.14 16.35
CA GLU B 285 -31.86 -27.72 17.00
C GLU B 285 -31.97 -27.68 18.51
N TYR B 286 -32.57 -26.63 19.09
CA TYR B 286 -32.71 -26.48 20.53
C TYR B 286 -34.14 -26.74 21.01
N ASN B 287 -34.98 -27.41 20.20
CA ASN B 287 -36.36 -27.73 20.60
C ASN B 287 -37.12 -26.45 21.02
N TYR B 288 -36.89 -25.34 20.28
CA TYR B 288 -37.58 -24.06 20.43
C TYR B 288 -37.19 -23.37 21.73
N ASP B 289 -36.13 -23.78 22.42
CA ASP B 289 -35.68 -23.18 23.66
C ASP B 289 -34.59 -22.12 23.38
N LEU B 290 -34.88 -21.16 22.51
CA LEU B 290 -34.08 -19.95 22.31
C LEU B 290 -34.99 -18.74 22.55
N ASP B 291 -34.38 -17.62 22.87
CA ASP B 291 -35.05 -16.35 22.94
C ASP B 291 -35.48 -15.90 21.55
N THR B 292 -36.77 -15.78 21.33
CA THR B 292 -37.33 -15.28 20.10
C THR B 292 -38.26 -14.12 20.48
N ILE B 293 -38.29 -13.07 19.66
CA ILE B 293 -39.30 -12.04 19.76
C ILE B 293 -40.55 -12.35 18.94
N ARG B 294 -40.66 -13.54 18.33
CA ARG B 294 -41.90 -13.88 17.64
C ARG B 294 -42.63 -15.01 18.30
N PRO B 295 -43.97 -15.21 18.09
CA PRO B 295 -44.65 -16.39 18.66
C PRO B 295 -44.17 -17.72 18.05
N ILE B 296 -44.46 -18.84 18.73
CA ILE B 296 -44.23 -20.18 18.17
C ILE B 296 -45.57 -20.96 18.17
N ASN C 3 -2.78 -16.87 35.55
CA ASN C 3 -4.20 -16.86 35.97
C ASN C 3 -5.04 -17.84 35.16
N ILE C 4 -6.31 -17.95 35.58
CA ILE C 4 -7.35 -18.77 34.98
C ILE C 4 -7.53 -18.46 33.47
N TYR C 5 -7.35 -17.22 32.99
CA TYR C 5 -7.63 -16.87 31.60
C TYR C 5 -6.37 -16.69 30.76
N LYS C 6 -5.20 -16.48 31.37
CA LYS C 6 -3.98 -16.20 30.63
C LYS C 6 -3.19 -17.50 30.47
N ILE C 7 -2.82 -17.77 29.24
CA ILE C 7 -2.02 -18.94 28.88
C ILE C 7 -0.70 -18.41 28.36
N ASP C 8 0.41 -18.76 29.01
CA ASP C 8 1.68 -18.10 28.70
C ASP C 8 2.84 -19.11 28.57
N LYS C 9 2.53 -20.37 28.30
CA LYS C 9 3.51 -21.42 28.03
C LYS C 9 2.92 -22.35 26.97
N LEU C 10 3.82 -23.03 26.26
CA LEU C 10 3.40 -23.96 25.22
C LEU C 10 2.84 -25.23 25.85
N ASN C 11 1.94 -25.89 25.13
CA ASN C 11 1.42 -27.19 25.48
C ASN C 11 0.87 -27.22 26.91
N ASN C 12 0.14 -26.18 27.29
CA ASN C 12 -0.38 -26.00 28.64
C ASN C 12 -1.86 -25.64 28.61
N PHE C 13 -2.62 -26.07 27.57
CA PHE C 13 -3.98 -25.58 27.49
C PHE C 13 -4.95 -26.71 27.27
N ASN C 14 -6.01 -26.74 28.07
CA ASN C 14 -7.09 -27.70 27.92
C ASN C 14 -8.39 -26.91 27.79
N LEU C 15 -8.98 -26.89 26.60
CA LEU C 15 -10.13 -26.03 26.34
C LEU C 15 -11.34 -26.44 27.17
N ASN C 16 -11.46 -27.72 27.47
CA ASN C 16 -12.53 -28.23 28.31
C ASN C 16 -12.52 -27.65 29.73
N ASN C 17 -11.35 -27.20 30.22
CA ASN C 17 -11.25 -26.58 31.53
C ASN C 17 -11.63 -25.11 31.52
N HIS C 18 -11.96 -24.51 30.36
CA HIS C 18 -12.28 -23.08 30.27
C HIS C 18 -13.74 -22.94 29.84
N LYS C 19 -14.63 -22.78 30.82
CA LYS C 19 -16.04 -22.67 30.51
C LYS C 19 -16.40 -21.36 29.83
N THR C 20 -17.42 -21.40 28.97
CA THR C 20 -17.83 -20.26 28.18
C THR C 20 -18.60 -19.24 29.04
N ASP C 21 -19.05 -19.64 30.23
CA ASP C 21 -19.89 -18.85 31.11
C ASP C 21 -19.28 -18.69 32.50
N ASP C 22 -17.95 -18.84 32.62
CA ASP C 22 -17.29 -18.51 33.86
C ASP C 22 -17.47 -17.01 34.12
N TYR C 23 -17.67 -16.63 35.38
CA TYR C 23 -17.75 -15.23 35.73
C TYR C 23 -17.07 -14.98 37.07
N SER C 24 -15.98 -15.71 37.33
CA SER C 24 -15.44 -15.79 38.70
C SER C 24 -14.69 -14.54 39.12
N LEU C 25 -14.26 -13.67 38.24
CA LEU C 25 -13.55 -12.46 38.63
C LEU C 25 -14.52 -11.38 39.13
N CYS C 26 -15.81 -11.44 38.84
CA CYS C 26 -16.73 -10.38 39.26
C CYS C 26 -18.14 -10.87 38.96
N LYS C 27 -18.81 -11.32 40.01
CA LYS C 27 -20.13 -11.91 39.93
C LYS C 27 -21.23 -10.86 39.76
N ASP C 28 -20.98 -9.60 40.15
CA ASP C 28 -22.05 -8.60 40.18
C ASP C 28 -21.99 -7.76 38.90
N LYS C 29 -23.03 -7.82 38.06
CA LYS C 29 -22.97 -7.14 36.76
C LYS C 29 -22.72 -5.63 36.91
N ASP C 30 -23.44 -4.93 37.81
CA ASP C 30 -23.22 -3.48 37.93
C ASP C 30 -21.80 -3.14 38.43
N THR C 31 -21.22 -3.98 39.30
CA THR C 31 -19.84 -3.78 39.71
C THR C 31 -18.91 -3.89 38.51
N ALA C 32 -19.12 -4.94 37.69
CA ALA C 32 -18.28 -5.15 36.55
C ALA C 32 -18.41 -4.02 35.54
N LEU C 33 -19.64 -3.54 35.28
CA LEU C 33 -19.84 -2.40 34.38
C LEU C 33 -19.05 -1.18 34.85
N GLU C 34 -19.05 -0.92 36.14
CA GLU C 34 -18.34 0.22 36.66
C GLU C 34 -16.83 0.05 36.61
N LEU C 35 -16.32 -1.11 36.99
CA LEU C 35 -14.88 -1.39 36.86
C LEU C 35 -14.40 -1.24 35.40
N THR C 36 -15.25 -1.66 34.42
CA THR C 36 -14.98 -1.49 33.02
C THR C 36 -14.77 -0.01 32.72
N GLN C 37 -15.67 0.85 33.20
CA GLN C 37 -15.60 2.30 32.93
C GLN C 37 -14.32 2.87 33.55
N LYS C 38 -13.90 2.38 34.73
CA LYS C 38 -12.66 2.83 35.32
C LYS C 38 -11.47 2.45 34.44
N ASN C 39 -11.50 1.21 33.95
CA ASN C 39 -10.45 0.71 33.07
C ASN C 39 -10.38 1.55 31.80
N ILE C 40 -11.51 1.79 31.19
CA ILE C 40 -11.61 2.59 29.94
C ILE C 40 -10.99 3.97 30.11
N GLN C 41 -11.20 4.64 31.22
CA GLN C 41 -10.61 5.97 31.45
C GLN C 41 -9.07 5.85 31.51
N LYS C 42 -8.58 4.77 32.13
CA LYS C 42 -7.14 4.58 32.21
C LYS C 42 -6.54 4.22 30.84
N ILE C 43 -7.29 3.44 30.04
CA ILE C 43 -6.86 3.06 28.70
C ILE C 43 -6.66 4.32 27.84
N TYR C 44 -7.65 5.21 27.88
CA TYR C 44 -7.58 6.50 27.24
C TYR C 44 -6.30 7.26 27.63
N ASP C 45 -6.07 7.41 28.92
N ASP C 45 -6.04 7.38 28.94
CA ASP C 45 -4.92 8.17 29.42
CA ASP C 45 -4.92 8.14 29.45
C ASP C 45 -3.60 7.54 28.91
C ASP C 45 -3.60 7.54 28.93
N TYR C 46 -3.51 6.21 28.96
CA TYR C 46 -2.31 5.51 28.50
C TYR C 46 -2.16 5.71 26.98
N GLN C 47 -3.24 5.68 26.24
CA GLN C 47 -3.16 5.89 24.80
C GLN C 47 -2.53 7.26 24.47
N GLN C 48 -2.87 8.30 25.21
CA GLN C 48 -2.33 9.60 24.95
C GLN C 48 -0.82 9.63 25.18
N LYS C 49 -0.36 8.97 26.21
CA LYS C 49 1.06 8.91 26.52
C LYS C 49 1.80 8.08 25.49
N LEU C 50 1.20 6.94 25.12
CA LEU C 50 1.79 6.05 24.11
C LEU C 50 2.04 6.83 22.82
N TYR C 51 1.02 7.59 22.39
CA TYR C 51 1.11 8.33 21.14
C TYR C 51 2.16 9.44 21.21
N ALA C 52 2.29 10.13 22.34
CA ALA C 52 3.29 11.15 22.50
C ALA C 52 4.70 10.57 22.43
N GLU C 53 4.90 9.38 22.99
CA GLU C 53 6.25 8.85 23.18
C GLU C 53 6.80 8.24 21.87
N LYS C 54 5.95 7.63 21.06
CA LYS C 54 6.35 7.01 19.78
C LYS C 54 7.49 6.00 19.96
N LYS C 55 7.35 5.13 20.97
CA LYS C 55 8.31 4.10 21.27
C LYS C 55 7.83 2.68 21.00
N GLU C 56 6.53 2.41 21.12
CA GLU C 56 6.04 1.06 21.16
C GLU C 56 4.62 1.02 20.63
N GLY C 57 4.33 0.03 19.79
CA GLY C 57 3.04 -0.17 19.22
C GLY C 57 2.35 -1.34 19.90
N LEU C 58 1.04 -1.41 19.65
CA LEU C 58 0.21 -2.42 20.31
C LEU C 58 -0.83 -2.92 19.32
N ILE C 59 -0.84 -4.24 19.14
CA ILE C 59 -1.88 -4.93 18.41
C ILE C 59 -2.84 -5.53 19.44
N ILE C 60 -4.13 -5.26 19.26
CA ILE C 60 -5.18 -5.86 20.08
C ILE C 60 -5.98 -6.78 19.19
N ALA C 61 -5.71 -8.08 19.27
CA ALA C 61 -6.25 -9.07 18.32
C ALA C 61 -7.39 -9.89 18.95
N PHE C 62 -8.53 -9.95 18.29
CA PHE C 62 -9.67 -10.75 18.73
C PHE C 62 -9.85 -11.88 17.76
N GLN C 63 -9.84 -13.11 18.25
CA GLN C 63 -10.05 -14.27 17.42
C GLN C 63 -11.14 -15.11 18.03
N ALA C 64 -12.24 -15.35 17.30
CA ALA C 64 -13.43 -15.99 17.84
C ALA C 64 -14.34 -16.35 16.69
N MET C 65 -15.25 -17.23 16.96
CA MET C 65 -16.34 -17.59 16.08
C MET C 65 -17.26 -16.40 15.85
N ASP C 66 -18.10 -16.51 14.84
CA ASP C 66 -19.10 -15.44 14.55
C ASP C 66 -20.05 -15.30 15.74
N ALA C 67 -20.44 -14.03 15.99
CA ALA C 67 -21.28 -13.65 17.12
C ALA C 67 -20.73 -14.03 18.51
N ALA C 68 -19.43 -14.24 18.64
CA ALA C 68 -18.82 -14.42 19.94
C ALA C 68 -18.69 -13.09 20.71
N GLY C 69 -18.66 -11.97 19.98
CA GLY C 69 -18.55 -10.68 20.65
C GLY C 69 -17.44 -9.76 20.18
N LYS C 70 -16.76 -10.04 19.05
CA LYS C 70 -15.61 -9.26 18.66
C LYS C 70 -15.94 -7.81 18.42
N ASP C 71 -16.86 -7.54 17.48
CA ASP C 71 -17.14 -6.15 17.12
C ASP C 71 -17.77 -5.39 18.30
N GLY C 72 -18.70 -6.01 19.03
CA GLY C 72 -19.38 -5.32 20.10
C GLY C 72 -18.41 -5.03 21.26
N THR C 73 -17.45 -5.91 21.53
CA THR C 73 -16.41 -5.70 22.54
C THR C 73 -15.46 -4.60 22.11
N ILE C 74 -14.94 -4.68 20.86
CA ILE C 74 -14.16 -3.61 20.26
C ILE C 74 -14.85 -2.25 20.42
N ARG C 75 -16.13 -2.18 20.03
CA ARG C 75 -16.88 -0.98 20.08
C ARG C 75 -17.03 -0.46 21.51
N GLU C 76 -17.51 -1.30 22.43
CA GLU C 76 -17.91 -0.76 23.72
C GLU C 76 -16.68 -0.40 24.55
N VAL C 77 -15.60 -1.20 24.43
CA VAL C 77 -14.44 -1.04 25.31
C VAL C 77 -13.50 0.02 24.67
N LEU C 78 -13.38 0.06 23.35
CA LEU C 78 -12.38 0.93 22.71
C LEU C 78 -12.94 2.15 21.99
N LYS C 79 -14.24 2.42 21.99
CA LYS C 79 -14.74 3.69 21.46
C LYS C 79 -14.27 4.92 22.25
N ALA C 80 -13.77 4.71 23.47
CA ALA C 80 -13.27 5.86 24.22
C ALA C 80 -11.94 6.39 23.66
N LEU C 81 -11.19 5.57 22.89
CA LEU C 81 -9.91 6.00 22.31
C LEU C 81 -10.11 7.20 21.40
N ALA C 82 -9.11 8.08 21.40
CA ALA C 82 -9.06 9.16 20.44
C ALA C 82 -8.76 8.56 19.07
N PRO C 83 -9.10 9.25 17.95
CA PRO C 83 -8.79 8.71 16.63
C PRO C 83 -7.30 8.61 16.29
N GLN C 84 -6.51 9.55 16.80
CA GLN C 84 -5.08 9.61 16.46
C GLN C 84 -4.38 8.30 16.79
N GLY C 85 -3.74 7.74 15.76
CA GLY C 85 -2.91 6.55 15.92
C GLY C 85 -3.67 5.23 16.04
N VAL C 86 -4.96 5.20 15.68
CA VAL C 86 -5.75 3.98 15.82
C VAL C 86 -6.18 3.52 14.46
N HIS C 87 -6.06 2.21 14.23
CA HIS C 87 -6.59 1.58 13.02
C HIS C 87 -7.35 0.37 13.50
N GLU C 88 -8.36 -0.01 12.76
CA GLU C 88 -9.05 -1.25 12.99
C GLU C 88 -9.05 -2.03 11.69
N LYS C 89 -8.58 -3.29 11.73
CA LYS C 89 -8.37 -4.08 10.53
C LYS C 89 -9.11 -5.39 10.70
N PRO C 90 -10.25 -5.54 10.01
CA PRO C 90 -10.90 -6.84 9.94
C PRO C 90 -10.24 -7.74 8.90
N PHE C 91 -9.93 -8.97 9.22
CA PHE C 91 -9.35 -9.90 8.25
C PHE C 91 -10.50 -10.73 7.70
N LYS C 92 -10.82 -10.48 6.44
CA LYS C 92 -11.90 -11.16 5.74
C LYS C 92 -11.33 -12.28 4.89
N SER C 93 -12.21 -12.97 4.16
CA SER C 93 -11.80 -14.02 3.24
C SER C 93 -10.74 -13.43 2.31
N PRO C 94 -9.54 -14.01 2.18
CA PRO C 94 -8.49 -13.36 1.37
C PRO C 94 -8.90 -13.12 -0.08
N SER C 95 -8.48 -11.98 -0.64
CA SER C 95 -8.69 -11.64 -2.02
C SER C 95 -7.70 -12.45 -2.89
N SER C 96 -7.88 -12.39 -4.21
N SER C 96 -7.86 -12.36 -4.21
CA SER C 96 -6.95 -13.03 -5.13
CA SER C 96 -6.93 -13.07 -5.10
C SER C 96 -5.53 -12.56 -4.88
C SER C 96 -5.52 -12.57 -4.88
N THR C 97 -5.34 -11.24 -4.73
CA THR C 97 -4.02 -10.66 -4.47
C THR C 97 -3.44 -11.19 -3.16
N GLU C 98 -4.25 -11.27 -2.12
CA GLU C 98 -3.77 -11.72 -0.84
C GLU C 98 -3.38 -13.19 -0.92
N LEU C 99 -4.12 -14.02 -1.63
CA LEU C 99 -3.79 -15.43 -1.79
C LEU C 99 -2.53 -15.65 -2.62
N ALA C 100 -2.31 -14.77 -3.58
CA ALA C 100 -1.13 -14.81 -4.43
C ALA C 100 0.14 -14.49 -3.63
N HIS C 101 0.03 -13.66 -2.63
CA HIS C 101 1.09 -13.44 -1.64
C HIS C 101 1.07 -14.54 -0.59
N ASP C 102 2.11 -14.52 0.26
CA ASP C 102 2.22 -15.33 1.46
C ASP C 102 1.22 -14.87 2.55
N TYR C 103 0.74 -15.79 3.39
CA TYR C 103 -0.39 -15.49 4.28
C TYR C 103 -0.08 -14.39 5.31
N LEU C 104 1.18 -14.21 5.75
CA LEU C 104 1.51 -13.11 6.65
C LEU C 104 1.66 -11.77 5.97
N TRP C 105 1.72 -11.70 4.64
CA TRP C 105 1.91 -10.42 3.94
C TRP C 105 0.84 -9.40 4.34
N ARG C 106 -0.44 -9.80 4.25
CA ARG C 106 -1.53 -8.84 4.54
C ARG C 106 -1.59 -8.51 6.03
N VAL C 107 -1.06 -9.40 6.89
CA VAL C 107 -1.11 -9.19 8.32
C VAL C 107 0.02 -8.25 8.74
N HIS C 108 1.22 -8.53 8.29
CA HIS C 108 2.37 -7.67 8.58
C HIS C 108 2.14 -6.25 8.04
N ASN C 109 1.48 -6.10 6.90
N ASN C 109 1.47 -6.11 6.93
CA ASN C 109 1.19 -4.80 6.30
CA ASN C 109 1.25 -4.79 6.36
C ASN C 109 0.41 -3.92 7.30
C ASN C 109 0.44 -3.91 7.33
N ALA C 110 -0.45 -4.53 8.13
CA ALA C 110 -1.34 -3.81 9.03
C ALA C 110 -0.76 -3.60 10.43
N VAL C 111 0.51 -4.02 10.70
CA VAL C 111 1.07 -3.84 12.04
C VAL C 111 1.20 -2.35 12.36
N PRO C 112 0.90 -1.92 13.61
CA PRO C 112 0.96 -0.50 13.95
C PRO C 112 2.39 0.03 13.98
N GLU C 113 2.48 1.34 13.73
CA GLU C 113 3.70 2.06 14.07
C GLU C 113 3.88 2.18 15.58
N LYS C 114 5.11 2.50 15.95
CA LYS C 114 5.42 2.81 17.35
C LYS C 114 4.60 4.04 17.75
N GLY C 115 3.97 3.99 18.94
CA GLY C 115 3.08 5.05 19.35
C GLY C 115 1.61 4.74 19.07
N GLU C 116 1.31 3.68 18.31
CA GLU C 116 0.01 3.50 17.73
C GLU C 116 -0.58 2.17 18.16
N ILE C 117 -1.91 2.07 18.02
CA ILE C 117 -2.69 0.90 18.38
C ILE C 117 -3.46 0.42 17.15
N THR C 118 -3.35 -0.87 16.82
CA THR C 118 -4.13 -1.48 15.74
C THR C 118 -4.95 -2.60 16.35
N ILE C 119 -6.23 -2.55 16.13
CA ILE C 119 -7.16 -3.60 16.51
C ILE C 119 -7.30 -4.55 15.33
N PHE C 120 -7.11 -5.85 15.57
CA PHE C 120 -7.34 -6.89 14.60
C PHE C 120 -8.62 -7.60 14.92
N ASN C 121 -9.58 -7.54 14.03
CA ASN C 121 -10.78 -8.33 14.11
C ASN C 121 -10.56 -9.55 13.24
N ARG C 122 -10.26 -10.67 13.88
CA ARG C 122 -9.62 -11.84 13.30
C ARG C 122 -8.15 -11.47 13.06
N SER C 123 -7.35 -12.41 12.50
CA SER C 123 -5.92 -12.25 12.49
C SER C 123 -5.29 -13.32 11.57
N HIS C 124 -3.96 -13.37 11.63
CA HIS C 124 -3.15 -14.42 11.06
C HIS C 124 -3.55 -15.80 11.56
N TYR C 125 -4.20 -15.89 12.71
CA TYR C 125 -4.62 -17.19 13.22
C TYR C 125 -5.72 -17.85 12.38
N GLU C 126 -6.43 -17.11 11.54
CA GLU C 126 -7.37 -17.70 10.59
C GLU C 126 -6.69 -18.80 9.76
N ASP C 127 -5.41 -18.60 9.44
CA ASP C 127 -4.63 -19.55 8.64
C ASP C 127 -4.36 -20.87 9.39
N VAL C 128 -4.62 -20.98 10.74
CA VAL C 128 -4.55 -22.27 11.41
C VAL C 128 -5.87 -22.58 12.10
N LEU C 129 -6.95 -21.86 11.69
CA LEU C 129 -8.30 -22.10 12.22
C LEU C 129 -9.12 -22.62 11.04
N ILE C 130 -9.84 -21.74 10.32
CA ILE C 130 -10.49 -22.15 9.07
C ILE C 130 -9.49 -22.81 8.13
N GLY C 131 -8.25 -22.27 8.07
CA GLY C 131 -7.22 -22.87 7.24
C GLY C 131 -6.93 -24.35 7.54
N LYS C 132 -6.92 -24.70 8.81
CA LYS C 132 -6.72 -26.07 9.26
CA LYS C 132 -6.72 -26.08 9.25
C LYS C 132 -8.00 -26.89 9.11
N VAL C 133 -9.14 -26.36 9.58
CA VAL C 133 -10.40 -27.12 9.59
C VAL C 133 -10.83 -27.55 8.20
N LYS C 134 -10.71 -26.63 7.23
CA LYS C 134 -11.08 -26.91 5.85
C LYS C 134 -9.88 -27.30 4.98
N GLU C 135 -8.68 -27.46 5.56
CA GLU C 135 -7.49 -27.89 4.86
C GLU C 135 -7.30 -27.05 3.59
N LEU C 136 -7.45 -25.72 3.73
CA LEU C 136 -7.52 -24.83 2.57
C LEU C 136 -6.22 -24.90 1.74
N TYR C 137 -5.09 -25.19 2.41
CA TYR C 137 -3.78 -25.35 1.77
C TYR C 137 -3.74 -26.41 0.71
N LYS C 138 -4.61 -27.42 0.82
CA LYS C 138 -4.67 -28.47 -0.18
C LYS C 138 -5.22 -27.98 -1.52
N PHE C 139 -5.94 -26.86 -1.56
CA PHE C 139 -6.63 -26.39 -2.75
C PHE C 139 -5.97 -25.06 -3.22
N GLN C 140 -4.88 -24.63 -2.60
CA GLN C 140 -4.30 -23.33 -2.89
C GLN C 140 -3.01 -23.52 -3.69
N ASN C 141 -2.65 -22.50 -4.48
CA ASN C 141 -1.47 -22.63 -5.32
C ASN C 141 -0.24 -22.51 -4.42
N LYS C 142 0.71 -23.43 -4.64
CA LYS C 142 1.94 -23.43 -3.85
C LYS C 142 2.96 -24.26 -4.62
N ALA C 143 4.21 -24.16 -4.20
CA ALA C 143 5.25 -24.89 -4.88
C ALA C 143 5.11 -26.40 -4.65
N ASP C 144 5.48 -27.20 -5.64
CA ASP C 144 5.46 -28.67 -5.57
C ASP C 144 6.25 -29.19 -4.35
N ARG C 145 7.35 -28.51 -3.97
CA ARG C 145 8.19 -28.93 -2.87
C ARG C 145 7.57 -28.67 -1.50
N ILE C 146 6.43 -27.98 -1.40
CA ILE C 146 5.79 -27.78 -0.11
C ILE C 146 5.02 -29.03 0.21
N ASP C 147 5.40 -29.73 1.30
CA ASP C 147 4.69 -30.90 1.77
C ASP C 147 3.45 -30.46 2.55
N GLU C 148 2.29 -30.97 2.12
CA GLU C 148 1.04 -30.70 2.83
C GLU C 148 1.09 -31.16 4.29
N ASN C 149 1.82 -32.26 4.56
CA ASN C 149 1.92 -32.79 5.90
C ASN C 149 2.72 -31.93 6.89
N THR C 150 3.38 -30.86 6.49
CA THR C 150 4.07 -29.95 7.41
C THR C 150 3.52 -28.54 7.34
N VAL C 151 2.47 -28.25 6.54
CA VAL C 151 2.02 -26.89 6.38
C VAL C 151 1.59 -26.28 7.72
N VAL C 152 0.76 -26.99 8.47
CA VAL C 152 0.20 -26.42 9.70
C VAL C 152 1.28 -26.30 10.78
N ASP C 153 2.09 -27.31 10.98
CA ASP C 153 3.20 -27.18 11.93
C ASP C 153 4.16 -26.06 11.59
N ASN C 154 4.47 -25.89 10.30
CA ASN C 154 5.29 -24.76 9.89
C ASN C 154 4.60 -23.43 10.16
N ARG C 155 3.27 -23.37 10.02
CA ARG C 155 2.56 -22.14 10.36
C ARG C 155 2.69 -21.84 11.85
N TYR C 156 2.55 -22.85 12.75
CA TYR C 156 2.70 -22.54 14.16
C TYR C 156 4.12 -22.00 14.44
N GLU C 157 5.15 -22.62 13.88
CA GLU C 157 6.53 -22.13 14.06
C GLU C 157 6.71 -20.72 13.53
N ASP C 158 6.23 -20.48 12.32
CA ASP C 158 6.38 -19.17 11.70
C ASP C 158 5.57 -18.09 12.45
N ILE C 159 4.39 -18.42 12.96
CA ILE C 159 3.61 -17.49 13.75
C ILE C 159 4.39 -17.16 15.04
N ARG C 160 4.88 -18.17 15.77
CA ARG C 160 5.71 -17.96 16.94
C ARG C 160 6.85 -16.97 16.61
N ASN C 161 7.52 -17.24 15.47
CA ASN C 161 8.66 -16.43 15.10
C ASN C 161 8.29 -15.01 14.74
N PHE C 162 7.18 -14.84 14.01
CA PHE C 162 6.72 -13.51 13.63
C PHE C 162 6.35 -12.67 14.85
N GLU C 163 5.67 -13.27 15.80
CA GLU C 163 5.21 -12.57 16.98
C GLU C 163 6.43 -12.19 17.86
N LYS C 164 7.43 -13.05 17.94
CA LYS C 164 8.62 -12.75 18.70
C LYS C 164 9.40 -11.61 18.01
N TYR C 165 9.54 -11.68 16.67
CA TYR C 165 10.16 -10.64 15.89
C TYR C 165 9.46 -9.30 16.23
N LEU C 166 8.14 -9.26 16.21
CA LEU C 166 7.42 -8.02 16.53
C LEU C 166 7.78 -7.52 17.93
N TYR C 167 7.77 -8.43 18.93
CA TYR C 167 8.12 -8.09 20.31
C TYR C 167 9.51 -7.44 20.38
N ASN C 168 10.48 -8.04 19.66
CA ASN C 168 11.86 -7.61 19.62
C ASN C 168 11.98 -6.25 18.92
N ASN C 169 10.95 -5.77 18.20
CA ASN C 169 10.94 -4.54 17.46
C ASN C 169 9.80 -3.63 17.95
N SER C 170 9.50 -3.68 19.25
CA SER C 170 8.66 -2.67 19.93
C SER C 170 7.23 -2.74 19.48
N VAL C 171 6.73 -3.95 19.17
CA VAL C 171 5.29 -4.12 18.92
C VAL C 171 4.85 -5.30 19.76
N ARG C 172 3.93 -5.06 20.70
CA ARG C 172 3.29 -6.10 21.48
C ARG C 172 2.00 -6.53 20.84
N ILE C 173 1.63 -7.80 21.07
CA ILE C 173 0.34 -8.32 20.64
C ILE C 173 -0.42 -8.87 21.84
N ILE C 174 -1.68 -8.44 21.94
CA ILE C 174 -2.66 -8.99 22.85
C ILE C 174 -3.51 -9.96 22.06
N LYS C 175 -3.53 -11.25 22.43
CA LYS C 175 -4.28 -12.23 21.68
C LYS C 175 -5.45 -12.67 22.56
N ILE C 176 -6.67 -12.35 22.12
CA ILE C 176 -7.85 -12.66 22.88
C ILE C 176 -8.73 -13.65 22.12
N PHE C 177 -9.02 -14.78 22.76
CA PHE C 177 -9.98 -15.75 22.28
C PHE C 177 -11.27 -15.51 23.06
N LEU C 178 -12.33 -15.09 22.33
CA LEU C 178 -13.64 -14.94 22.98
C LEU C 178 -14.35 -16.27 22.83
N ASN C 179 -14.39 -17.00 23.94
CA ASN C 179 -14.88 -18.38 24.00
C ASN C 179 -16.40 -18.40 24.25
N VAL C 180 -17.19 -18.49 23.18
CA VAL C 180 -18.61 -18.56 23.21
C VAL C 180 -19.12 -19.97 23.06
N SER C 181 -20.28 -20.24 23.67
CA SER C 181 -20.92 -21.55 23.52
C SER C 181 -21.67 -21.59 22.18
N LYS C 182 -21.93 -22.78 21.71
CA LYS C 182 -22.67 -22.99 20.48
C LYS C 182 -24.11 -22.51 20.63
N LYS C 183 -24.70 -22.70 21.81
CA LYS C 183 -26.08 -22.28 22.00
C LYS C 183 -26.14 -20.74 22.05
N GLU C 184 -25.20 -20.10 22.76
CA GLU C 184 -25.23 -18.64 22.84
C GLU C 184 -24.99 -18.04 21.45
N GLN C 185 -24.12 -18.66 20.64
CA GLN C 185 -24.00 -18.22 19.26
C GLN C 185 -25.40 -18.24 18.59
N ALA C 186 -26.14 -19.31 18.78
CA ALA C 186 -27.45 -19.50 18.17
C ALA C 186 -28.41 -18.37 18.62
N GLU C 187 -28.40 -18.05 19.93
CA GLU C 187 -29.25 -16.97 20.45
C GLU C 187 -28.91 -15.66 19.71
N ARG C 188 -27.63 -15.37 19.53
CA ARG C 188 -27.16 -14.15 18.93
C ARG C 188 -27.50 -14.11 17.44
N PHE C 189 -27.37 -15.26 16.78
CA PHE C 189 -27.79 -15.37 15.38
C PHE C 189 -29.27 -15.10 15.20
N LEU C 190 -30.11 -15.68 16.07
CA LEU C 190 -31.53 -15.44 16.00
C LEU C 190 -31.82 -13.94 16.17
N SER C 191 -31.11 -13.28 17.05
CA SER C 191 -31.26 -11.83 17.22
C SER C 191 -30.85 -11.07 15.93
N ARG C 192 -29.80 -11.50 15.26
CA ARG C 192 -29.40 -10.88 13.98
C ARG C 192 -30.48 -11.02 12.91
N ILE C 193 -31.21 -12.15 12.94
CA ILE C 193 -32.29 -12.42 11.99
C ILE C 193 -33.51 -11.61 12.34
N GLU C 194 -33.85 -11.56 13.63
CA GLU C 194 -35.11 -11.00 14.05
C GLU C 194 -35.09 -9.48 14.20
N GLU C 195 -33.94 -8.86 14.45
CA GLU C 195 -33.85 -7.42 14.68
C GLU C 195 -33.42 -6.76 13.36
N PRO C 196 -34.29 -5.98 12.66
CA PRO C 196 -33.95 -5.42 11.36
C PRO C 196 -32.62 -4.66 11.30
N GLU C 197 -32.25 -3.95 12.36
CA GLU C 197 -30.99 -3.21 12.50
C GLU C 197 -29.74 -4.10 12.54
N LYS C 198 -29.91 -5.41 12.70
CA LYS C 198 -28.83 -6.35 12.80
C LYS C 198 -28.79 -7.25 11.54
N ASN C 199 -29.78 -7.22 10.67
CA ASN C 199 -29.88 -8.17 9.57
C ASN C 199 -28.64 -8.11 8.67
N TRP C 200 -28.04 -6.90 8.46
CA TRP C 200 -26.83 -6.74 7.68
C TRP C 200 -25.65 -7.55 8.22
N LYS C 201 -25.67 -7.96 9.50
CA LYS C 201 -24.55 -8.64 10.12
C LYS C 201 -24.62 -10.16 9.95
N PHE C 202 -25.68 -10.68 9.37
CA PHE C 202 -25.83 -12.14 9.30
C PHE C 202 -25.42 -12.55 7.89
N SER C 203 -24.72 -13.68 7.76
CA SER C 203 -24.31 -14.20 6.46
C SER C 203 -24.47 -15.71 6.43
N ASP C 204 -24.59 -16.24 5.19
CA ASP C 204 -24.58 -17.68 4.97
C ASP C 204 -23.39 -18.37 5.64
N SER C 205 -22.19 -17.80 5.56
CA SER C 205 -21.00 -18.44 6.11
C SER C 205 -21.05 -18.51 7.64
N ASP C 206 -21.75 -17.55 8.28
CA ASP C 206 -21.96 -17.56 9.72
C ASP C 206 -22.69 -18.86 10.10
N PHE C 207 -23.76 -19.19 9.40
CA PHE C 207 -24.53 -20.35 9.69
C PHE C 207 -23.76 -21.64 9.35
N GLU C 208 -23.03 -21.63 8.23
CA GLU C 208 -22.35 -22.81 7.68
C GLU C 208 -21.19 -23.28 8.56
N GLU C 209 -20.52 -22.39 9.27
CA GLU C 209 -19.46 -22.78 10.20
C GLU C 209 -19.96 -23.71 11.32
N ARG C 210 -21.27 -23.69 11.68
CA ARG C 210 -21.76 -24.44 12.80
C ARG C 210 -21.62 -25.94 12.61
N VAL C 211 -21.68 -26.42 11.34
CA VAL C 211 -21.47 -27.83 11.05
C VAL C 211 -20.08 -28.26 11.56
N TYR C 212 -19.07 -27.38 11.55
CA TYR C 212 -17.70 -27.70 11.91
C TYR C 212 -17.35 -27.28 13.34
N TRP C 213 -18.36 -27.01 14.19
CA TRP C 213 -18.11 -26.38 15.48
C TRP C 213 -16.99 -27.11 16.24
N ASP C 214 -17.11 -28.45 16.38
CA ASP C 214 -16.13 -29.20 17.18
C ASP C 214 -14.71 -29.15 16.59
N LYS C 215 -14.62 -29.15 15.28
CA LYS C 215 -13.30 -29.08 14.64
C LYS C 215 -12.68 -27.71 14.85
N TYR C 216 -13.51 -26.63 14.84
CA TYR C 216 -13.00 -25.32 15.18
C TYR C 216 -12.50 -25.25 16.63
N GLN C 217 -13.23 -25.85 17.56
CA GLN C 217 -12.81 -25.88 18.96
C GLN C 217 -11.44 -26.55 19.07
N GLN C 218 -11.28 -27.70 18.41
CA GLN C 218 -10.00 -28.39 18.38
C GLN C 218 -8.89 -27.52 17.76
N ALA C 219 -9.20 -26.81 16.69
CA ALA C 219 -8.18 -25.97 16.06
C ALA C 219 -7.77 -24.81 16.99
N PHE C 220 -8.74 -24.24 17.73
CA PHE C 220 -8.39 -23.23 18.71
C PHE C 220 -7.47 -23.81 19.78
N GLU C 221 -7.84 -24.97 20.32
CA GLU C 221 -7.03 -25.59 21.36
C GLU C 221 -5.59 -25.84 20.85
N ASP C 222 -5.48 -26.39 19.63
CA ASP C 222 -4.18 -26.66 19.06
C ASP C 222 -3.40 -25.35 18.90
N ALA C 223 -4.05 -24.30 18.41
CA ALA C 223 -3.33 -23.04 18.17
C ALA C 223 -2.78 -22.47 19.49
N ILE C 224 -3.63 -22.47 20.54
CA ILE C 224 -3.26 -21.89 21.81
C ILE C 224 -2.12 -22.73 22.47
N ASN C 225 -2.16 -24.06 22.32
CA ASN C 225 -1.07 -24.89 22.75
C ASN C 225 0.24 -24.57 22.02
N ALA C 226 0.15 -24.17 20.75
CA ALA C 226 1.32 -24.03 19.92
C ALA C 226 1.94 -22.64 20.00
N THR C 227 1.21 -21.59 20.46
CA THR C 227 1.69 -20.23 20.28
C THR C 227 1.66 -19.36 21.52
N SER C 228 1.26 -19.88 22.68
CA SER C 228 1.23 -19.11 23.92
C SER C 228 2.62 -18.97 24.52
N THR C 229 3.15 -17.75 24.67
CA THR C 229 4.43 -17.54 25.33
C THR C 229 4.28 -16.43 26.37
N LYS C 230 5.34 -16.21 27.17
CA LYS C 230 5.35 -15.12 28.14
C LYS C 230 5.19 -13.76 27.48
N ASP C 231 5.89 -13.56 26.33
CA ASP C 231 5.87 -12.30 25.62
C ASP C 231 4.60 -12.13 24.79
N CYS C 232 4.03 -13.26 24.34
CA CYS C 232 2.88 -13.24 23.44
C CYS C 232 1.86 -14.26 23.95
N PRO C 233 1.24 -13.97 25.11
CA PRO C 233 0.28 -14.88 25.69
C PRO C 233 -1.05 -14.92 24.95
N TRP C 234 -1.82 -15.98 25.22
CA TRP C 234 -3.22 -16.02 24.87
C TRP C 234 -4.08 -15.73 26.09
N TYR C 235 -5.19 -15.06 25.84
CA TYR C 235 -6.21 -14.82 26.86
C TYR C 235 -7.47 -15.54 26.39
N VAL C 236 -7.99 -16.44 27.22
CA VAL C 236 -9.22 -17.16 26.96
C VAL C 236 -10.36 -16.61 27.76
N VAL C 237 -11.20 -15.81 27.12
CA VAL C 237 -12.20 -14.97 27.77
C VAL C 237 -13.56 -15.62 27.62
N PRO C 238 -14.25 -15.98 28.72
CA PRO C 238 -15.63 -16.44 28.61
C PRO C 238 -16.52 -15.40 27.92
N ALA C 239 -17.26 -15.84 26.89
CA ALA C 239 -17.95 -14.91 26.01
C ALA C 239 -19.47 -14.99 26.11
N ASP C 240 -20.03 -15.84 26.98
CA ASP C 240 -21.49 -15.99 27.02
C ASP C 240 -22.27 -14.81 27.60
N ARG C 241 -21.59 -13.96 28.39
CA ARG C 241 -22.16 -12.74 28.94
C ARG C 241 -21.37 -11.53 28.45
N LYS C 242 -22.03 -10.65 27.66
CA LYS C 242 -21.28 -9.54 27.08
C LYS C 242 -20.68 -8.65 28.19
N TRP C 243 -21.45 -8.37 29.22
CA TRP C 243 -20.96 -7.48 30.28
C TRP C 243 -19.63 -7.98 30.90
N TYR C 244 -19.54 -9.30 31.12
CA TYR C 244 -18.37 -9.88 31.76
C TYR C 244 -17.19 -9.92 30.80
N MET C 245 -17.45 -10.30 29.55
CA MET C 245 -16.43 -10.31 28.51
C MET C 245 -15.83 -8.90 28.33
N ARG C 246 -16.67 -7.87 28.37
CA ARG C 246 -16.17 -6.50 28.15
C ARG C 246 -15.30 -6.09 29.36
N TYR C 247 -15.70 -6.49 30.56
CA TYR C 247 -14.92 -6.26 31.77
C TYR C 247 -13.54 -6.91 31.65
N VAL C 248 -13.53 -8.20 31.31
CA VAL C 248 -12.26 -8.92 31.25
C VAL C 248 -11.33 -8.34 30.19
N VAL C 249 -11.87 -8.01 29.01
CA VAL C 249 -11.07 -7.44 27.94
C VAL C 249 -10.52 -6.08 28.37
N SER C 250 -11.33 -5.25 29.07
CA SER C 250 -10.86 -3.97 29.54
C SER C 250 -9.69 -4.16 30.49
N GLU C 251 -9.74 -5.21 31.33
CA GLU C 251 -8.69 -5.50 32.30
C GLU C 251 -7.39 -5.93 31.58
N ILE C 252 -7.50 -6.79 30.58
CA ILE C 252 -6.36 -7.22 29.79
C ILE C 252 -5.66 -6.06 29.10
N VAL C 253 -6.44 -5.17 28.49
CA VAL C 253 -5.87 -4.03 27.76
C VAL C 253 -5.23 -3.07 28.73
N VAL C 254 -5.90 -2.75 29.84
CA VAL C 254 -5.31 -1.77 30.74
C VAL C 254 -4.03 -2.35 31.36
N LYS C 255 -3.99 -3.64 31.71
CA LYS C 255 -2.80 -4.17 32.36
C LYS C 255 -1.62 -4.30 31.36
N THR C 256 -1.89 -4.51 30.09
CA THR C 256 -0.87 -4.57 29.08
C THR C 256 -0.30 -3.15 28.87
N LEU C 257 -1.15 -2.13 28.79
CA LEU C 257 -0.69 -0.75 28.71
C LEU C 257 0.16 -0.39 29.93
N GLU C 258 -0.25 -0.80 31.12
CA GLU C 258 0.51 -0.54 32.33
C GLU C 258 1.93 -1.15 32.21
N GLU C 259 2.05 -2.37 31.67
CA GLU C 259 3.35 -2.99 31.36
C GLU C 259 4.21 -2.14 30.43
N MET C 260 3.59 -1.57 29.41
CA MET C 260 4.27 -0.72 28.45
C MET C 260 4.74 0.57 29.11
N ASN C 261 4.01 1.03 30.11
CA ASN C 261 4.35 2.15 30.95
C ASN C 261 4.71 3.39 30.13
N PRO C 262 3.89 3.82 29.15
CA PRO C 262 4.24 5.00 28.38
C PRO C 262 4.27 6.26 29.21
N LYS C 263 5.09 7.22 28.77
CA LYS C 263 5.23 8.50 29.41
C LYS C 263 5.34 9.60 28.35
N TYR C 264 4.88 10.80 28.74
CA TYR C 264 5.16 11.96 27.90
C TYR C 264 6.67 12.15 27.83
N PRO C 265 7.27 12.35 26.64
CA PRO C 265 8.73 12.52 26.56
C PRO C 265 9.27 13.71 27.29
N THR C 266 10.49 13.55 27.83
CA THR C 266 11.29 14.65 28.38
C THR C 266 12.18 15.13 27.25
N VAL C 267 12.13 16.42 26.94
CA VAL C 267 13.00 16.95 25.90
C VAL C 267 14.39 17.17 26.53
N THR C 268 15.43 17.20 25.68
CA THR C 268 16.80 17.40 26.14
C THR C 268 17.00 18.82 26.68
N LYS C 269 18.03 19.01 27.52
CA LYS C 269 18.37 20.32 28.09
C LYS C 269 18.66 21.34 26.98
N GLU C 270 19.31 20.94 25.87
CA GLU C 270 19.58 21.79 24.73
C GLU C 270 18.28 22.30 24.09
N THR C 271 17.33 21.38 23.85
CA THR C 271 16.03 21.71 23.29
C THR C 271 15.30 22.68 24.21
N LEU C 272 15.33 22.40 25.53
CA LEU C 272 14.66 23.25 26.49
C LEU C 272 15.23 24.67 26.44
N GLU C 273 16.56 24.82 26.31
CA GLU C 273 17.15 26.15 26.26
C GLU C 273 16.72 26.90 25.00
N ARG C 274 16.65 26.24 23.85
CA ARG C 274 16.15 26.85 22.63
C ARG C 274 14.67 27.28 22.78
N PHE C 275 13.84 26.40 23.37
CA PHE C 275 12.44 26.70 23.69
C PHE C 275 12.32 27.91 24.60
N GLU C 276 13.16 28.03 25.62
CA GLU C 276 13.18 29.21 26.46
C GLU C 276 13.51 30.45 25.63
N GLY C 277 14.38 30.35 24.60
CA GLY C 277 14.65 31.47 23.73
C GLY C 277 13.40 31.92 22.94
N TYR C 278 12.67 30.94 22.40
CA TYR C 278 11.43 31.19 21.68
C TYR C 278 10.36 31.81 22.58
N ARG C 279 10.25 31.31 23.81
CA ARG C 279 9.34 31.87 24.81
C ARG C 279 9.58 33.36 25.05
N THR C 280 10.85 33.75 25.25
CA THR C 280 11.22 35.13 25.42
C THR C 280 10.81 35.98 24.21
N LYS C 281 11.10 35.51 22.99
CA LYS C 281 10.74 36.23 21.78
C LYS C 281 9.23 36.45 21.69
N LEU C 282 8.45 35.42 22.02
CA LEU C 282 7.00 35.52 22.00
C LEU C 282 6.54 36.53 23.05
N LEU C 283 7.09 36.44 24.27
CA LEU C 283 6.76 37.41 25.31
C LEU C 283 7.12 38.83 24.86
N GLU C 284 8.30 39.04 24.27
CA GLU C 284 8.71 40.38 23.83
C GLU C 284 7.77 40.96 22.78
N GLU C 285 7.31 40.09 21.86
CA GLU C 285 6.44 40.50 20.77
C GLU C 285 5.14 41.11 21.30
N TYR C 286 4.61 40.57 22.41
CA TYR C 286 3.36 41.04 23.00
C TYR C 286 3.59 41.83 24.31
N ASN C 287 4.79 42.43 24.50
CA ASN C 287 5.06 43.23 25.68
C ASN C 287 4.77 42.49 26.99
N TYR C 288 5.04 41.18 27.09
CA TYR C 288 4.84 40.35 28.28
C TYR C 288 3.36 40.27 28.71
N ASP C 289 2.42 40.56 27.79
CA ASP C 289 0.99 40.40 28.05
C ASP C 289 0.44 39.16 27.30
N LEU C 290 0.72 37.96 27.85
CA LEU C 290 0.29 36.66 27.35
C LEU C 290 -0.23 35.77 28.51
N ALA D 2 29.29 -22.50 -7.90
CA ALA D 2 30.19 -23.49 -7.24
C ALA D 2 30.24 -23.23 -5.73
N ASN D 3 30.65 -24.26 -4.97
CA ASN D 3 30.79 -24.16 -3.51
C ASN D 3 31.91 -23.21 -3.10
N ILE D 4 32.85 -22.81 -3.99
CA ILE D 4 33.74 -21.69 -3.74
C ILE D 4 32.94 -20.37 -3.51
N TYR D 5 31.77 -20.16 -4.20
CA TYR D 5 31.06 -18.92 -4.01
C TYR D 5 29.79 -19.03 -3.15
N LYS D 6 29.26 -20.24 -3.00
CA LYS D 6 28.01 -20.48 -2.33
C LYS D 6 28.28 -20.85 -0.87
N ILE D 7 27.65 -20.11 0.05
CA ILE D 7 27.78 -20.34 1.48
C ILE D 7 26.41 -20.81 1.98
N ASP D 8 26.33 -22.00 2.53
CA ASP D 8 25.02 -22.62 2.82
C ASP D 8 24.95 -23.23 4.21
N LYS D 9 25.81 -22.75 5.11
CA LYS D 9 25.87 -23.20 6.50
C LYS D 9 26.30 -22.02 7.36
N LEU D 10 25.90 -22.04 8.61
CA LEU D 10 26.22 -20.99 9.56
C LEU D 10 27.67 -21.09 9.97
N ASN D 11 28.25 -19.92 10.27
CA ASN D 11 29.56 -19.86 10.93
C ASN D 11 30.63 -20.60 10.11
N ASN D 12 30.57 -20.47 8.80
CA ASN D 12 31.47 -21.16 7.90
C ASN D 12 32.11 -20.19 6.89
N PHE D 13 32.28 -18.91 7.24
CA PHE D 13 32.62 -17.97 6.19
C PHE D 13 33.81 -17.12 6.63
N ASN D 14 34.81 -17.06 5.77
CA ASN D 14 36.01 -16.27 6.00
C ASN D 14 36.15 -15.37 4.77
N LEU D 15 35.79 -14.08 4.95
CA LEU D 15 35.72 -13.15 3.82
C LEU D 15 37.08 -12.99 3.16
N ASN D 16 38.15 -13.05 3.95
CA ASN D 16 39.48 -12.85 3.40
C ASN D 16 39.86 -13.97 2.39
N ASN D 17 39.27 -15.16 2.46
CA ASN D 17 39.50 -16.22 1.52
C ASN D 17 38.68 -16.08 0.23
N HIS D 18 37.84 -15.05 0.09
CA HIS D 18 37.02 -14.81 -1.10
C HIS D 18 37.51 -13.54 -1.78
N LYS D 19 38.42 -13.68 -2.72
CA LYS D 19 39.08 -12.54 -3.33
C LYS D 19 38.11 -11.86 -4.28
N THR D 20 38.26 -10.53 -4.39
CA THR D 20 37.38 -9.70 -5.18
C THR D 20 37.61 -9.89 -6.68
N ASP D 21 38.72 -10.50 -7.07
CA ASP D 21 39.11 -10.65 -8.46
C ASP D 21 39.37 -12.11 -8.84
N ASP D 22 38.76 -13.05 -8.12
CA ASP D 22 38.77 -14.44 -8.50
C ASP D 22 38.02 -14.55 -9.84
N TYR D 23 38.54 -15.40 -10.75
CA TYR D 23 37.84 -15.62 -12.00
C TYR D 23 37.96 -17.10 -12.39
N SER D 24 37.95 -18.00 -11.40
CA SER D 24 38.35 -19.40 -11.62
C SER D 24 37.28 -20.23 -12.33
N LEU D 25 36.01 -19.83 -12.39
CA LEU D 25 35.02 -20.60 -13.12
C LEU D 25 35.14 -20.41 -14.61
N CYS D 26 35.78 -19.33 -15.11
CA CYS D 26 35.81 -19.10 -16.55
C CYS D 26 36.80 -17.97 -16.81
N LYS D 27 38.00 -18.36 -17.22
CA LYS D 27 39.10 -17.43 -17.38
C LYS D 27 39.00 -16.62 -18.68
N ASP D 28 38.22 -17.08 -19.68
CA ASP D 28 38.17 -16.46 -20.97
C ASP D 28 36.98 -15.51 -21.06
N LYS D 29 37.24 -14.20 -21.22
CA LYS D 29 36.14 -13.23 -21.21
C LYS D 29 35.06 -13.52 -22.26
N ASP D 30 35.46 -13.80 -23.49
CA ASP D 30 34.48 -14.06 -24.55
C ASP D 30 33.68 -15.33 -24.29
N THR D 31 34.31 -16.36 -23.72
CA THR D 31 33.55 -17.58 -23.38
C THR D 31 32.51 -17.24 -22.31
N ALA D 32 32.92 -16.49 -21.29
CA ALA D 32 32.01 -16.08 -20.25
C ALA D 32 30.85 -15.23 -20.79
N LEU D 33 31.12 -14.26 -21.65
CA LEU D 33 30.08 -13.43 -22.25
C LEU D 33 29.08 -14.30 -22.99
N GLU D 34 29.53 -15.27 -23.74
CA GLU D 34 28.66 -16.17 -24.48
C GLU D 34 27.83 -17.08 -23.55
N LEU D 35 28.43 -17.68 -22.53
CA LEU D 35 27.71 -18.48 -21.55
C LEU D 35 26.66 -17.64 -20.86
N THR D 36 26.95 -16.36 -20.60
CA THR D 36 25.98 -15.43 -20.02
C THR D 36 24.75 -15.34 -20.91
N GLN D 37 24.99 -15.16 -22.23
CA GLN D 37 23.89 -15.05 -23.19
C GLN D 37 23.08 -16.36 -23.24
N LYS D 38 23.74 -17.51 -23.15
CA LYS D 38 23.01 -18.78 -23.10
C LYS D 38 22.11 -18.84 -21.85
N ASN D 39 22.68 -18.44 -20.70
CA ASN D 39 21.95 -18.44 -19.46
C ASN D 39 20.74 -17.53 -19.53
N ILE D 40 20.93 -16.30 -20.07
CA ILE D 40 19.87 -15.32 -20.19
C ILE D 40 18.70 -15.87 -21.00
N GLN D 41 18.96 -16.59 -22.10
CA GLN D 41 17.90 -17.19 -22.90
C GLN D 41 17.08 -18.18 -22.05
N LYS D 42 17.78 -18.94 -21.20
CA LYS D 42 17.12 -19.92 -20.36
C LYS D 42 16.34 -19.28 -19.22
N ILE D 43 16.85 -18.20 -18.63
CA ILE D 43 16.16 -17.43 -17.60
C ILE D 43 14.84 -16.90 -18.17
N TYR D 44 14.88 -16.33 -19.38
CA TYR D 44 13.66 -15.88 -20.03
C TYR D 44 12.62 -17.00 -20.14
N ASP D 45 13.04 -18.16 -20.67
CA ASP D 45 12.15 -19.30 -20.87
C ASP D 45 11.52 -19.73 -19.52
N TYR D 46 12.33 -19.82 -18.48
CA TYR D 46 11.85 -20.21 -17.14
C TYR D 46 10.90 -19.13 -16.61
N GLN D 47 11.18 -17.86 -16.86
CA GLN D 47 10.28 -16.80 -16.40
C GLN D 47 8.87 -16.96 -16.97
N GLN D 48 8.76 -17.35 -18.22
CA GLN D 48 7.48 -17.50 -18.86
C GLN D 48 6.66 -18.63 -18.19
N LYS D 49 7.34 -19.74 -17.90
CA LYS D 49 6.69 -20.88 -17.28
C LYS D 49 6.32 -20.51 -15.83
N LEU D 50 7.22 -19.85 -15.10
CA LEU D 50 6.96 -19.48 -13.71
C LEU D 50 5.70 -18.61 -13.62
N TYR D 51 5.58 -17.65 -14.50
CA TYR D 51 4.40 -16.79 -14.55
C TYR D 51 3.12 -17.53 -14.90
N ALA D 52 3.18 -18.50 -15.81
CA ALA D 52 2.02 -19.27 -16.17
C ALA D 52 1.54 -20.11 -14.97
N GLU D 53 2.49 -20.66 -14.20
CA GLU D 53 2.15 -21.67 -13.20
C GLU D 53 1.57 -21.08 -11.90
N LYS D 54 2.02 -19.90 -11.51
CA LYS D 54 1.59 -19.16 -10.32
C LYS D 54 1.68 -20.04 -9.06
N LYS D 55 2.82 -20.72 -8.89
CA LYS D 55 3.11 -21.53 -7.74
C LYS D 55 4.17 -20.97 -6.84
N GLU D 56 5.18 -20.22 -7.36
CA GLU D 56 6.34 -19.88 -6.56
C GLU D 56 6.87 -18.53 -6.99
N GLY D 57 7.31 -17.71 -6.05
CA GLY D 57 7.88 -16.44 -6.34
C GLY D 57 9.37 -16.45 -6.03
N LEU D 58 10.09 -15.49 -6.61
CA LEU D 58 11.53 -15.41 -6.50
C LEU D 58 11.96 -14.00 -6.21
N ILE D 59 12.76 -13.85 -5.13
CA ILE D 59 13.45 -12.62 -4.82
C ILE D 59 14.88 -12.79 -5.31
N ILE D 60 15.36 -11.81 -6.06
CA ILE D 60 16.78 -11.77 -6.49
C ILE D 60 17.36 -10.54 -5.84
N ALA D 61 18.11 -10.75 -4.76
CA ALA D 61 18.55 -9.64 -3.89
C ALA D 61 20.06 -9.40 -4.07
N PHE D 62 20.44 -8.16 -4.33
CA PHE D 62 21.82 -7.76 -4.46
C PHE D 62 22.18 -6.87 -3.31
N GLN D 63 23.20 -7.28 -2.54
CA GLN D 63 23.64 -6.45 -1.44
C GLN D 63 25.14 -6.21 -1.59
N ALA D 64 25.55 -4.94 -1.63
CA ALA D 64 26.91 -4.61 -1.99
C ALA D 64 27.12 -3.14 -1.76
N MET D 65 28.38 -2.76 -1.62
CA MET D 65 28.80 -1.37 -1.53
C MET D 65 28.48 -0.64 -2.83
N ASP D 66 28.54 0.71 -2.80
CA ASP D 66 28.29 1.52 -3.98
C ASP D 66 29.34 1.22 -5.06
N ALA D 67 28.86 1.18 -6.33
CA ALA D 67 29.69 0.89 -7.49
C ALA D 67 30.25 -0.52 -7.50
N ALA D 68 29.66 -1.45 -6.73
CA ALA D 68 30.07 -2.84 -6.80
C ALA D 68 29.56 -3.51 -8.07
N GLY D 69 28.49 -2.95 -8.68
CA GLY D 69 27.89 -3.52 -9.88
C GLY D 69 26.42 -3.93 -9.79
N LYS D 70 25.66 -3.51 -8.77
CA LYS D 70 24.29 -3.97 -8.58
C LYS D 70 23.40 -3.55 -9.76
N ASP D 71 23.35 -2.23 -10.02
CA ASP D 71 22.49 -1.75 -11.11
C ASP D 71 22.88 -2.29 -12.47
N GLY D 72 24.19 -2.25 -12.76
CA GLY D 72 24.66 -2.69 -14.07
C GLY D 72 24.45 -4.18 -14.30
N THR D 73 24.58 -4.99 -13.25
CA THR D 73 24.35 -6.43 -13.32
C THR D 73 22.88 -6.71 -13.49
N ILE D 74 22.02 -6.07 -12.65
CA ILE D 74 20.58 -6.17 -12.85
C ILE D 74 20.19 -5.86 -14.29
N ARG D 75 20.69 -4.72 -14.80
CA ARG D 75 20.37 -4.30 -16.12
C ARG D 75 20.84 -5.30 -17.18
N GLU D 76 22.11 -5.69 -17.15
CA GLU D 76 22.62 -6.44 -18.30
C GLU D 76 22.07 -7.89 -18.28
N VAL D 77 21.92 -8.48 -17.10
CA VAL D 77 21.55 -9.88 -16.96
C VAL D 77 20.01 -10.02 -17.04
N LEU D 78 19.28 -9.05 -16.44
CA LEU D 78 17.83 -9.23 -16.33
C LEU D 78 17.01 -8.36 -17.25
N LYS D 79 17.61 -7.54 -18.12
CA LYS D 79 16.80 -6.81 -19.10
C LYS D 79 16.10 -7.73 -20.10
N ALA D 80 16.55 -8.98 -20.24
CA ALA D 80 15.92 -9.87 -21.21
C ALA D 80 14.55 -10.33 -20.70
N LEU D 81 14.29 -10.24 -19.38
CA LEU D 81 12.98 -10.58 -18.81
C LEU D 81 11.87 -9.77 -19.44
N ALA D 82 10.73 -10.43 -19.69
CA ALA D 82 9.52 -9.76 -20.06
C ALA D 82 9.05 -8.88 -18.87
N PRO D 83 8.22 -7.83 -19.10
CA PRO D 83 7.78 -6.99 -17.98
C PRO D 83 6.77 -7.69 -17.08
N GLN D 84 5.99 -8.64 -17.61
CA GLN D 84 4.94 -9.27 -16.80
C GLN D 84 5.55 -9.95 -15.59
N GLY D 85 4.99 -9.60 -14.43
CA GLY D 85 5.36 -10.23 -13.17
C GLY D 85 6.71 -9.81 -12.59
N VAL D 86 7.31 -8.70 -13.08
CA VAL D 86 8.61 -8.30 -12.57
C VAL D 86 8.48 -6.96 -11.85
N HIS D 87 9.12 -6.86 -10.69
CA HIS D 87 9.25 -5.63 -9.94
C HIS D 87 10.71 -5.45 -9.58
N GLU D 88 11.19 -4.23 -9.54
CA GLU D 88 12.50 -3.96 -9.01
C GLU D 88 12.32 -2.94 -7.88
N LYS D 89 12.89 -3.23 -6.71
CA LYS D 89 12.68 -2.42 -5.54
C LYS D 89 14.04 -2.07 -4.97
N PRO D 90 14.46 -0.80 -5.12
CA PRO D 90 15.64 -0.30 -4.43
C PRO D 90 15.30 0.08 -2.98
N PHE D 91 16.05 -0.40 -2.00
CA PHE D 91 15.87 0.02 -0.62
C PHE D 91 16.81 1.18 -0.36
N LYS D 92 16.23 2.36 -0.15
CA LYS D 92 17.00 3.56 0.15
C LYS D 92 16.90 3.89 1.64
N SER D 93 17.45 5.05 1.99
CA SER D 93 17.44 5.47 3.38
C SER D 93 15.98 5.47 3.85
N PRO D 94 15.62 4.83 4.96
CA PRO D 94 14.18 4.77 5.34
C PRO D 94 13.53 6.12 5.55
N SER D 95 12.26 6.25 5.11
CA SER D 95 11.46 7.41 5.36
C SER D 95 10.98 7.42 6.85
N SER D 96 10.42 8.52 7.26
CA SER D 96 9.82 8.63 8.60
C SER D 96 8.82 7.50 8.86
N THR D 97 7.91 7.25 7.90
CA THR D 97 6.92 6.17 8.04
C THR D 97 7.58 4.82 8.16
N GLU D 98 8.60 4.54 7.36
CA GLU D 98 9.27 3.26 7.43
C GLU D 98 9.98 3.08 8.76
N LEU D 99 10.57 4.12 9.33
CA LEU D 99 11.26 4.04 10.63
C LEU D 99 10.27 3.87 11.78
N ALA D 100 9.07 4.43 11.60
CA ALA D 100 8.00 4.33 12.58
C ALA D 100 7.50 2.88 12.67
N HIS D 101 7.50 2.16 11.54
CA HIS D 101 7.25 0.74 11.51
C HIS D 101 8.49 -0.06 11.89
N ASP D 102 8.32 -1.39 12.04
CA ASP D 102 9.42 -2.31 12.24
C ASP D 102 10.24 -2.48 10.94
N TYR D 103 11.54 -2.83 11.05
CA TYR D 103 12.42 -2.73 9.87
C TYR D 103 12.04 -3.72 8.75
N LEU D 104 11.45 -4.91 9.06
CA LEU D 104 11.01 -5.79 7.99
C LEU D 104 9.70 -5.38 7.32
N TRP D 105 8.93 -4.46 7.87
CA TRP D 105 7.64 -4.08 7.28
C TRP D 105 7.80 -3.70 5.80
N ARG D 106 8.70 -2.76 5.50
CA ARG D 106 8.87 -2.26 4.13
C ARG D 106 9.42 -3.36 3.19
N VAL D 107 10.15 -4.29 3.72
CA VAL D 107 10.72 -5.39 2.97
C VAL D 107 9.66 -6.44 2.65
N HIS D 108 8.93 -6.88 3.64
CA HIS D 108 7.90 -7.88 3.46
C HIS D 108 6.81 -7.35 2.52
N ASN D 109 6.54 -6.05 2.53
CA ASN D 109 5.51 -5.50 1.68
CA ASN D 109 5.53 -5.46 1.69
C ASN D 109 5.89 -5.72 0.20
N ALA D 110 7.19 -5.69 -0.11
CA ALA D 110 7.69 -5.83 -1.48
C ALA D 110 7.91 -7.27 -1.95
N VAL D 111 7.59 -8.28 -1.14
CA VAL D 111 7.85 -9.67 -1.54
C VAL D 111 6.96 -10.01 -2.76
N PRO D 112 7.47 -10.79 -3.75
CA PRO D 112 6.64 -11.09 -4.91
C PRO D 112 5.51 -12.07 -4.62
N GLU D 113 4.51 -12.02 -5.46
CA GLU D 113 3.50 -13.03 -5.56
C GLU D 113 4.10 -14.31 -6.16
N LYS D 114 3.41 -15.40 -5.94
CA LYS D 114 3.64 -16.64 -6.66
C LYS D 114 3.51 -16.39 -8.16
N GLY D 115 4.49 -16.86 -8.93
CA GLY D 115 4.53 -16.61 -10.36
C GLY D 115 5.44 -15.44 -10.74
N GLU D 116 5.89 -14.66 -9.76
CA GLU D 116 6.52 -13.38 -10.01
C GLU D 116 7.94 -13.33 -9.49
N ILE D 117 8.71 -12.38 -10.06
CA ILE D 117 10.11 -12.13 -9.70
C ILE D 117 10.26 -10.69 -9.22
N THR D 118 10.85 -10.52 -8.02
CA THR D 118 11.13 -9.17 -7.52
C THR D 118 12.64 -9.09 -7.31
N ILE D 119 13.24 -8.09 -7.92
CA ILE D 119 14.64 -7.77 -7.70
C ILE D 119 14.76 -6.80 -6.56
N PHE D 120 15.59 -7.09 -5.54
CA PHE D 120 15.89 -6.15 -4.48
C PHE D 120 17.25 -5.56 -4.71
N ASN D 121 17.29 -4.23 -4.88
CA ASN D 121 18.60 -3.56 -4.93
C ASN D 121 18.83 -3.02 -3.51
N ARG D 122 19.68 -3.70 -2.77
CA ARG D 122 19.79 -3.63 -1.31
C ARG D 122 18.58 -4.40 -0.76
N SER D 123 18.45 -4.49 0.59
CA SER D 123 17.53 -5.39 1.19
C SER D 123 17.41 -5.09 2.68
N HIS D 124 16.71 -5.99 3.36
CA HIS D 124 16.63 -6.05 4.81
C HIS D 124 18.03 -6.18 5.45
N TYR D 125 19.04 -6.64 4.69
CA TYR D 125 20.40 -6.73 5.26
C TYR D 125 20.99 -5.35 5.58
N GLU D 126 20.47 -4.26 5.00
CA GLU D 126 20.92 -2.91 5.37
C GLU D 126 20.84 -2.70 6.89
N ASP D 127 19.80 -3.30 7.51
CA ASP D 127 19.61 -3.19 8.97
C ASP D 127 20.68 -3.92 9.81
N VAL D 128 21.56 -4.76 9.20
CA VAL D 128 22.71 -5.32 9.91
C VAL D 128 24.01 -5.01 9.18
N LEU D 129 23.97 -4.01 8.27
CA LEU D 129 25.15 -3.51 7.57
C LEU D 129 25.35 -2.07 8.03
N ILE D 130 24.77 -1.08 7.33
CA ILE D 130 24.86 0.29 7.84
C ILE D 130 24.24 0.37 9.24
N GLY D 131 23.16 -0.41 9.48
CA GLY D 131 22.56 -0.42 10.82
C GLY D 131 23.53 -0.82 11.93
N LYS D 132 24.40 -1.81 11.65
CA LYS D 132 25.41 -2.25 12.60
C LYS D 132 26.61 -1.28 12.61
N VAL D 133 27.09 -0.88 11.44
CA VAL D 133 28.29 -0.05 11.34
C VAL D 133 28.14 1.28 12.06
N LYS D 134 26.96 1.91 11.88
CA LYS D 134 26.65 3.20 12.43
C LYS D 134 25.78 3.10 13.66
N GLU D 135 25.53 1.87 14.19
CA GLU D 135 24.78 1.65 15.42
C GLU D 135 23.49 2.46 15.38
N LEU D 136 22.77 2.42 14.24
CA LEU D 136 21.63 3.31 14.03
C LEU D 136 20.54 3.11 15.08
N TYR D 137 20.40 1.87 15.56
CA TYR D 137 19.42 1.52 16.60
C TYR D 137 19.61 2.33 17.91
N LYS D 138 20.84 2.82 18.20
CA LYS D 138 21.06 3.65 19.38
C LYS D 138 20.38 5.03 19.28
N PHE D 139 20.03 5.50 18.10
CA PHE D 139 19.53 6.84 17.83
C PHE D 139 18.07 6.73 17.37
N GLN D 140 17.48 5.53 17.32
CA GLN D 140 16.12 5.34 16.80
C GLN D 140 15.15 5.12 17.93
N ASN D 141 13.88 5.50 17.73
CA ASN D 141 12.88 5.31 18.78
C ASN D 141 12.60 3.81 18.94
N LYS D 142 12.57 3.34 20.19
CA LYS D 142 12.23 1.94 20.49
C LYS D 142 11.85 1.85 21.96
N ALA D 143 11.26 0.69 22.35
CA ALA D 143 10.76 0.58 23.71
C ALA D 143 11.96 0.53 24.69
N ASP D 144 11.77 1.02 25.89
CA ASP D 144 12.79 1.02 26.92
C ASP D 144 13.34 -0.38 27.22
N ARG D 145 12.49 -1.41 27.12
CA ARG D 145 12.84 -2.80 27.39
C ARG D 145 13.75 -3.38 26.35
N ILE D 146 13.98 -2.74 25.17
CA ILE D 146 14.80 -3.29 24.13
C ILE D 146 16.25 -3.19 24.59
N ASP D 147 16.91 -4.35 24.66
CA ASP D 147 18.35 -4.38 25.00
C ASP D 147 19.17 -3.95 23.79
N GLU D 148 19.89 -2.82 23.88
CA GLU D 148 20.71 -2.37 22.74
C GLU D 148 21.81 -3.38 22.41
N ASN D 149 22.31 -4.09 23.45
CA ASN D 149 23.41 -5.03 23.25
C ASN D 149 23.00 -6.28 22.46
N THR D 150 21.68 -6.61 22.32
CA THR D 150 21.24 -7.77 21.59
C THR D 150 20.45 -7.40 20.35
N VAL D 151 20.36 -6.11 19.98
CA VAL D 151 19.58 -5.75 18.81
C VAL D 151 20.10 -6.47 17.58
N VAL D 152 21.41 -6.45 17.34
CA VAL D 152 21.94 -7.00 16.09
C VAL D 152 21.84 -8.53 16.05
N ASP D 153 22.15 -9.18 17.17
CA ASP D 153 21.96 -10.63 17.25
C ASP D 153 20.50 -11.05 17.02
N ASN D 154 19.56 -10.31 17.61
CA ASN D 154 18.15 -10.57 17.36
C ASN D 154 17.78 -10.34 15.92
N ARG D 155 18.40 -9.37 15.25
CA ARG D 155 18.14 -9.18 13.83
C ARG D 155 18.64 -10.38 13.01
N TYR D 156 19.82 -10.95 13.31
CA TYR D 156 20.22 -12.14 12.57
C TYR D 156 19.19 -13.28 12.78
N GLU D 157 18.74 -13.49 14.00
CA GLU D 157 17.76 -14.55 14.31
C GLU D 157 16.46 -14.32 13.51
N ASP D 158 15.95 -13.08 13.61
CA ASP D 158 14.70 -12.74 12.98
C ASP D 158 14.80 -12.79 11.46
N ILE D 159 15.93 -12.35 10.90
CA ILE D 159 16.14 -12.50 9.45
C ILE D 159 16.15 -13.98 9.03
N ARG D 160 16.83 -14.85 9.75
CA ARG D 160 16.82 -16.28 9.48
C ARG D 160 15.37 -16.75 9.44
N ASN D 161 14.58 -16.32 10.47
CA ASN D 161 13.24 -16.84 10.63
C ASN D 161 12.34 -16.29 9.52
N PHE D 162 12.48 -15.02 9.13
CA PHE D 162 11.71 -14.44 8.05
C PHE D 162 11.96 -15.14 6.71
N GLU D 163 13.25 -15.42 6.43
CA GLU D 163 13.61 -16.05 5.17
C GLU D 163 13.13 -17.48 5.12
N LYS D 164 13.16 -18.18 6.25
CA LYS D 164 12.65 -19.54 6.29
C LYS D 164 11.13 -19.54 6.08
N TYR D 165 10.42 -18.64 6.78
CA TYR D 165 8.99 -18.43 6.62
C TYR D 165 8.67 -18.22 5.12
N LEU D 166 9.42 -17.34 4.44
CA LEU D 166 9.16 -17.11 3.01
C LEU D 166 9.34 -18.41 2.20
N TYR D 167 10.42 -19.15 2.47
CA TYR D 167 10.69 -20.40 1.77
C TYR D 167 9.55 -21.40 1.98
N ASN D 168 9.04 -21.52 3.22
CA ASN D 168 7.92 -22.37 3.60
C ASN D 168 6.61 -21.94 2.92
N ASN D 169 6.54 -20.74 2.37
CA ASN D 169 5.40 -20.16 1.70
C ASN D 169 5.67 -19.82 0.24
N SER D 170 6.53 -20.62 -0.42
CA SER D 170 6.67 -20.61 -1.87
C SER D 170 7.32 -19.32 -2.36
N VAL D 171 8.22 -18.72 -1.56
CA VAL D 171 9.02 -17.61 -2.05
C VAL D 171 10.47 -17.93 -1.76
N ARG D 172 11.30 -18.09 -2.83
CA ARG D 172 12.75 -18.24 -2.64
C ARG D 172 13.45 -16.90 -2.66
N ILE D 173 14.62 -16.83 -2.01
CA ILE D 173 15.46 -15.66 -2.10
C ILE D 173 16.88 -16.10 -2.49
N ILE D 174 17.37 -15.45 -3.53
CA ILE D 174 18.73 -15.48 -3.98
C ILE D 174 19.45 -14.29 -3.35
N LYS D 175 20.45 -14.54 -2.52
CA LYS D 175 21.15 -13.47 -1.82
C LYS D 175 22.53 -13.40 -2.49
N ILE D 176 22.79 -12.29 -3.11
CA ILE D 176 24.06 -12.09 -3.83
C ILE D 176 24.84 -10.95 -3.20
N PHE D 177 26.04 -11.24 -2.72
CA PHE D 177 26.98 -10.24 -2.28
C PHE D 177 27.97 -10.01 -3.44
N LEU D 178 27.96 -8.79 -4.00
CA LEU D 178 28.91 -8.42 -5.02
C LEU D 178 30.13 -7.89 -4.29
N ASN D 179 31.17 -8.69 -4.26
CA ASN D 179 32.38 -8.44 -3.49
C ASN D 179 33.37 -7.67 -4.33
N VAL D 180 33.35 -6.32 -4.22
CA VAL D 180 34.26 -5.43 -4.93
C VAL D 180 35.36 -4.96 -4.00
N SER D 181 36.51 -4.67 -4.60
CA SER D 181 37.65 -4.14 -3.85
C SER D 181 37.46 -2.63 -3.72
N LYS D 182 38.13 -2.08 -2.73
CA LYS D 182 38.13 -0.64 -2.47
C LYS D 182 38.72 0.09 -3.68
N LYS D 183 39.79 -0.45 -4.29
CA LYS D 183 40.42 0.20 -5.41
C LYS D 183 39.47 0.21 -6.63
N GLU D 184 38.83 -0.92 -6.91
CA GLU D 184 37.94 -0.99 -8.06
C GLU D 184 36.74 -0.06 -7.85
N GLN D 185 36.22 0.02 -6.62
CA GLN D 185 35.22 1.02 -6.28
C GLN D 185 35.74 2.41 -6.69
N ALA D 186 36.97 2.73 -6.34
CA ALA D 186 37.59 4.03 -6.64
C ALA D 186 37.64 4.28 -8.17
N GLU D 187 38.02 3.25 -8.92
CA GLU D 187 38.07 3.36 -10.38
C GLU D 187 36.68 3.70 -10.92
N ARG D 188 35.64 3.04 -10.37
CA ARG D 188 34.28 3.20 -10.85
C ARG D 188 33.73 4.58 -10.47
N PHE D 189 34.07 5.01 -9.24
CA PHE D 189 33.73 6.36 -8.80
C PHE D 189 34.38 7.40 -9.67
N LEU D 190 35.67 7.27 -10.02
CA LEU D 190 36.31 8.21 -10.88
C LEU D 190 35.57 8.30 -12.23
N SER D 191 35.12 7.16 -12.77
CA SER D 191 34.34 7.16 -14.00
C SER D 191 33.01 7.94 -13.82
N ARG D 192 32.33 7.76 -12.68
CA ARG D 192 31.09 8.46 -12.41
C ARG D 192 31.34 9.97 -12.39
N ILE D 193 32.49 10.41 -11.88
CA ILE D 193 32.84 11.82 -11.82
C ILE D 193 33.21 12.34 -13.21
N GLU D 194 34.05 11.58 -13.93
CA GLU D 194 34.63 12.04 -15.17
C GLU D 194 33.70 12.01 -16.38
N GLU D 195 32.74 11.11 -16.39
CA GLU D 195 31.79 10.96 -17.51
C GLU D 195 30.50 11.73 -17.18
N PRO D 196 30.19 12.85 -17.86
CA PRO D 196 29.01 13.67 -17.52
C PRO D 196 27.69 12.92 -17.44
N GLU D 197 27.50 11.90 -18.29
CA GLU D 197 26.33 11.03 -18.29
C GLU D 197 26.20 10.15 -17.06
N LYS D 198 27.25 10.08 -16.21
CA LYS D 198 27.24 9.24 -15.04
C LYS D 198 27.21 10.09 -13.77
N ASN D 199 27.30 11.41 -13.86
CA ASN D 199 27.44 12.25 -12.68
C ASN D 199 26.22 12.12 -11.76
N TRP D 200 25.03 11.87 -12.36
CA TRP D 200 23.81 11.72 -11.58
C TRP D 200 23.90 10.53 -10.62
N LYS D 201 24.79 9.56 -10.89
CA LYS D 201 24.88 8.36 -10.09
C LYS D 201 25.82 8.53 -8.90
N PHE D 202 26.50 9.64 -8.77
CA PHE D 202 27.52 9.83 -7.76
C PHE D 202 26.90 10.74 -6.71
N SER D 203 27.26 10.58 -5.45
CA SER D 203 26.76 11.39 -4.34
C SER D 203 27.85 11.53 -3.29
N ASP D 204 27.70 12.57 -2.43
CA ASP D 204 28.61 12.78 -1.30
C ASP D 204 28.63 11.53 -0.42
N SER D 205 27.52 10.87 -0.21
CA SER D 205 27.41 9.72 0.67
C SER D 205 28.17 8.53 0.09
N ASP D 206 28.26 8.42 -1.24
CA ASP D 206 29.05 7.39 -1.89
C ASP D 206 30.53 7.55 -1.46
N PHE D 207 31.05 8.76 -1.49
CA PHE D 207 32.43 9.00 -1.17
C PHE D 207 32.65 8.79 0.36
N GLU D 208 31.67 9.23 1.18
CA GLU D 208 31.80 9.25 2.64
C GLU D 208 31.78 7.84 3.21
N GLU D 209 31.08 6.89 2.61
CA GLU D 209 31.06 5.49 3.07
C GLU D 209 32.48 4.89 3.09
N ARG D 210 33.42 5.41 2.27
CA ARG D 210 34.71 4.76 2.16
C ARG D 210 35.49 4.85 3.47
N VAL D 211 35.21 5.87 4.31
CA VAL D 211 35.87 5.96 5.62
C VAL D 211 35.52 4.73 6.46
N TYR D 212 34.39 4.08 6.26
CA TYR D 212 33.96 2.93 7.04
C TYR D 212 34.18 1.62 6.29
N TRP D 213 35.03 1.62 5.25
CA TRP D 213 35.18 0.44 4.38
C TRP D 213 35.36 -0.84 5.21
N ASP D 214 36.33 -0.83 6.14
CA ASP D 214 36.70 -2.07 6.85
C ASP D 214 35.56 -2.51 7.78
N LYS D 215 34.85 -1.54 8.37
CA LYS D 215 33.72 -1.91 9.23
C LYS D 215 32.61 -2.55 8.43
N TYR D 216 32.37 -2.06 7.21
CA TYR D 216 31.41 -2.69 6.31
C TYR D 216 31.84 -4.11 5.94
N GLN D 217 33.11 -4.32 5.62
CA GLN D 217 33.62 -5.67 5.33
C GLN D 217 33.33 -6.63 6.49
N GLN D 218 33.66 -6.24 7.75
CA GLN D 218 33.29 -6.97 8.94
C GLN D 218 31.80 -7.25 9.05
N ALA D 219 30.95 -6.26 8.74
CA ALA D 219 29.51 -6.44 8.88
C ALA D 219 29.00 -7.45 7.85
N PHE D 220 29.56 -7.42 6.63
CA PHE D 220 29.20 -8.40 5.60
C PHE D 220 29.60 -9.78 6.11
N GLU D 221 30.85 -9.93 6.61
CA GLU D 221 31.29 -11.22 7.07
C GLU D 221 30.36 -11.77 8.16
N ASP D 222 30.04 -10.91 9.13
CA ASP D 222 29.20 -11.30 10.24
C ASP D 222 27.80 -11.70 9.73
N ALA D 223 27.23 -10.94 8.79
CA ALA D 223 25.92 -11.25 8.31
C ALA D 223 25.88 -12.62 7.61
N ILE D 224 26.88 -12.86 6.78
CA ILE D 224 26.92 -14.08 5.98
C ILE D 224 27.16 -15.30 6.89
N ASN D 225 28.00 -15.15 7.93
CA ASN D 225 28.14 -16.19 8.92
C ASN D 225 26.80 -16.50 9.60
N ALA D 226 25.99 -15.49 9.84
CA ALA D 226 24.83 -15.67 10.69
C ALA D 226 23.59 -16.05 9.90
N THR D 227 23.55 -15.98 8.57
CA THR D 227 22.28 -16.14 7.84
C THR D 227 22.32 -17.12 6.67
N SER D 228 23.44 -17.78 6.41
CA SER D 228 23.60 -18.68 5.27
C SER D 228 22.97 -20.03 5.64
N THR D 229 21.96 -20.49 4.87
CA THR D 229 21.39 -21.81 5.08
C THR D 229 21.28 -22.52 3.74
N LYS D 230 20.92 -23.80 3.80
CA LYS D 230 20.69 -24.59 2.59
C LYS D 230 19.60 -23.96 1.71
N ASP D 231 18.49 -23.57 2.33
CA ASP D 231 17.35 -23.03 1.63
C ASP D 231 17.58 -21.58 1.25
N CYS D 232 18.38 -20.85 2.04
CA CYS D 232 18.57 -19.42 1.82
C CYS D 232 20.09 -19.15 1.88
N PRO D 233 20.85 -19.63 0.87
CA PRO D 233 22.28 -19.47 0.85
C PRO D 233 22.67 -18.03 0.48
N TRP D 234 23.89 -17.70 0.80
CA TRP D 234 24.56 -16.52 0.27
C TRP D 234 25.50 -16.92 -0.86
N TYR D 235 25.57 -16.03 -1.86
CA TYR D 235 26.52 -16.19 -2.97
C TYR D 235 27.47 -15.01 -2.87
N VAL D 236 28.77 -15.32 -2.76
CA VAL D 236 29.81 -14.27 -2.71
C VAL D 236 30.51 -14.19 -4.05
N VAL D 237 30.16 -13.15 -4.81
CA VAL D 237 30.50 -13.07 -6.22
C VAL D 237 31.64 -12.08 -6.35
N PRO D 238 32.80 -12.48 -6.92
CA PRO D 238 33.87 -11.51 -7.20
C PRO D 238 33.36 -10.42 -8.13
N ALA D 239 33.55 -9.16 -7.75
CA ALA D 239 32.92 -8.05 -8.47
C ALA D 239 33.91 -7.13 -9.16
N ASP D 240 35.21 -7.42 -9.18
CA ASP D 240 36.16 -6.50 -9.79
C ASP D 240 36.17 -6.49 -11.32
N ARG D 241 35.61 -7.51 -11.98
CA ARG D 241 35.47 -7.58 -13.44
C ARG D 241 33.97 -7.73 -13.75
N LYS D 242 33.40 -6.79 -14.51
CA LYS D 242 31.97 -6.81 -14.68
C LYS D 242 31.57 -8.04 -15.49
N TRP D 243 32.32 -8.37 -16.52
CA TRP D 243 31.95 -9.50 -17.38
C TRP D 243 31.83 -10.81 -16.56
N TYR D 244 32.74 -11.00 -15.59
CA TYR D 244 32.77 -12.24 -14.82
C TYR D 244 31.62 -12.24 -13.82
N MET D 245 31.41 -11.09 -13.17
CA MET D 245 30.31 -10.96 -12.22
C MET D 245 28.95 -11.24 -12.90
N ARG D 246 28.79 -10.73 -14.11
CA ARG D 246 27.54 -10.90 -14.85
C ARG D 246 27.36 -12.39 -15.18
N TYR D 247 28.44 -13.05 -15.61
CA TYR D 247 28.41 -14.48 -15.85
C TYR D 247 27.98 -15.24 -14.59
N VAL D 248 28.67 -15.00 -13.49
CA VAL D 248 28.33 -15.77 -12.27
C VAL D 248 26.88 -15.54 -11.79
N VAL D 249 26.41 -14.31 -11.83
CA VAL D 249 25.04 -13.98 -11.45
C VAL D 249 24.07 -14.69 -12.39
N SER D 250 24.37 -14.72 -13.70
CA SER D 250 23.47 -15.39 -14.63
C SER D 250 23.38 -16.89 -14.29
N GLU D 251 24.50 -17.49 -13.85
CA GLU D 251 24.56 -18.89 -13.49
C GLU D 251 23.74 -19.20 -12.23
N ILE D 252 23.87 -18.36 -11.22
CA ILE D 252 23.10 -18.49 -9.97
C ILE D 252 21.59 -18.42 -10.29
N VAL D 253 21.17 -17.42 -11.05
CA VAL D 253 19.75 -17.25 -11.36
C VAL D 253 19.23 -18.42 -12.17
N VAL D 254 19.97 -18.85 -13.22
CA VAL D 254 19.44 -19.92 -14.04
C VAL D 254 19.38 -21.24 -13.23
N LYS D 255 20.36 -21.51 -12.37
CA LYS D 255 20.34 -22.75 -11.62
C LYS D 255 19.25 -22.73 -10.54
N THR D 256 18.93 -21.56 -9.99
CA THR D 256 17.84 -21.45 -9.02
C THR D 256 16.48 -21.69 -9.71
N LEU D 257 16.29 -21.10 -10.92
CA LEU D 257 15.08 -21.32 -11.69
C LEU D 257 14.96 -22.79 -12.05
N GLU D 258 16.09 -23.47 -12.42
CA GLU D 258 16.05 -24.87 -12.70
C GLU D 258 15.54 -25.70 -11.52
N GLU D 259 15.96 -25.37 -10.31
CA GLU D 259 15.47 -25.98 -9.07
C GLU D 259 13.97 -25.75 -8.92
N MET D 260 13.49 -24.55 -9.23
CA MET D 260 12.05 -24.25 -9.11
C MET D 260 11.25 -25.08 -10.10
N ASN D 261 11.87 -25.40 -11.25
CA ASN D 261 11.35 -26.30 -12.26
C ASN D 261 9.93 -25.91 -12.70
N PRO D 262 9.69 -24.66 -13.09
CA PRO D 262 8.36 -24.28 -13.49
C PRO D 262 7.90 -24.91 -14.80
N LYS D 263 6.59 -25.10 -14.95
CA LYS D 263 5.98 -25.71 -16.11
C LYS D 263 4.69 -24.95 -16.46
N TYR D 264 4.37 -24.91 -17.76
CA TYR D 264 3.06 -24.48 -18.15
C TYR D 264 2.03 -25.43 -17.53
N PRO D 265 0.95 -24.93 -16.88
CA PRO D 265 -0.04 -25.82 -16.29
C PRO D 265 -0.79 -26.66 -17.28
N THR D 266 -1.17 -27.88 -16.87
CA THR D 266 -2.01 -28.76 -17.68
C THR D 266 -3.40 -28.67 -17.09
N VAL D 267 -4.39 -28.35 -17.92
CA VAL D 267 -5.75 -28.14 -17.42
C VAL D 267 -6.42 -29.51 -17.19
N THR D 268 -7.42 -29.51 -16.30
CA THR D 268 -8.14 -30.73 -15.93
C THR D 268 -8.97 -31.28 -17.12
N LYS D 269 -9.28 -32.58 -17.05
CA LYS D 269 -10.01 -33.26 -18.11
C LYS D 269 -11.41 -32.65 -18.35
N GLU D 270 -12.09 -32.21 -17.28
CA GLU D 270 -13.38 -31.54 -17.37
C GLU D 270 -13.28 -30.22 -18.15
N THR D 271 -12.28 -29.39 -17.78
CA THR D 271 -12.02 -28.12 -18.45
C THR D 271 -11.70 -28.37 -19.93
N LEU D 272 -10.87 -29.39 -20.21
CA LEU D 272 -10.50 -29.72 -21.58
C LEU D 272 -11.74 -30.07 -22.39
N GLU D 273 -12.68 -30.84 -21.82
CA GLU D 273 -13.90 -31.18 -22.54
C GLU D 273 -14.75 -29.96 -22.83
N ARG D 274 -14.90 -29.03 -21.90
CA ARG D 274 -15.61 -27.77 -22.13
C ARG D 274 -14.93 -26.94 -23.24
N PHE D 275 -13.59 -26.86 -23.20
CA PHE D 275 -12.81 -26.18 -24.24
C PHE D 275 -13.03 -26.80 -25.62
N GLU D 276 -13.08 -28.14 -25.71
CA GLU D 276 -13.41 -28.81 -26.95
C GLU D 276 -14.83 -28.44 -27.42
N GLY D 277 -15.77 -28.20 -26.48
CA GLY D 277 -17.10 -27.71 -26.84
C GLY D 277 -17.07 -26.33 -27.50
N TYR D 278 -16.31 -25.42 -26.88
CA TYR D 278 -16.10 -24.07 -27.39
C TYR D 278 -15.42 -24.10 -28.77
N ARG D 279 -14.41 -24.96 -28.95
CA ARG D 279 -13.77 -25.14 -30.24
C ARG D 279 -14.73 -25.48 -31.36
N THR D 280 -15.63 -26.46 -31.12
CA THR D 280 -16.62 -26.85 -32.11
C THR D 280 -17.51 -25.65 -32.45
N LYS D 281 -18.01 -24.92 -31.43
CA LYS D 281 -18.88 -23.77 -31.65
C LYS D 281 -18.18 -22.72 -32.51
N LEU D 282 -16.90 -22.45 -32.24
CA LEU D 282 -16.11 -21.49 -33.00
C LEU D 282 -15.97 -21.97 -34.45
N LEU D 283 -15.61 -23.25 -34.63
CA LEU D 283 -15.51 -23.80 -35.98
C LEU D 283 -16.85 -23.68 -36.72
N GLU D 284 -17.97 -24.01 -36.05
CA GLU D 284 -19.29 -23.96 -36.70
C GLU D 284 -19.65 -22.53 -37.15
N GLU D 285 -19.31 -21.55 -36.29
CA GLU D 285 -19.60 -20.14 -36.57
C GLU D 285 -18.95 -19.69 -37.88
N TYR D 286 -17.74 -20.17 -38.20
CA TYR D 286 -17.02 -19.78 -39.41
C TYR D 286 -17.02 -20.88 -40.47
N ASN D 287 -17.96 -21.84 -40.42
CA ASN D 287 -18.08 -22.89 -41.43
C ASN D 287 -16.74 -23.65 -41.62
N TYR D 288 -16.00 -23.92 -40.51
CA TYR D 288 -14.76 -24.69 -40.49
C TYR D 288 -13.62 -24.01 -41.27
N ASP D 289 -13.67 -22.68 -41.49
CA ASP D 289 -12.67 -21.95 -42.25
C ASP D 289 -11.35 -21.83 -41.44
PG ACP E . -7.89 -15.65 -19.24
O1G ACP E . -8.33 -16.97 -19.79
O2G ACP E . -6.37 -15.60 -19.15
O3G ACP E . -8.43 -14.51 -20.04
PB ACP E . -9.47 -14.02 -16.93
O1B ACP E . -10.12 -14.36 -15.61
O2B ACP E . -10.40 -13.53 -18.01
C3B ACP E . -8.63 -15.57 -17.54
PA ACP E . -7.76 -11.54 -16.42
O1A ACP E . -6.52 -11.09 -17.13
O2A ACP E . -7.86 -11.42 -14.92
O3A ACP E . -8.19 -13.06 -16.69
O5' ACP E . -8.98 -10.77 -17.13
C5' ACP E . -9.46 -9.56 -16.52
C4' ACP E . -10.97 -9.57 -16.56
O4' ACP E . -11.44 -8.69 -15.50
C3' ACP E . -11.59 -9.04 -17.87
O3' ACP E . -12.74 -9.80 -18.21
C2' ACP E . -11.86 -7.58 -17.52
O2' ACP E . -12.87 -6.93 -18.26
C1' ACP E . -12.28 -7.70 -16.04
N9 ACP E . -12.15 -6.39 -15.38
C8 ACP E . -11.06 -5.55 -15.37
N7 ACP E . -11.32 -4.37 -14.84
C5 ACP E . -12.67 -4.45 -14.49
C6 ACP E . -13.55 -3.52 -13.89
N6 ACP E . -13.17 -2.29 -13.51
N1 ACP E . -14.86 -3.93 -13.66
C2 ACP E . -15.21 -5.20 -13.98
N3 ACP E . -14.46 -6.13 -14.57
C4 ACP E . -13.19 -5.70 -14.78
H3B1 ACP E . -7.92 -15.78 -16.90
H3B2 ACP E . -9.27 -16.29 -17.46
H5'1 ACP E . -9.12 -8.77 -17.01
H5'2 ACP E . -9.17 -9.50 -15.59
H4' ACP E . -11.29 -10.48 -16.38
H3' ACP E . -10.92 -9.10 -18.60
H2' ACP E . -11.02 -7.06 -17.60
H1' ACP E . -13.21 -8.00 -16.00
H8 ACP E . -10.24 -5.77 -15.75
HN61 ACP E . -13.73 -1.75 -13.13
HN62 ACP E . -12.34 -2.04 -13.65
H2 ACP E . -16.11 -5.42 -13.83
O01 6YY F . 1.32 -13.63 -43.06
P02 6YY F . 0.72 -12.35 -42.41
O03 6YY F . 1.59 -11.17 -42.71
O04 6YY F . 0.68 -12.67 -40.80
P05 6YY F . 0.90 -13.99 -39.91
O06 6YY F . 1.73 -15.06 -40.54
O07 6YY F . 1.77 -13.72 -38.60
P08 6YY F . 1.60 -13.11 -37.12
O09 6YY F . 0.21 -12.56 -36.97
O10 6YY F . 1.94 -14.26 -35.97
P11 6YY F . 2.14 -15.82 -35.58
O12 6YY F . 0.95 -16.59 -36.01
O13 6YY F . 2.22 -16.17 -33.99
P14 6YY F . 1.49 -16.79 -32.66
O15 6YY F . 1.91 -18.14 -32.22
O16 6YY F . 2.20 -15.77 -31.58
P17 6YY F . 3.60 -15.80 -30.78
O18 6YY F . 4.38 -14.51 -30.86
O19 6YY F . 2.97 -15.82 -29.29
P20 6YY F . 2.39 -14.61 -28.42
O21 6YY F . 3.46 -14.01 -27.60
O22 6YY F . 1.38 -15.39 -27.46
P23 6YY F . -0.02 -16.11 -27.67
O24 6YY F . -0.29 -16.98 -26.50
O25 6YY F . -0.91 -14.78 -27.45
P26 6YY F . -2.52 -14.74 -27.78
O27 6YY F . -2.87 -15.09 -29.18
O28 6YY F . -2.71 -13.22 -27.43
P29 6YY F . -2.35 -12.30 -26.18
O30 6YY F . -2.21 -13.15 -24.97
O31 6YY F . -3.76 -11.52 -26.06
P32 6YY F . -4.47 -10.67 -24.85
O33 6YY F . -3.38 -10.28 -23.83
O34 6YY F . -4.97 -9.38 -25.53
O35 6YY F . -5.52 -11.69 -24.43
O36 6YY F . -1.28 -11.34 -26.56
O37 6YY F . -3.25 -15.49 -26.71
O38 6YY F . -0.08 -16.77 -29.00
O39 6YY F . 1.51 -13.82 -29.32
O40 6YY F . 4.27 -17.11 -30.91
O41 6YY F . 0.05 -16.50 -32.78
O42 6YY F . 3.49 -16.19 -36.06
O43 6YY F . 2.71 -12.14 -37.10
O44 6YY F . -0.44 -14.30 -39.37
O45 6YY F . -0.64 -11.82 -42.92
C1 GOL G . 2.62 6.05 -35.82
O1 GOL G . 1.41 5.29 -35.82
C2 GOL G . 2.57 7.06 -34.70
O2 GOL G . 3.80 7.78 -34.59
C3 GOL G . 1.45 8.05 -34.87
O3 GOL G . 0.28 7.37 -35.33
H11 GOL G . 2.72 6.50 -36.68
H12 GOL G . 3.39 5.45 -35.68
H2 GOL G . 2.42 6.58 -33.85
H31 GOL G . 1.70 8.73 -35.53
H32 GOL G . 1.26 8.50 -34.01
C BEZ H . -7.68 11.91 -9.25
O1 BEZ H . -6.59 12.32 -8.84
O2 BEZ H . -8.20 10.76 -9.08
C1 BEZ H . -8.41 12.86 -10.02
C2 BEZ H . -9.62 12.53 -10.57
C3 BEZ H . -10.28 13.47 -11.34
C4 BEZ H . -9.74 14.74 -11.46
C5 BEZ H . -8.53 15.06 -10.92
C6 BEZ H . -7.84 14.10 -10.21
H2 BEZ H . -9.99 11.67 -10.46
H3 BEZ H . -11.12 13.27 -11.70
H4 BEZ H . -10.20 15.37 -11.98
H5 BEZ H . -8.16 15.91 -11.05
H6 BEZ H . -7.02 14.33 -9.81
MG MG I . 13.18 -6.42 -20.08
MG MG J . -4.01 -9.84 -21.20
MG MG K . -12.22 -11.92 -20.01
PG ACP L . 7.36 19.32 13.11
O1G ACP L . 6.63 19.52 14.41
O2G ACP L . 6.70 20.05 11.97
O3G ACP L . 8.86 19.62 13.19
PB ACP L . 5.68 16.94 12.22
O1B ACP L . 5.42 15.65 12.96
O2B ACP L . 5.66 16.91 10.72
C3B ACP L . 7.29 17.54 12.83
PA ACP L . 3.15 18.40 12.03
O1A ACP L . 2.53 19.38 12.96
O2A ACP L . 2.45 17.12 11.68
O3A ACP L . 4.62 18.06 12.58
O5' ACP L . 3.51 19.25 10.70
C5' ACP L . 3.59 18.73 9.36
C4' ACP L . 4.37 19.75 8.55
O4' ACP L . 4.45 19.21 7.20
C3' ACP L . 3.77 21.16 8.41
O3' ACP L . 4.72 22.21 8.30
C2' ACP L . 3.06 21.06 7.06
O2' ACP L . 2.96 22.31 6.40
C1' ACP L . 4.07 20.20 6.30
N9 ACP L . 3.51 19.61 5.06
C8 ACP L . 2.38 18.85 4.92
N7 ACP L . 2.10 18.58 3.66
C5 ACP L . 3.09 19.23 2.94
C6 ACP L . 3.32 19.34 1.55
N6 ACP L . 2.49 18.82 0.63
N1 ACP L . 4.43 20.05 1.15
C2 ACP L . 5.22 20.60 2.09
N3 ACP L . 5.08 20.55 3.42
C4 ACP L . 3.98 19.87 3.78
H3B1 ACP L . 7.51 17.07 13.65
H3B2 ACP L . 7.98 17.29 12.17
H5'1 ACP L . 2.68 18.64 8.99
H5'2 ACP L . 4.04 17.86 9.34
H4' ACP L . 5.28 19.81 8.93
H3' ACP L . 3.11 21.36 9.14
H2' ACP L . 2.19 20.61 7.14
H1' ACP L . 4.85 20.74 6.07
H8 ACP L . 1.85 18.57 5.63
HN61 ACP L . 2.69 18.89 -0.22
HN62 ACP L . 1.76 18.41 0.90
H2 ACP L . 5.95 21.09 1.77
O01 6YY M . -13.55 32.03 27.23
P02 6YY M . -12.83 31.46 28.52
O03 6YY M . -12.04 32.46 29.41
O04 6YY M . -11.80 30.34 27.91
P05 6YY M . -11.16 30.13 26.45
O06 6YY M . -9.98 31.02 26.39
O07 6YY M . -10.62 28.58 26.31
P08 6YY M . -10.89 27.03 26.75
O09 6YY M . -11.36 27.08 28.16
O10 6YY M . -9.48 26.17 26.80
P11 6YY M . -8.21 26.02 27.81
O12 6YY M . -7.39 27.23 27.58
O13 6YY M . -7.24 24.69 27.67
P14 6YY M . -5.90 24.01 27.03
O15 6YY M . -4.93 23.30 27.93
O16 6YY M . -6.59 22.77 26.27
P17 6YY M . -7.03 21.24 26.54
O18 6YY M . -8.37 20.93 26.00
O19 6YY M . -5.95 20.46 25.61
P20 6YY M . -5.95 20.22 24.04
O21 6YY M . -6.59 18.93 23.79
O22 6YY M . -4.37 20.00 23.82
P23 6YY M . -3.25 21.17 23.73
O24 6YY M . -2.03 20.35 23.80
O25 6YY M . -3.49 21.57 22.19
P26 6YY M . -2.72 22.82 21.47
O27 6YY M . -1.31 22.44 21.27
O28 6YY M . -3.39 22.69 20.03
P29 6YY M . -3.61 21.49 18.98
O30 6YY M . -2.58 20.47 19.23
O31 6YY M . -3.30 22.31 17.67
P32 6YY M . -2.82 21.77 16.20
O33 6YY M . -3.07 20.24 16.11
O34 6YY M . -3.57 22.59 15.18
O35 6YY M . -1.36 22.06 16.19
O36 6YY M . -5.02 21.02 19.03
O37 6YY M . -3.05 24.19 22.00
O38 6YY M . -3.46 22.21 24.72
O39 6YY M . -6.46 21.42 23.39
O40 6YY M . -6.68 20.84 27.90
O41 6YY M . -5.41 25.10 26.14
O42 6YY M . -8.84 25.81 29.13
O43 6YY M . -11.85 26.62 25.69
O44 6YY M . -12.24 30.36 25.47
O45 6YY M . -13.73 30.57 29.38
C1 MPD N . -40.73 -12.06 25.97
C2 MPD N . -40.32 -12.81 24.73
O2 MPD N . -41.04 -12.20 23.62
CM MPD N . -40.77 -14.28 24.82
C3 MPD N . -38.82 -12.67 24.39
C4 MPD N . -38.02 -11.36 24.41
O4 MPD N . -37.79 -11.05 25.79
C5 MPD N . -36.65 -11.37 23.71
H11 MPD N . -40.52 -11.11 25.86
H12 MPD N . -40.25 -12.41 26.74
H13 MPD N . -41.69 -12.16 26.11
HM1 MPD N . -40.26 -14.73 25.51
HM2 MPD N . -40.64 -14.72 23.96
HM3 MPD N . -41.72 -14.31 25.05
H31 MPD N . -38.70 -13.05 23.50
H32 MPD N . -38.35 -13.27 25.01
H4 MPD N . -38.59 -10.64 24.03
H51 MPD N . -36.41 -10.48 23.43
H52 MPD N . -36.69 -11.95 22.92
H53 MPD N . -35.97 -11.72 24.32
MG MG O . -13.38 6.68 19.72
MG MG P . 4.88 23.33 10.86
MG MG Q . -1.79 18.73 14.53
PG ACP R . -18.48 -14.22 4.09
O1G ACP R . -18.82 -13.59 2.77
O2G ACP R . -19.72 -14.73 4.79
O3G ACP R . -17.30 -15.24 4.03
PB ACP R . -18.76 -12.21 6.45
O1B ACP R . -19.30 -13.23 7.45
O2B ACP R . -19.78 -11.27 5.86
C3B ACP R . -17.85 -12.88 5.07
PA ACP R . -16.83 -11.45 8.56
O1A ACP R . -17.86 -11.63 9.67
O2A ACP R . -15.90 -10.25 8.51
O3A ACP R . -17.48 -11.45 7.07
O5' ACP R . -15.96 -12.80 8.59
C5' ACP R . -14.83 -12.99 7.71
C4' ACP R . -14.87 -14.42 7.19
O4' ACP R . -13.63 -14.61 6.44
C3' ACP R . -14.91 -15.56 8.22
O3' ACP R . -15.67 -16.68 7.74
C2' ACP R . -13.41 -15.90 8.35
O2' ACP R . -13.10 -17.18 8.87
C1' ACP R . -12.97 -15.76 6.89
N9 ACP R . -11.52 -15.61 6.78
C8 ACP R . -10.69 -14.74 7.45
N7 ACP R . -9.40 -14.96 7.24
C5 ACP R . -9.41 -16.09 6.41
C6 ACP R . -8.35 -16.81 5.83
N6 ACP R . -7.06 -16.52 6.06
N1 ACP R . -8.70 -17.87 5.04
C2 ACP R . -9.99 -18.17 4.84
N3 ACP R . -11.07 -17.54 5.35
C4 ACP R . -10.69 -16.50 6.11
H3B1 ACP R . -17.68 -12.13 4.46
H3B2 ACP R . -16.99 -13.15 5.41
H5'1 ACP R . -13.99 -12.84 8.19
H5'2 ACP R . -14.88 -12.36 6.96
H4' ACP R . -15.63 -14.50 6.57
H3' ACP R . -15.27 -15.26 9.10
H2' ACP R . -12.96 -15.21 8.91
H1' ACP R . -13.28 -16.55 6.38
H8 ACP R . -11.01 -14.05 8.01
HN61 ACP R . -6.43 -17.00 5.67
HN62 ACP R . -6.85 -15.86 6.59
H2 ACP R . -10.17 -18.92 4.30
O1 A1I4D S . -27.97 -7.23 24.38
O2 A1I4D S . -28.16 -6.76 21.82
P1 A1I4D S . -27.34 -7.39 22.98
O3 A1I4D S . -27.06 -9.00 22.90
O4 A1I4D S . -25.99 -6.39 22.92
P2 A1I4D S . -25.63 -4.83 22.75
O5 A1I4D S . -24.48 -4.54 23.64
O6 A1I4D S . -26.84 -4.00 22.77
O7 A1I4D S . -25.12 -4.87 21.23
P3 A1I4D S . -23.70 -5.34 20.65
O8 A1I4D S . -23.30 -6.54 21.38
O9 A1I4D S . -22.71 -4.26 20.48
O10 A1I4D S . -24.15 -5.78 19.16
P4 A1I4D S . -24.93 -7.06 18.63
O11 A1I4D S . -25.29 -6.61 17.27
O12 A1I4D S . -25.98 -7.59 19.50
O13 A1I4D S . -23.62 -7.96 18.52
P5 A1I4D S . -23.58 -9.55 18.10
O14 A1I4D S . -24.36 -10.32 19.10
O15 A1I4D S . -24.01 -9.69 16.70
O16 A1I4D S . -22.04 -9.85 18.31
P6 A1I4D S . -20.74 -9.18 17.63
O17 A1I4D S . -21.16 -8.54 16.37
O18 A1I4D S . -20.06 -8.44 18.70
O19 A1I4D S . -19.93 -10.55 17.35
P7 A1I4D S . -18.73 -10.85 16.29
O20 A1I4D S . -19.44 -11.52 15.21
O21 A1I4D S . -17.85 -11.79 17.06
O22 A1I4D S . -18.13 -9.53 15.91
C1 MPD T . -6.41 -12.09 32.47
C2 MPD T . -6.62 -11.24 33.72
O2 MPD T . -6.31 -12.00 34.89
CM MPD T . -8.08 -10.82 33.80
C3 MPD T . -5.74 -10.00 33.83
C4 MPD T . -4.23 -10.02 33.53
O4 MPD T . -3.60 -11.32 33.39
C5 MPD T . -3.88 -9.10 32.36
H11 MPD T . -5.47 -12.18 32.28
H12 MPD T . -6.84 -11.66 31.72
H13 MPD T . -6.80 -12.97 32.61
HM1 MPD T . -8.31 -10.31 33.00
HM2 MPD T . -8.21 -10.28 34.58
HM3 MPD T . -8.64 -11.61 33.83
H31 MPD T . -5.84 -9.67 34.74
H32 MPD T . -6.14 -9.32 33.25
H4 MPD T . -3.77 -9.62 34.32
H51 MPD T . -2.99 -8.72 32.51
H52 MPD T . -4.52 -8.39 32.28
H53 MPD T . -3.86 -9.62 31.53
C BEZ U . 7.67 -11.65 9.08
O1 BEZ U . 6.73 -11.99 8.38
O2 BEZ U . 8.10 -10.52 9.24
C1 BEZ U . 8.33 -12.66 9.82
C2 BEZ U . 9.41 -12.33 10.63
C3 BEZ U . 10.03 -13.34 11.35
C4 BEZ U . 9.60 -14.64 11.26
C5 BEZ U . 8.53 -14.97 10.49
C6 BEZ U . 7.88 -13.97 9.75
H2 BEZ U . 9.72 -11.44 10.70
H3 BEZ U . 10.77 -13.13 11.91
H4 BEZ U . 10.02 -15.32 11.77
H5 BEZ U . 8.24 -15.86 10.44
H6 BEZ U . 7.16 -14.20 9.20
MG MG V . -16.93 -9.15 13.70
MG MG W . -18.24 -16.18 8.74
PG ACP X . 21.98 10.02 -1.36
O1G ACP X . 21.13 10.98 -0.57
O2G ACP X . 23.30 9.73 -0.70
O3G ACP X . 22.20 10.48 -2.80
PB ACP X . 21.47 7.54 -2.86
O1B ACP X . 23.00 7.71 -2.94
O2B ACP X . 20.61 8.20 -3.91
C3B ACP X . 21.07 8.45 -1.36
PA ACP X . 21.51 4.52 -3.25
O1A ACP X . 22.90 4.27 -3.84
O2A ACP X . 20.27 4.03 -3.94
O3A ACP X . 21.00 6.02 -2.80
O5' ACP X . 21.62 3.80 -1.82
C5' ACP X . 20.63 4.00 -0.81
C4' ACP X . 21.35 4.39 0.45
O4' ACP X . 20.39 4.15 1.51
C3' ACP X . 22.64 3.63 0.85
O3' ACP X . 23.56 4.43 1.59
C2' ACP X . 22.08 2.56 1.81
O2' ACP X . 23.04 2.05 2.71
C1' ACP X . 20.99 3.39 2.53
N9 ACP X . 20.00 2.55 3.21
C8 ACP X . 19.30 1.49 2.69
N7 ACP X . 18.62 0.81 3.59
C5 ACP X . 18.94 1.45 4.79
C6 ACP X . 18.52 1.25 6.11
N6 ACP X . 17.78 0.21 6.42
N1 ACP X . 19.03 2.03 7.10
C2 ACP X . 19.81 3.06 6.75
N3 ACP X . 20.25 3.39 5.51
C4 ACP X . 19.74 2.56 4.58
H3B1 ACP X . 20.11 8.63 -1.33
H3B2 ACP X . 21.31 7.92 -0.58
H5'1 ACP X . 20.14 3.15 -0.67
H5'2 ACP X . 19.99 4.70 -1.07
H4' ACP X . 21.55 5.34 0.41
H3' ACP X . 23.10 3.19 0.08
H2' ACP X . 21.67 1.83 1.30
H1' ACP X . 21.42 3.99 3.17
H8 ACP X . 19.31 1.26 1.78
HN61 ACP X . 17.51 0.10 7.26
HN62 ACP X . 17.55 -0.37 5.80
H2 ACP X . 20.13 3.61 7.45
O1 A1I4D Y . 32.91 -0.51 -18.71
O2 A1I4D Y . 32.77 0.22 -16.32
P1 A1I4D Y . 32.05 0.20 -17.72
O3 A1I4D Y . 31.66 1.61 -18.12
O4 A1I4D Y . 30.61 -0.59 -17.70
P2 A1I4D Y . 29.27 -0.71 -18.63
O5 A1I4D Y . 28.94 -2.17 -18.63
O6 A1I4D Y . 29.61 0.10 -19.82
O7 A1I4D Y . 28.22 0.12 -17.75
P3 A1I4D Y . 27.44 -0.32 -16.45
O8 A1I4D Y . 26.14 -0.79 -16.95
O9 A1I4D Y . 28.28 -1.14 -15.54
O10 A1I4D Y . 27.21 1.11 -15.76
P4 A1I4D Y . 28.19 2.08 -14.91
O11 A1I4D Y . 27.52 3.39 -14.88
O12 A1I4D Y . 29.58 2.03 -15.42
O13 A1I4D Y . 27.98 1.29 -13.53
P5 A1I4D Y . 28.85 1.58 -12.17
O14 A1I4D Y . 30.31 1.33 -12.30
O15 A1I4D Y . 28.45 2.92 -11.69
O16 A1I4D Y . 28.23 0.47 -11.22
P6 A1I4D Y . 26.70 0.15 -10.76
O17 A1I4D Y . 25.86 1.35 -10.99
O18 A1I4D Y . 26.34 -1.11 -11.42
O19 A1I4D Y . 27.01 -0.11 -9.21
P7 A1I4D Y . 25.96 -0.09 -7.95
O20 A1I4D Y . 26.23 1.30 -7.39
O21 A1I4D Y . 26.45 -1.23 -7.10
O22 A1I4D Y . 24.55 -0.22 -8.52
C1 MPD Z . 20.88 -25.08 6.74
C2 MPD Z . 19.73 -25.82 7.34
O2 MPD Z . 20.05 -25.96 8.74
CM MPD Z . 19.61 -27.19 6.68
C3 MPD Z . 18.41 -25.01 7.41
C4 MPD Z . 17.38 -24.85 6.27
O4 MPD Z . 17.95 -24.39 5.08
C5 MPD Z . 16.68 -26.11 5.91
H11 MPD Z . 20.71 -24.14 6.73
H12 MPD Z . 21.04 -25.40 5.85
H13 MPD Z . 21.68 -25.25 7.29
HM1 MPD Z . 19.25 -27.09 5.79
HM2 MPD Z . 19.03 -27.75 7.22
HM3 MPD Z . 20.49 -27.60 6.63
H31 MPD Z . 18.66 -24.11 7.68
H32 MPD Z . 17.91 -25.39 8.17
H4 MPD Z . 16.70 -24.18 6.56
H51 MPD Z . 15.72 -25.96 5.99
H52 MPD Z . 16.96 -26.79 6.52
H53 MPD Z . 16.90 -26.37 5.00
MG MG AA . 22.54 0.78 -7.21
MG MG BA . 25.45 5.35 -0.49
#